data_8EDX
#
_entry.id   8EDX
#
_cell.length_a   1.00
_cell.length_b   1.00
_cell.length_c   1.00
_cell.angle_alpha   90.00
_cell.angle_beta   90.00
_cell.angle_gamma   90.00
#
_symmetry.space_group_name_H-M   'P 1'
#
_entity_poly.entity_id   1
_entity_poly.type   'polypeptide(L)'
_entity_poly.pdbx_seq_one_letter_code
;MRGVDTFLAFKEQADLKTPATLASLAAGDFLAFNSESLSGRQQVIQSRAIRRMPMRQIAYTANGTVEAGGAVEFTTSNYV
LKKLLPLIFHSKTGQEDDPDGDGATFTLVNGGVLTPFTAFVGFDGPEGKYVRRFFGAKVNQATFSARVNDMLNLNLDVQA
IGKDILQPGDPGWVNVTPVYPGGDEEYAYVFYQARVLIKAGDMADLAELPVESFDLTINHNLNTNRYRLGSIYRQSLDEG
VTEVTGTFTLDAAVKSISGPALNLTGGTAHDPAFLEKVALYGKYAALKLEFIDPTREVAEGVPCRLTIHLPFVRLEEPDF
QVRDPGVITGSARFNAYETISVTHVAKF
;
_entity_poly.pdbx_strand_id   A,B,C,D,E,F
#
# COMPACT_ATOMS: atom_id res chain seq x y z
N MET A 1 0.00 29.00 34.22
CA MET A 1 -1.39 28.84 33.71
C MET A 1 -2.04 27.59 34.28
N ARG A 2 -3.25 27.76 34.79
CA ARG A 2 -4.07 26.65 35.23
C ARG A 2 -5.29 26.56 34.33
N GLY A 3 -5.91 25.37 34.31
CA GLY A 3 -7.09 25.20 33.50
C GLY A 3 -8.20 26.17 33.86
N VAL A 4 -8.29 26.54 35.14
CA VAL A 4 -9.33 27.48 35.56
C VAL A 4 -9.07 28.88 35.06
N ASP A 5 -7.85 29.18 34.61
CA ASP A 5 -7.52 30.48 34.06
C ASP A 5 -7.93 30.64 32.61
N THR A 6 -8.48 29.60 31.99
CA THR A 6 -8.81 29.62 30.57
C THR A 6 -10.32 29.66 30.39
N PHE A 7 -10.74 30.30 29.30
CA PHE A 7 -12.13 30.31 28.89
C PHE A 7 -12.23 29.82 27.46
N LEU A 8 -13.34 29.16 27.15
CA LEU A 8 -13.66 28.75 25.80
C LEU A 8 -14.87 29.51 25.32
N ALA A 9 -14.89 29.86 24.04
CA ALA A 9 -16.02 30.59 23.48
C ALA A 9 -16.17 30.20 22.02
N PHE A 10 -17.39 29.87 21.62
CA PHE A 10 -17.73 29.63 20.23
C PHE A 10 -18.56 30.80 19.74
N LYS A 11 -18.29 31.24 18.52
CA LYS A 11 -19.00 32.39 17.94
C LYS A 11 -19.29 32.06 16.49
N GLU A 12 -20.58 31.96 16.16
CA GLU A 12 -20.99 31.64 14.79
C GLU A 12 -20.62 32.81 13.89
N GLN A 13 -19.77 32.54 12.91
CA GLN A 13 -19.36 33.56 11.95
C GLN A 13 -20.18 33.44 10.67
N ALA A 14 -20.25 34.57 9.95
CA ALA A 14 -21.09 34.63 8.75
C ALA A 14 -20.53 33.74 7.65
N ASP A 15 -19.31 34.01 7.23
CA ASP A 15 -18.63 33.24 6.20
C ASP A 15 -17.53 32.40 6.82
N LEU A 16 -17.11 31.37 6.09
CA LEU A 16 -16.05 30.50 6.59
C LEU A 16 -14.71 31.22 6.71
N LYS A 17 -14.49 32.28 5.94
CA LYS A 17 -13.19 32.92 5.86
C LYS A 17 -13.10 34.23 6.62
N THR A 18 -14.11 34.56 7.42
CA THR A 18 -14.11 35.82 8.18
C THR A 18 -14.22 35.54 9.67
N PRO A 19 -13.14 35.61 10.44
CA PRO A 19 -13.23 35.30 11.86
C PRO A 19 -14.15 36.26 12.61
N ALA A 20 -14.74 35.76 13.67
CA ALA A 20 -15.49 36.62 14.57
C ALA A 20 -14.54 37.47 15.40
N THR A 21 -14.95 38.68 15.72
CA THR A 21 -14.11 39.59 16.48
C THR A 21 -14.21 39.28 17.96
N LEU A 22 -13.10 39.51 18.66
CA LEU A 22 -13.07 39.32 20.11
C LEU A 22 -14.02 40.29 20.81
N ALA A 23 -14.39 41.39 20.15
CA ALA A 23 -15.30 42.36 20.75
C ALA A 23 -16.75 41.95 20.67
N SER A 24 -17.08 40.95 19.85
CA SER A 24 -18.46 40.52 19.68
C SER A 24 -18.91 39.49 20.70
N LEU A 25 -17.97 38.87 21.41
CA LEU A 25 -18.34 37.87 22.39
C LEU A 25 -19.28 38.46 23.43
N ALA A 26 -20.30 37.68 23.81
CA ALA A 26 -21.30 38.12 24.76
C ALA A 26 -21.76 36.91 25.56
N ALA A 27 -22.88 37.07 26.27
CA ALA A 27 -23.43 35.96 27.04
C ALA A 27 -23.92 34.85 26.12
N GLY A 28 -23.68 33.61 26.53
CA GLY A 28 -24.01 32.46 25.74
C GLY A 28 -22.91 31.99 24.82
N ASP A 29 -21.92 32.84 24.56
CA ASP A 29 -20.79 32.43 23.73
C ASP A 29 -19.77 31.64 24.53
N PHE A 30 -19.68 31.88 25.84
CA PHE A 30 -18.71 31.22 26.69
C PHE A 30 -19.28 29.92 27.22
N LEU A 31 -18.52 28.84 27.07
CA LEU A 31 -18.95 27.50 27.44
C LEU A 31 -17.98 26.90 28.45
N ALA A 32 -18.52 26.16 29.41
CA ALA A 32 -17.70 25.40 30.33
C ALA A 32 -17.41 24.03 29.73
N PHE A 33 -16.14 23.65 29.69
CA PHE A 33 -15.69 22.46 29.01
C PHE A 33 -14.90 21.59 29.97
N ASN A 34 -14.86 20.29 29.67
CA ASN A 34 -14.03 19.38 30.45
C ASN A 34 -12.57 19.46 30.01
N SER A 35 -12.34 19.66 28.71
CA SER A 35 -11.00 19.69 28.15
C SER A 35 -11.09 20.13 26.71
N GLU A 36 -10.03 20.77 26.23
CA GLU A 36 -9.92 21.17 24.83
C GLU A 36 -8.52 20.85 24.35
N SER A 37 -8.42 20.36 23.12
CA SER A 37 -7.14 20.09 22.48
C SER A 37 -7.05 20.68 21.08
N LEU A 38 -7.53 21.91 20.90
CA LEU A 38 -7.45 22.56 19.60
C LEU A 38 -6.04 23.10 19.38
N SER A 39 -5.48 22.82 18.21
CA SER A 39 -4.14 23.28 17.88
C SER A 39 -4.01 23.40 16.38
N GLY A 40 -3.04 24.20 15.96
CA GLY A 40 -2.70 24.34 14.57
C GLY A 40 -1.42 23.59 14.23
N ARG A 41 -1.27 23.27 12.96
CA ARG A 41 -0.09 22.56 12.47
C ARG A 41 0.24 23.08 11.09
N GLN A 42 1.48 23.45 10.86
CA GLN A 42 1.94 23.89 9.56
C GLN A 42 2.93 22.89 8.98
N GLN A 43 2.89 22.74 7.67
CA GLN A 43 3.80 21.85 6.97
C GLN A 43 5.12 22.57 6.70
N VAL A 44 6.21 21.81 6.74
CA VAL A 44 7.53 22.33 6.40
C VAL A 44 7.97 21.63 5.13
N ILE A 45 8.26 22.42 4.09
CA ILE A 45 8.65 21.90 2.78
C ILE A 45 10.16 21.99 2.68
N GLN A 46 10.80 20.87 2.33
CA GLN A 46 12.23 20.83 2.07
C GLN A 46 12.47 20.83 0.57
N SER A 47 13.52 21.53 0.14
CA SER A 47 13.88 21.53 -1.27
C SER A 47 14.46 20.18 -1.66
N ARG A 48 14.07 19.69 -2.83
CA ARG A 48 14.54 18.40 -3.32
C ARG A 48 15.86 18.49 -4.07
N ALA A 49 16.40 19.70 -4.25
CA ALA A 49 17.68 19.84 -4.91
C ALA A 49 18.75 19.12 -4.11
N ILE A 50 19.62 18.39 -4.80
CA ILE A 50 20.67 17.64 -4.13
C ILE A 50 21.71 18.62 -3.60
N ARG A 51 22.16 18.39 -2.37
CA ARG A 51 23.16 19.23 -1.74
C ARG A 51 23.88 18.44 -0.67
N ARG A 52 25.20 18.58 -0.63
CA ARG A 52 25.98 17.98 0.43
C ARG A 52 25.75 18.76 1.72
N MET A 53 25.23 18.09 2.73
CA MET A 53 24.84 18.77 3.96
C MET A 53 24.71 17.74 5.08
N PRO A 54 25.33 17.96 6.24
CA PRO A 54 25.15 16.99 7.32
C PRO A 54 23.74 16.99 7.90
N MET A 55 23.14 18.17 8.08
CA MET A 55 21.78 18.31 8.57
C MET A 55 20.98 19.13 7.57
N ARG A 56 19.68 19.35 7.89
CA ARG A 56 18.79 20.18 7.06
C ARG A 56 19.02 21.66 7.23
N GLN A 57 19.22 22.40 6.16
CA GLN A 57 19.63 23.79 6.18
C GLN A 57 18.42 24.71 6.12
N ILE A 58 18.55 25.86 6.78
CA ILE A 58 17.45 26.80 6.90
C ILE A 58 17.12 27.43 5.54
N ALA A 59 18.12 27.64 4.69
CA ALA A 59 17.91 28.37 3.45
C ALA A 59 17.08 27.59 2.44
N TYR A 60 16.85 26.29 2.66
CA TYR A 60 16.20 25.44 1.67
C TYR A 60 14.92 24.83 2.20
N THR A 61 14.31 25.46 3.20
CA THR A 61 13.02 25.05 3.72
C THR A 61 12.00 26.16 3.46
N ALA A 62 10.75 25.75 3.29
CA ALA A 62 9.64 26.68 3.13
C ALA A 62 8.46 26.18 3.95
N ASN A 63 7.61 27.12 4.34
CA ASN A 63 6.43 26.78 5.12
C ASN A 63 5.31 26.34 4.19
N GLY A 64 4.73 25.18 4.48
CA GLY A 64 3.70 24.59 3.67
C GLY A 64 2.31 24.92 4.16
N THR A 65 1.37 24.03 3.86
CA THR A 65 -0.01 24.29 4.19
C THR A 65 -0.24 24.17 5.70
N VAL A 66 -1.39 24.69 6.13
CA VAL A 66 -1.71 24.82 7.54
C VAL A 66 -2.97 24.03 7.83
N GLU A 67 -2.94 23.27 8.93
CA GLU A 67 -4.10 22.58 9.47
C GLU A 67 -4.46 23.19 10.82
N ALA A 68 -5.68 22.94 11.26
CA ALA A 68 -6.12 23.38 12.58
C ALA A 68 -7.27 22.50 13.03
N GLY A 69 -7.63 22.64 14.30
CA GLY A 69 -8.71 21.89 14.89
C GLY A 69 -8.24 20.97 15.99
N GLY A 70 -9.20 20.26 16.56
CA GLY A 70 -8.91 19.38 17.67
C GLY A 70 -10.21 18.89 18.28
N ALA A 71 -10.14 18.51 19.55
CA ALA A 71 -11.29 17.99 20.26
C ALA A 71 -11.62 18.91 21.44
N VAL A 72 -12.91 18.95 21.77
CA VAL A 72 -13.39 19.62 22.97
C VAL A 72 -14.42 18.73 23.62
N GLU A 73 -14.28 18.52 24.93
CA GLU A 73 -15.19 17.68 25.66
C GLU A 73 -16.08 18.64 26.44
N PHE A 74 -17.36 18.34 26.57
CA PHE A 74 -18.32 19.11 27.35
C PHE A 74 -19.12 18.17 28.23
N THR A 75 -19.66 18.73 29.30
CA THR A 75 -20.70 18.07 30.08
C THR A 75 -22.04 18.55 29.55
N THR A 76 -22.65 17.77 28.69
CA THR A 76 -23.92 18.15 28.08
C THR A 76 -24.86 18.70 29.13
N SER A 77 -25.21 19.98 28.98
CA SER A 77 -26.01 20.67 29.96
C SER A 77 -27.03 21.56 29.25
N ASN A 78 -27.83 22.25 30.05
CA ASN A 78 -28.80 23.21 29.56
C ASN A 78 -28.24 24.04 28.41
N TYR A 79 -27.24 24.89 28.71
CA TYR A 79 -26.77 25.88 27.75
C TYR A 79 -25.77 25.29 26.77
N VAL A 80 -25.00 24.28 27.19
CA VAL A 80 -24.08 23.64 26.26
C VAL A 80 -24.84 23.14 25.04
N LEU A 81 -25.97 22.48 25.25
CA LEU A 81 -26.76 21.97 24.14
C LEU A 81 -27.35 23.12 23.32
N LYS A 82 -27.91 24.11 23.99
CA LYS A 82 -28.45 25.27 23.28
C LYS A 82 -27.42 25.87 22.33
N LYS A 83 -26.16 25.88 22.74
CA LYS A 83 -25.11 26.45 21.91
C LYS A 83 -24.67 25.48 20.81
N LEU A 84 -24.50 24.20 21.15
CA LEU A 84 -23.80 23.28 20.28
C LEU A 84 -24.69 22.51 19.32
N LEU A 85 -25.94 22.24 19.69
CA LEU A 85 -26.80 21.49 18.77
C LEU A 85 -27.00 22.21 17.45
N PRO A 86 -27.16 23.54 17.41
CA PRO A 86 -27.19 24.23 16.12
C PRO A 86 -25.92 24.07 15.32
N LEU A 87 -24.78 23.77 15.97
CA LEU A 87 -23.52 23.60 15.27
C LEU A 87 -23.32 22.18 14.74
N ILE A 88 -24.11 21.22 15.22
CA ILE A 88 -23.91 19.82 14.87
C ILE A 88 -24.87 19.41 13.76
N PHE A 89 -26.05 20.03 13.73
CA PHE A 89 -27.10 19.67 12.79
C PHE A 89 -27.34 20.78 11.79
N HIS A 90 -28.07 20.44 10.74
CA HIS A 90 -28.31 21.34 9.62
C HIS A 90 -29.51 22.26 9.84
N SER A 91 -30.58 21.74 10.43
CA SER A 91 -31.80 22.51 10.61
C SER A 91 -32.21 22.52 12.07
N LYS A 92 -33.04 23.50 12.42
CA LYS A 92 -33.63 23.59 13.74
C LYS A 92 -35.03 24.17 13.59
N THR A 93 -36.00 23.54 14.23
CA THR A 93 -37.38 24.02 14.21
C THR A 93 -37.86 24.17 15.64
N GLY A 94 -38.38 25.34 15.97
CA GLY A 94 -38.91 25.60 17.29
C GLY A 94 -37.86 26.17 18.23
N GLN A 95 -38.32 26.51 19.43
CA GLN A 95 -37.47 27.00 20.50
C GLN A 95 -37.50 26.01 21.64
N GLU A 96 -36.34 25.78 22.26
CA GLU A 96 -36.27 24.81 23.35
C GLU A 96 -37.22 25.19 24.47
N ASP A 97 -37.21 26.45 24.88
CA ASP A 97 -38.05 26.92 25.97
C ASP A 97 -39.45 27.35 25.51
N ASP A 98 -39.91 26.84 24.38
CA ASP A 98 -41.26 27.16 23.93
C ASP A 98 -42.25 26.81 25.03
N PRO A 99 -43.30 27.62 25.24
CA PRO A 99 -44.21 27.33 26.35
C PRO A 99 -45.10 26.13 26.12
N ASP A 100 -45.36 25.76 24.87
CA ASP A 100 -46.18 24.59 24.61
C ASP A 100 -45.49 23.29 24.99
N GLY A 101 -44.15 23.31 25.09
CA GLY A 101 -43.43 22.15 25.55
C GLY A 101 -42.96 21.20 24.48
N ASP A 102 -42.84 21.66 23.24
CA ASP A 102 -42.36 20.82 22.15
C ASP A 102 -40.86 20.95 21.91
N GLY A 103 -40.19 21.92 22.51
CA GLY A 103 -38.78 22.06 22.34
C GLY A 103 -38.39 22.27 20.88
N ALA A 104 -37.09 22.25 20.66
CA ALA A 104 -36.51 22.43 19.34
C ALA A 104 -36.03 21.09 18.80
N THR A 105 -36.28 20.85 17.52
CA THR A 105 -35.88 19.61 16.87
C THR A 105 -34.75 19.92 15.89
N PHE A 106 -33.69 19.13 15.96
CA PHE A 106 -32.51 19.29 15.12
C PHE A 106 -32.38 18.06 14.24
N THR A 107 -32.30 18.27 12.93
CA THR A 107 -32.22 17.18 11.98
C THR A 107 -31.21 17.53 10.90
N LEU A 108 -30.83 16.52 10.14
CA LEU A 108 -30.04 16.72 8.93
C LEU A 108 -30.97 16.83 7.73
N VAL A 109 -30.66 17.77 6.86
CA VAL A 109 -31.47 18.00 5.66
C VAL A 109 -30.62 17.67 4.44
N ASN A 110 -31.30 17.46 3.32
CA ASN A 110 -30.65 16.96 2.11
C ASN A 110 -29.45 17.80 1.71
N GLY A 111 -29.67 19.05 1.33
CA GLY A 111 -28.59 19.92 0.94
C GLY A 111 -28.09 20.76 2.10
N GLY A 112 -28.24 20.27 3.32
CA GLY A 112 -27.88 21.04 4.48
C GLY A 112 -26.38 21.24 4.60
N VAL A 113 -26.01 22.30 5.31
CA VAL A 113 -24.63 22.66 5.55
C VAL A 113 -24.44 22.93 7.04
N LEU A 114 -23.19 22.92 7.47
CA LEU A 114 -22.85 23.17 8.86
C LEU A 114 -22.49 24.64 9.06
N THR A 115 -22.83 25.15 10.23
CA THR A 115 -22.50 26.53 10.55
C THR A 115 -21.02 26.65 10.89
N PRO A 116 -20.27 27.52 10.24
CA PRO A 116 -18.90 27.77 10.67
C PRO A 116 -18.88 28.71 11.87
N PHE A 117 -17.89 28.52 12.73
CA PHE A 117 -17.78 29.34 13.92
C PHE A 117 -16.31 29.58 14.22
N THR A 118 -16.08 30.55 15.10
CA THR A 118 -14.75 30.87 15.61
C THR A 118 -14.66 30.38 17.04
N ALA A 119 -13.65 29.58 17.33
CA ALA A 119 -13.40 29.07 18.67
C ALA A 119 -12.28 29.89 19.31
N PHE A 120 -12.60 30.56 20.41
CA PHE A 120 -11.62 31.30 21.18
C PHE A 120 -11.22 30.48 22.40
N VAL A 121 -9.93 30.31 22.61
CA VAL A 121 -9.39 29.69 23.81
C VAL A 121 -8.54 30.75 24.49
N GLY A 122 -9.16 31.52 25.36
CA GLY A 122 -8.46 32.61 26.02
C GLY A 122 -7.83 32.18 27.31
N PHE A 123 -6.83 32.96 27.73
CA PHE A 123 -6.05 32.67 28.91
C PHE A 123 -5.94 33.94 29.75
N ASP A 124 -5.42 33.77 30.96
CA ASP A 124 -5.34 34.85 31.93
C ASP A 124 -4.53 34.34 33.11
N GLY A 125 -4.20 35.24 34.02
CA GLY A 125 -3.52 34.86 35.23
C GLY A 125 -2.22 35.59 35.43
N PRO A 126 -1.34 35.04 36.28
CA PRO A 126 -0.10 35.75 36.59
C PRO A 126 0.79 35.96 35.39
N GLU A 127 0.78 35.02 34.44
CA GLU A 127 1.70 35.11 33.32
C GLU A 127 1.32 36.24 32.39
N GLY A 128 0.03 36.37 32.10
CA GLY A 128 -0.44 37.38 31.17
C GLY A 128 -1.67 36.86 30.45
N LYS A 129 -2.15 37.67 29.49
CA LYS A 129 -3.37 37.39 28.76
C LYS A 129 -3.06 37.14 27.30
N TYR A 130 -3.66 36.11 26.74
CA TYR A 130 -3.63 35.91 25.30
C TYR A 130 -4.72 34.92 24.93
N VAL A 131 -5.16 35.01 23.67
CA VAL A 131 -6.28 34.23 23.17
C VAL A 131 -5.83 33.49 21.92
N ARG A 132 -5.97 32.17 21.94
CA ARG A 132 -5.89 31.39 20.73
C ARG A 132 -7.23 31.48 19.99
N ARG A 133 -7.18 31.82 18.71
CA ARG A 133 -8.37 31.94 17.90
C ARG A 133 -8.28 30.95 16.74
N PHE A 134 -9.32 30.12 16.61
CA PHE A 134 -9.41 29.13 15.55
C PHE A 134 -10.62 29.50 14.70
N PHE A 135 -10.36 30.15 13.57
CA PHE A 135 -11.42 30.66 12.73
C PHE A 135 -11.79 29.64 11.66
N GLY A 136 -12.99 29.78 11.12
CA GLY A 136 -13.46 28.83 10.12
C GLY A 136 -13.65 27.44 10.67
N ALA A 137 -14.05 27.31 11.92
CA ALA A 137 -14.19 26.00 12.54
C ALA A 137 -15.52 25.37 12.18
N LYS A 138 -15.53 24.05 12.09
CA LYS A 138 -16.74 23.28 11.88
C LYS A 138 -16.67 22.04 12.74
N VAL A 139 -17.83 21.49 13.05
CA VAL A 139 -17.93 20.26 13.84
C VAL A 139 -17.80 19.09 12.89
N ASN A 140 -16.73 18.32 13.04
CA ASN A 140 -16.52 17.12 12.23
C ASN A 140 -17.20 15.90 12.83
N GLN A 141 -17.09 15.71 14.13
CA GLN A 141 -17.74 14.61 14.83
C GLN A 141 -18.30 15.11 16.14
N ALA A 142 -19.31 14.42 16.63
CA ALA A 142 -19.92 14.72 17.92
C ALA A 142 -20.37 13.41 18.53
N THR A 143 -19.79 13.05 19.67
CA THR A 143 -20.10 11.81 20.36
C THR A 143 -20.83 12.11 21.66
N PHE A 144 -22.04 11.59 21.80
CA PHE A 144 -22.77 11.61 23.06
C PHE A 144 -22.47 10.32 23.82
N SER A 145 -22.05 10.45 25.07
CA SER A 145 -21.67 9.31 25.89
C SER A 145 -22.43 9.37 27.21
N ALA A 146 -22.98 8.23 27.63
CA ALA A 146 -23.63 8.10 28.91
C ALA A 146 -23.09 6.86 29.61
N ARG A 147 -22.47 7.08 30.76
CA ARG A 147 -22.01 6.00 31.64
C ARG A 147 -22.79 6.06 32.94
N VAL A 148 -22.62 5.05 33.77
CA VAL A 148 -23.22 5.05 35.10
C VAL A 148 -22.36 5.86 36.04
N ASN A 149 -23.01 6.55 36.98
CA ASN A 149 -22.32 7.44 37.92
C ASN A 149 -21.58 8.54 37.18
N ASP A 150 -22.18 9.03 36.11
CA ASP A 150 -21.58 10.07 35.29
C ASP A 150 -22.69 10.98 34.79
N MET A 151 -22.29 12.04 34.10
CA MET A 151 -23.21 12.92 33.41
C MET A 151 -23.07 12.72 31.92
N LEU A 152 -24.10 13.11 31.17
CA LEU A 152 -24.05 13.00 29.72
C LEU A 152 -22.91 13.87 29.18
N ASN A 153 -21.97 13.25 28.49
CA ASN A 153 -20.81 13.93 27.95
C ASN A 153 -20.96 14.11 26.45
N LEU A 154 -20.35 15.16 25.93
CA LEU A 154 -20.35 15.44 24.50
C LEU A 154 -18.93 15.79 24.08
N ASN A 155 -18.37 14.99 23.18
CA ASN A 155 -17.02 15.18 22.67
C ASN A 155 -17.12 15.65 21.23
N LEU A 156 -16.78 16.90 20.98
CA LEU A 156 -16.75 17.44 19.63
C LEU A 156 -15.36 17.29 19.03
N ASP A 157 -15.33 17.04 17.73
CA ASP A 157 -14.08 17.03 16.95
C ASP A 157 -14.19 18.13 15.91
N VAL A 158 -13.36 19.16 16.05
CA VAL A 158 -13.48 20.40 15.30
C VAL A 158 -12.38 20.45 14.25
N GLN A 159 -12.73 20.96 13.06
CA GLN A 159 -11.78 21.23 12.00
C GLN A 159 -11.85 22.70 11.66
N ALA A 160 -10.74 23.41 11.78
CA ALA A 160 -10.68 24.83 11.52
C ALA A 160 -9.81 25.09 10.31
N ILE A 161 -9.83 26.35 9.86
CA ILE A 161 -9.00 26.76 8.73
C ILE A 161 -7.61 27.12 9.22
N GLY A 162 -7.51 27.88 10.30
CA GLY A 162 -6.21 28.28 10.80
C GLY A 162 -6.31 28.76 12.24
N LYS A 163 -5.15 28.95 12.83
CA LYS A 163 -4.99 29.43 14.19
C LYS A 163 -4.26 30.76 14.18
N ASP A 164 -4.53 31.58 15.19
CA ASP A 164 -3.73 32.78 15.40
C ASP A 164 -3.86 33.19 16.86
N ILE A 165 -2.85 33.89 17.35
CA ILE A 165 -2.77 34.32 18.74
C ILE A 165 -3.09 35.80 18.81
N LEU A 166 -3.78 36.19 19.88
CA LEU A 166 -4.16 37.57 20.13
C LEU A 166 -3.65 37.97 21.50
N GLN A 167 -3.11 39.18 21.60
CA GLN A 167 -2.47 39.62 22.83
C GLN A 167 -2.75 41.09 23.03
N PRO A 168 -2.66 41.59 24.26
CA PRO A 168 -2.79 43.02 24.49
C PRO A 168 -1.85 43.81 23.61
N GLY A 169 -2.41 44.73 22.83
CA GLY A 169 -1.67 45.52 21.87
C GLY A 169 -1.95 45.16 20.43
N ASP A 170 -2.53 43.99 20.18
CA ASP A 170 -2.93 43.63 18.85
C ASP A 170 -4.11 44.49 18.41
N PRO A 171 -4.35 44.58 17.10
CA PRO A 171 -5.45 45.46 16.64
C PRO A 171 -6.81 44.99 17.09
N GLY A 172 -7.10 43.70 16.96
CA GLY A 172 -8.42 43.18 17.30
C GLY A 172 -8.51 42.69 18.72
N TRP A 173 -7.62 43.16 19.60
CA TRP A 173 -7.65 42.71 20.98
C TRP A 173 -8.69 43.50 21.78
N VAL A 174 -9.47 42.78 22.56
CA VAL A 174 -10.41 43.36 23.51
C VAL A 174 -10.33 42.54 24.78
N ASN A 175 -10.40 43.21 25.92
CA ASN A 175 -10.37 42.53 27.22
C ASN A 175 -11.76 41.97 27.49
N VAL A 176 -11.93 40.68 27.20
CA VAL A 176 -13.22 40.03 27.38
C VAL A 176 -13.29 39.48 28.79
N THR A 177 -14.50 39.51 29.35
CA THR A 177 -14.78 38.89 30.64
C THR A 177 -15.74 37.72 30.42
N PRO A 178 -15.32 36.48 30.63
CA PRO A 178 -16.25 35.36 30.46
C PRO A 178 -17.47 35.49 31.37
N VAL A 179 -18.65 35.44 30.75
CA VAL A 179 -19.91 35.51 31.46
C VAL A 179 -20.63 34.18 31.26
N TYR A 180 -20.98 33.54 32.37
CA TYR A 180 -21.58 32.22 32.36
C TYR A 180 -22.96 32.23 33.01
N PRO A 181 -23.81 31.24 32.71
CA PRO A 181 -25.10 31.16 33.39
C PRO A 181 -24.93 30.87 34.86
N GLY A 182 -25.88 31.36 35.66
CA GLY A 182 -25.89 31.06 37.07
C GLY A 182 -25.95 29.57 37.33
N GLY A 183 -25.62 29.19 38.57
CA GLY A 183 -25.73 27.80 38.94
C GLY A 183 -27.16 27.31 39.01
N ASP A 184 -28.10 28.23 39.26
CA ASP A 184 -29.51 27.85 39.34
C ASP A 184 -30.14 27.73 37.96
N GLU A 185 -29.72 28.56 37.00
CA GLU A 185 -30.29 28.50 35.67
C GLU A 185 -29.82 27.28 34.90
N GLU A 186 -28.60 26.82 35.16
CA GLU A 186 -27.98 25.76 34.39
C GLU A 186 -28.12 24.43 35.10
N TYR A 187 -28.29 23.36 34.31
CA TYR A 187 -28.35 22.02 34.83
C TYR A 187 -27.85 21.05 33.79
N ALA A 188 -27.39 19.89 34.25
CA ALA A 188 -26.84 18.86 33.40
C ALA A 188 -27.78 17.66 33.33
N TYR A 189 -27.49 16.78 32.39
CA TYR A 189 -28.23 15.53 32.21
C TYR A 189 -27.40 14.39 32.78
N VAL A 190 -28.00 13.62 33.68
CA VAL A 190 -27.29 12.63 34.46
C VAL A 190 -27.70 11.23 33.98
N PHE A 191 -26.96 10.23 34.44
CA PHE A 191 -27.17 8.86 33.96
C PHE A 191 -28.52 8.32 34.37
N TYR A 192 -29.01 8.69 35.56
CA TYR A 192 -30.26 8.14 36.07
C TYR A 192 -31.48 8.78 35.44
N GLN A 193 -31.29 9.65 34.44
CA GLN A 193 -32.37 10.19 33.64
C GLN A 193 -32.45 9.55 32.26
N ALA A 194 -31.49 8.71 31.91
CA ALA A 194 -31.41 8.14 30.58
C ALA A 194 -32.39 6.99 30.41
N ARG A 195 -32.85 6.82 29.17
CA ARG A 195 -33.70 5.70 28.78
C ARG A 195 -33.33 5.29 27.37
N VAL A 196 -33.08 4.01 27.16
CA VAL A 196 -32.84 3.46 25.84
C VAL A 196 -34.01 2.56 25.50
N LEU A 197 -34.73 2.90 24.45
CA LEU A 197 -35.90 2.15 24.01
C LEU A 197 -35.65 1.63 22.60
N ILE A 198 -36.07 0.39 22.36
CA ILE A 198 -35.87 -0.27 21.07
C ILE A 198 -37.23 -0.73 20.56
N LYS A 199 -37.26 -1.07 19.27
CA LYS A 199 -38.48 -1.54 18.62
C LYS A 199 -38.10 -2.11 17.27
N ALA A 200 -38.17 -3.43 17.15
CA ALA A 200 -37.85 -4.09 15.90
C ALA A 200 -38.98 -5.07 15.58
N GLY A 201 -38.93 -5.61 14.36
CA GLY A 201 -39.92 -6.59 13.96
C GLY A 201 -41.32 -6.00 13.98
N ASP A 202 -42.27 -6.79 14.47
CA ASP A 202 -43.67 -6.38 14.56
C ASP A 202 -44.03 -5.88 15.95
N MET A 203 -43.05 -5.47 16.74
CA MET A 203 -43.34 -4.87 18.03
C MET A 203 -44.25 -3.67 17.85
N ALA A 204 -45.19 -3.50 18.78
CA ALA A 204 -46.18 -2.43 18.66
C ALA A 204 -45.66 -1.09 19.15
N ASP A 205 -44.94 -1.08 20.26
CA ASP A 205 -44.43 0.15 20.86
C ASP A 205 -42.93 -0.01 21.09
N LEU A 206 -42.32 1.03 21.63
CA LEU A 206 -40.92 0.98 22.00
C LEU A 206 -40.77 0.36 23.40
N ALA A 207 -39.90 -0.62 23.51
CA ALA A 207 -39.63 -1.29 24.77
C ALA A 207 -38.31 -0.79 25.35
N GLU A 208 -38.29 -0.58 26.66
CA GLU A 208 -37.10 -0.04 27.30
C GLU A 208 -36.08 -1.14 27.57
N LEU A 209 -34.84 -0.86 27.22
CA LEU A 209 -33.71 -1.77 27.41
C LEU A 209 -32.93 -1.39 28.66
N PRO A 210 -32.59 -2.34 29.52
CA PRO A 210 -31.62 -2.04 30.58
C PRO A 210 -30.18 -2.07 30.06
N VAL A 211 -29.63 -0.92 29.69
CA VAL A 211 -28.27 -0.84 29.18
C VAL A 211 -27.39 -0.22 30.23
N GLU A 212 -26.12 -0.60 30.23
CA GLU A 212 -25.14 -0.07 31.16
C GLU A 212 -24.53 1.23 30.68
N SER A 213 -24.37 1.39 29.37
CA SER A 213 -23.83 2.62 28.80
C SER A 213 -24.29 2.70 27.36
N PHE A 214 -24.05 3.85 26.74
CA PHE A 214 -24.36 4.03 25.33
C PHE A 214 -23.48 5.13 24.78
N ASP A 215 -23.17 5.04 23.49
CA ASP A 215 -22.45 6.06 22.76
C ASP A 215 -23.18 6.34 21.46
N LEU A 216 -23.04 7.57 20.96
CA LEU A 216 -23.63 7.95 19.69
C LEU A 216 -22.73 8.98 19.03
N THR A 217 -22.12 8.61 17.91
CA THR A 217 -21.25 9.51 17.16
C THR A 217 -21.98 9.96 15.90
N ILE A 218 -22.03 11.28 15.69
CA ILE A 218 -22.44 11.87 14.41
C ILE A 218 -21.19 12.35 13.70
N ASN A 219 -20.84 11.69 12.61
CA ASN A 219 -19.62 11.98 11.87
C ASN A 219 -20.00 12.60 10.53
N HIS A 220 -19.58 13.85 10.31
CA HIS A 220 -19.97 14.58 9.11
C HIS A 220 -18.98 14.43 7.96
N ASN A 221 -17.86 13.76 8.18
CA ASN A 221 -16.87 13.50 7.15
C ASN A 221 -16.56 14.76 6.34
N LEU A 222 -16.05 15.78 7.03
CA LEU A 222 -15.63 16.98 6.34
C LEU A 222 -14.43 16.69 5.45
N ASN A 223 -14.39 17.34 4.30
CA ASN A 223 -13.24 17.26 3.39
C ASN A 223 -12.22 18.28 3.86
N THR A 224 -11.17 17.79 4.52
CA THR A 224 -10.16 18.64 5.14
C THR A 224 -8.88 18.73 4.30
N ASN A 225 -9.01 18.72 2.97
CA ASN A 225 -7.84 18.68 2.11
C ASN A 225 -8.02 19.53 0.86
N ARG A 226 -8.90 20.52 0.96
CA ARG A 226 -9.12 21.43 -0.16
C ARG A 226 -8.09 22.55 -0.10
N TYR A 227 -6.97 22.36 -0.77
CA TYR A 227 -5.90 23.34 -0.77
C TYR A 227 -5.73 23.94 -2.16
N ARG A 228 -5.06 25.09 -2.18
CA ARG A 228 -4.97 25.94 -3.35
C ARG A 228 -3.51 26.32 -3.55
N LEU A 229 -3.15 26.74 -4.76
CA LEU A 229 -1.78 27.15 -4.96
C LEU A 229 -1.47 28.40 -4.18
N GLY A 230 -2.20 29.51 -4.33
CA GLY A 230 -1.78 30.76 -3.77
C GLY A 230 -2.03 30.94 -2.30
N SER A 231 -2.25 29.86 -1.55
CA SER A 231 -2.64 29.97 -0.15
C SER A 231 -2.12 28.78 0.62
N ILE A 232 -1.86 29.00 1.91
CA ILE A 232 -1.48 27.94 2.82
C ILE A 232 -2.67 27.40 3.61
N TYR A 233 -3.84 27.98 3.46
CA TYR A 233 -5.01 27.62 4.23
C TYR A 233 -5.94 26.73 3.42
N ARG A 234 -6.75 25.96 4.15
CA ARG A 234 -7.84 25.22 3.52
C ARG A 234 -8.82 26.19 2.91
N GLN A 235 -9.36 25.84 1.75
CA GLN A 235 -10.28 26.70 1.03
C GLN A 235 -11.73 26.38 1.32
N SER A 236 -12.00 25.29 2.02
CA SER A 236 -13.36 24.94 2.43
C SER A 236 -13.27 23.75 3.37
N LEU A 237 -14.40 23.47 4.03
CA LEU A 237 -14.57 22.28 4.84
C LEU A 237 -15.87 21.61 4.40
N ASP A 238 -15.83 21.02 3.21
CA ASP A 238 -17.05 20.48 2.61
C ASP A 238 -17.49 19.24 3.37
N GLU A 239 -18.75 19.23 3.81
CA GLU A 239 -19.28 18.13 4.58
C GLU A 239 -19.78 17.03 3.64
N GLY A 240 -19.30 15.81 3.86
CA GLY A 240 -19.70 14.66 3.09
C GLY A 240 -21.03 14.09 3.53
N VAL A 241 -21.07 12.76 3.63
CA VAL A 241 -22.26 12.09 4.12
C VAL A 241 -22.12 11.84 5.61
N THR A 242 -23.18 12.10 6.36
CA THR A 242 -23.14 11.98 7.81
C THR A 242 -23.30 10.51 8.20
N GLU A 243 -22.31 9.99 8.92
CA GLU A 243 -22.36 8.64 9.46
C GLU A 243 -22.77 8.73 10.92
N VAL A 244 -23.91 8.14 11.26
CA VAL A 244 -24.42 8.11 12.62
C VAL A 244 -24.34 6.67 13.10
N THR A 245 -23.34 6.37 13.91
CA THR A 245 -23.15 5.07 14.51
C THR A 245 -23.30 5.19 16.02
N GLY A 246 -23.16 4.08 16.73
CA GLY A 246 -23.30 4.11 18.16
C GLY A 246 -23.07 2.74 18.76
N THR A 247 -23.29 2.66 20.07
CA THR A 247 -23.06 1.44 20.83
C THR A 247 -23.90 1.51 22.09
N PHE A 248 -24.19 0.34 22.66
CA PHE A 248 -24.71 0.29 24.01
C PHE A 248 -24.38 -1.06 24.61
N THR A 249 -23.95 -1.03 25.88
CA THR A 249 -23.59 -2.24 26.60
C THR A 249 -24.79 -2.73 27.40
N LEU A 250 -25.05 -4.03 27.33
CA LEU A 250 -26.14 -4.62 28.07
C LEU A 250 -25.87 -6.11 28.21
N ASP A 251 -26.75 -6.80 28.95
CA ASP A 251 -26.56 -8.22 29.17
C ASP A 251 -27.18 -9.01 28.03
N ALA A 252 -26.84 -10.27 27.91
CA ALA A 252 -27.39 -11.16 26.89
C ALA A 252 -28.75 -11.68 27.32
N ALA A 253 -29.69 -11.69 26.38
CA ALA A 253 -31.05 -12.18 26.61
C ALA A 253 -31.76 -11.34 27.67
N VAL A 254 -31.72 -10.03 27.49
CA VAL A 254 -32.32 -9.11 28.44
C VAL A 254 -33.80 -8.94 28.14
N LYS A 255 -34.60 -8.84 29.18
CA LYS A 255 -35.99 -8.44 29.05
C LYS A 255 -36.11 -6.92 29.09
N SER A 256 -37.24 -6.43 28.61
CA SER A 256 -37.48 -4.99 28.61
C SER A 256 -37.96 -4.54 29.99
N ILE A 257 -37.48 -3.37 30.41
CA ILE A 257 -37.92 -2.81 31.70
C ILE A 257 -39.38 -2.39 31.61
N SER A 258 -39.75 -1.73 30.52
CA SER A 258 -41.12 -1.25 30.33
C SER A 258 -41.46 -1.35 28.86
N GLY A 259 -42.76 -1.30 28.57
CA GLY A 259 -43.24 -1.41 27.22
C GLY A 259 -43.52 -2.85 26.85
N PRO A 260 -43.70 -3.11 25.56
CA PRO A 260 -43.94 -4.49 25.13
C PRO A 260 -42.71 -5.37 25.33
N ALA A 261 -42.95 -6.67 25.30
CA ALA A 261 -41.86 -7.62 25.39
C ALA A 261 -41.01 -7.58 24.13
N LEU A 262 -39.72 -7.83 24.29
CA LEU A 262 -38.82 -7.87 23.15
C LEU A 262 -39.09 -9.11 22.32
N ASN A 263 -39.94 -8.98 21.31
CA ASN A 263 -40.35 -10.10 20.48
C ASN A 263 -40.61 -9.58 19.08
N LEU A 264 -39.86 -10.10 18.10
CA LEU A 264 -39.96 -9.62 16.73
C LEU A 264 -41.30 -9.93 16.08
N THR A 265 -42.23 -10.56 16.80
CA THR A 265 -43.55 -10.86 16.26
C THR A 265 -44.65 -10.07 16.95
N GLY A 266 -44.33 -9.27 17.97
CA GLY A 266 -45.33 -8.54 18.71
C GLY A 266 -46.04 -9.35 19.78
N GLY A 267 -45.64 -10.60 19.99
CA GLY A 267 -46.25 -11.42 21.01
C GLY A 267 -45.90 -10.95 22.41
N THR A 268 -46.41 -11.68 23.39
CA THR A 268 -46.15 -11.39 24.78
C THR A 268 -44.95 -12.15 25.33
N ALA A 269 -44.56 -13.25 24.69
CA ALA A 269 -43.44 -14.03 25.18
C ALA A 269 -42.12 -13.33 24.90
N HIS A 270 -41.21 -13.42 25.85
CA HIS A 270 -39.89 -12.81 25.70
C HIS A 270 -39.02 -13.63 24.77
N ASP A 271 -38.22 -12.94 23.98
CA ASP A 271 -37.35 -13.56 22.99
C ASP A 271 -35.90 -13.48 23.47
N PRO A 272 -35.28 -14.58 23.92
CA PRO A 272 -33.92 -14.48 24.46
C PRO A 272 -32.86 -14.22 23.42
N ALA A 273 -33.15 -14.44 22.13
CA ALA A 273 -32.21 -14.13 21.05
C ALA A 273 -32.67 -12.92 20.26
N PHE A 274 -33.32 -11.96 20.92
CA PHE A 274 -33.90 -10.83 20.21
C PHE A 274 -32.84 -10.05 19.45
N LEU A 275 -31.82 -9.54 20.15
CA LEU A 275 -30.83 -8.71 19.48
C LEU A 275 -29.96 -9.53 18.54
N GLU A 276 -29.67 -10.78 18.92
CA GLU A 276 -28.91 -11.64 18.03
C GLU A 276 -29.67 -11.89 16.74
N LYS A 277 -30.98 -12.10 16.83
CA LYS A 277 -31.77 -12.33 15.63
C LYS A 277 -31.94 -11.04 14.83
N VAL A 278 -32.01 -9.90 15.50
CA VAL A 278 -32.08 -8.63 14.79
C VAL A 278 -30.81 -8.41 13.97
N ALA A 279 -29.66 -8.71 14.56
CA ALA A 279 -28.40 -8.58 13.84
C ALA A 279 -28.25 -9.65 12.76
N LEU A 280 -28.79 -10.85 12.98
CA LEU A 280 -28.59 -11.96 12.06
C LEU A 280 -29.55 -11.94 10.88
N TYR A 281 -30.73 -11.35 11.04
CA TYR A 281 -31.70 -11.24 9.95
C TYR A 281 -31.64 -9.88 9.27
N GLY A 282 -30.70 -9.03 9.63
CA GLY A 282 -30.58 -7.73 8.98
C GLY A 282 -31.82 -6.89 9.11
N LYS A 283 -32.48 -6.95 10.26
CA LYS A 283 -33.67 -6.16 10.49
C LYS A 283 -33.29 -4.75 10.93
N TYR A 284 -34.21 -3.82 10.72
CA TYR A 284 -34.05 -2.44 11.14
C TYR A 284 -34.84 -2.21 12.42
N ALA A 285 -34.16 -1.69 13.44
CA ALA A 285 -34.79 -1.34 14.70
C ALA A 285 -34.93 0.18 14.78
N ALA A 286 -35.69 0.63 15.77
CA ALA A 286 -35.89 2.05 16.03
C ALA A 286 -35.41 2.33 17.45
N LEU A 287 -34.30 3.05 17.58
CA LEU A 287 -33.78 3.42 18.89
C LEU A 287 -34.38 4.75 19.33
N LYS A 288 -34.28 4.99 20.64
CA LYS A 288 -34.66 6.28 21.21
C LYS A 288 -33.84 6.45 22.48
N LEU A 289 -32.89 7.38 22.44
CA LEU A 289 -32.13 7.75 23.61
C LEU A 289 -32.75 9.00 24.20
N GLU A 290 -33.27 8.90 25.42
CA GLU A 290 -34.06 9.97 26.01
C GLU A 290 -33.55 10.29 27.41
N PHE A 291 -33.38 11.57 27.68
CA PHE A 291 -33.09 12.07 29.03
C PHE A 291 -34.25 12.95 29.46
N ILE A 292 -34.83 12.64 30.62
CA ILE A 292 -35.96 13.38 31.16
C ILE A 292 -35.57 13.92 32.53
N ASP A 293 -35.86 15.19 32.76
CA ASP A 293 -35.65 15.83 34.05
C ASP A 293 -37.01 16.20 34.63
N PRO A 294 -37.63 15.32 35.43
CA PRO A 294 -38.98 15.62 35.92
C PRO A 294 -39.02 16.79 36.89
N THR A 295 -37.93 17.01 37.63
CA THR A 295 -37.90 18.12 38.59
C THR A 295 -38.05 19.47 37.90
N ARG A 296 -37.73 19.55 36.61
CA ARG A 296 -37.76 20.81 35.87
C ARG A 296 -38.81 20.70 34.78
N GLU A 297 -39.65 21.73 34.65
CA GLU A 297 -40.79 21.71 33.76
C GLU A 297 -40.74 22.94 32.86
N VAL A 298 -41.05 22.73 31.57
CA VAL A 298 -41.04 23.84 30.63
C VAL A 298 -42.42 24.47 30.51
N ALA A 299 -43.46 23.64 30.52
CA ALA A 299 -44.83 24.09 30.51
C ALA A 299 -45.49 23.71 31.84
N GLU A 300 -46.82 23.67 31.87
CA GLU A 300 -47.52 23.33 33.10
C GLU A 300 -47.10 21.96 33.60
N GLY A 301 -47.02 20.98 32.69
CA GLY A 301 -46.62 19.64 33.02
C GLY A 301 -45.65 19.01 32.05
N VAL A 302 -44.88 19.80 31.31
CA VAL A 302 -43.93 19.29 30.34
C VAL A 302 -42.53 19.35 30.93
N PRO A 303 -41.84 18.23 31.11
CA PRO A 303 -40.50 18.27 31.71
C PRO A 303 -39.42 18.58 30.69
N CYS A 304 -38.33 19.15 31.19
CA CYS A 304 -37.15 19.34 30.36
C CYS A 304 -36.66 17.97 29.89
N ARG A 305 -36.24 17.90 28.63
CA ARG A 305 -36.02 16.61 28.02
C ARG A 305 -35.09 16.74 26.82
N LEU A 306 -34.19 15.77 26.68
CA LEU A 306 -33.33 15.64 25.51
C LEU A 306 -33.57 14.27 24.92
N THR A 307 -34.09 14.23 23.69
CA THR A 307 -34.44 12.99 23.01
C THR A 307 -33.67 12.88 21.71
N ILE A 308 -33.21 11.67 21.40
CA ILE A 308 -32.53 11.38 20.15
C ILE A 308 -33.28 10.24 19.49
N HIS A 309 -33.94 10.52 18.37
CA HIS A 309 -34.69 9.52 17.62
C HIS A 309 -33.83 8.97 16.51
N LEU A 310 -33.75 7.64 16.43
CA LEU A 310 -33.07 6.93 15.37
C LEU A 310 -34.07 5.92 14.80
N PRO A 311 -34.96 6.37 13.91
CA PRO A 311 -36.07 5.49 13.49
C PRO A 311 -35.62 4.24 12.73
N PHE A 312 -34.44 4.24 12.13
CA PHE A 312 -33.97 3.09 11.36
C PHE A 312 -32.51 2.83 11.74
N VAL A 313 -32.26 1.67 12.32
CA VAL A 313 -30.96 1.33 12.87
C VAL A 313 -30.68 -0.13 12.56
N ARG A 314 -29.44 -0.43 12.23
CA ARG A 314 -29.00 -1.81 11.98
C ARG A 314 -27.95 -2.21 12.98
N LEU A 315 -28.26 -3.23 13.78
CA LEU A 315 -27.34 -3.73 14.78
C LEU A 315 -26.32 -4.66 14.14
N GLU A 316 -25.17 -4.77 14.79
CA GLU A 316 -24.16 -5.75 14.45
C GLU A 316 -24.21 -6.88 15.49
N GLU A 317 -23.53 -7.97 15.20
CA GLU A 317 -23.57 -9.12 16.10
C GLU A 317 -23.30 -8.65 17.53
N PRO A 318 -24.27 -8.76 18.44
CA PRO A 318 -24.18 -8.03 19.72
C PRO A 318 -22.95 -8.31 20.55
N ASP A 319 -22.11 -9.28 20.21
CA ASP A 319 -20.88 -9.52 20.96
C ASP A 319 -21.18 -10.04 22.36
N PHE A 320 -21.97 -11.11 22.42
CA PHE A 320 -22.32 -11.75 23.68
C PHE A 320 -21.45 -12.98 23.88
N GLN A 321 -20.17 -12.72 24.10
CA GLN A 321 -19.19 -13.78 24.26
C GLN A 321 -19.27 -14.39 25.65
N VAL A 322 -19.09 -15.70 25.73
CA VAL A 322 -19.04 -16.40 27.00
C VAL A 322 -17.59 -16.35 27.47
N ARG A 323 -17.26 -15.36 28.29
CA ARG A 323 -15.91 -15.13 28.72
C ARG A 323 -15.56 -15.84 30.02
N ASP A 324 -16.56 -16.16 30.85
CA ASP A 324 -16.36 -16.71 32.17
C ASP A 324 -17.71 -17.18 32.69
N PRO A 325 -17.80 -17.78 33.88
CA PRO A 325 -19.08 -18.32 34.34
C PRO A 325 -20.03 -17.29 34.94
N GLY A 326 -19.75 -16.01 34.80
CA GLY A 326 -20.62 -14.96 35.31
C GLY A 326 -21.72 -14.62 34.33
N VAL A 327 -22.20 -13.38 34.42
CA VAL A 327 -23.26 -12.91 33.54
C VAL A 327 -22.66 -12.58 32.18
N ILE A 328 -23.33 -13.01 31.12
CA ILE A 328 -22.88 -12.73 29.76
C ILE A 328 -23.30 -11.32 29.39
N THR A 329 -22.33 -10.44 29.21
CA THR A 329 -22.56 -9.05 28.87
C THR A 329 -21.80 -8.74 27.58
N GLY A 330 -22.25 -7.71 26.87
CA GLY A 330 -21.58 -7.34 25.64
C GLY A 330 -22.08 -5.99 25.16
N SER A 331 -21.45 -5.52 24.09
CA SER A 331 -21.78 -4.23 23.48
C SER A 331 -22.39 -4.47 22.11
N ALA A 332 -23.50 -3.80 21.83
CA ALA A 332 -24.20 -3.90 20.56
C ALA A 332 -23.96 -2.62 19.77
N ARG A 333 -23.13 -2.71 18.75
CA ARG A 333 -22.92 -1.58 17.86
C ARG A 333 -24.04 -1.49 16.83
N PHE A 334 -24.23 -0.30 16.28
CA PHE A 334 -25.27 -0.09 15.30
C PHE A 334 -24.91 1.09 14.40
N ASN A 335 -25.60 1.16 13.26
CA ASN A 335 -25.49 2.27 12.33
C ASN A 335 -26.89 2.78 12.04
N ALA A 336 -27.09 4.08 12.18
CA ALA A 336 -28.37 4.71 11.89
C ALA A 336 -28.43 4.96 10.39
N TYR A 337 -29.64 4.93 9.83
CA TYR A 337 -29.76 4.85 8.38
C TYR A 337 -30.46 6.07 7.78
N GLU A 338 -31.77 6.17 7.96
CA GLU A 338 -32.56 7.13 7.19
C GLU A 338 -32.41 8.55 7.71
N THR A 339 -32.80 8.80 8.96
CA THR A 339 -32.77 10.14 9.52
C THR A 339 -32.33 10.07 10.97
N ILE A 340 -31.88 11.20 11.48
CA ILE A 340 -31.62 11.39 12.90
C ILE A 340 -32.31 12.67 13.33
N SER A 341 -32.97 12.63 14.48
CA SER A 341 -33.71 13.78 14.98
C SER A 341 -33.43 13.92 16.47
N VAL A 342 -32.94 15.09 16.87
CA VAL A 342 -32.69 15.41 18.27
C VAL A 342 -33.69 16.48 18.68
N THR A 343 -34.46 16.21 19.72
CA THR A 343 -35.39 17.17 20.30
C THR A 343 -34.84 17.61 21.65
N HIS A 344 -34.87 18.92 21.90
CA HIS A 344 -34.38 19.48 23.15
C HIS A 344 -35.46 20.37 23.73
N VAL A 345 -36.04 19.94 24.84
CA VAL A 345 -37.03 20.71 25.59
C VAL A 345 -36.32 21.19 26.86
N ALA A 346 -36.17 22.50 27.01
CA ALA A 346 -35.39 23.04 28.11
C ALA A 346 -35.84 24.45 28.41
N LYS A 347 -35.70 24.86 29.67
CA LYS A 347 -35.96 26.22 30.08
C LYS A 347 -34.66 26.86 30.54
N PHE A 348 -34.43 28.09 30.10
CA PHE A 348 -33.20 28.80 30.41
C PHE A 348 -33.47 30.02 31.29
N MET B 1 23.34 -17.44 34.10
CA MET B 1 23.91 -16.12 33.74
C MET B 1 23.13 -14.99 34.37
N ARG B 2 23.84 -14.06 35.00
CA ARG B 2 23.27 -12.84 35.52
C ARG B 2 23.84 -11.66 34.75
N GLY B 3 23.11 -10.55 34.79
CA GLY B 3 23.59 -9.36 34.11
C GLY B 3 24.97 -8.93 34.57
N VAL B 4 25.28 -9.14 35.85
CA VAL B 4 26.57 -8.75 36.39
C VAL B 4 27.69 -9.64 35.86
N ASP B 5 27.36 -10.79 35.29
CA ASP B 5 28.35 -11.69 34.72
C ASP B 5 28.78 -11.28 33.32
N THR B 6 28.18 -10.23 32.75
CA THR B 6 28.43 -9.83 31.38
C THR B 6 29.23 -8.54 31.35
N PHE B 7 30.05 -8.40 30.31
CA PHE B 7 30.76 -7.17 30.04
C PHE B 7 30.47 -6.72 28.62
N LEU B 8 30.47 -5.41 28.42
CA LEU B 8 30.33 -4.80 27.11
C LEU B 8 31.63 -4.10 26.77
N ALA B 9 32.01 -4.14 25.50
CA ALA B 9 33.22 -3.49 25.05
C ALA B 9 33.04 -3.04 23.62
N PHE B 10 33.37 -1.77 23.35
CA PHE B 10 33.41 -1.24 21.99
C PHE B 10 34.87 -1.07 21.59
N LYS B 11 35.18 -1.42 20.35
CA LYS B 11 36.55 -1.33 19.85
C LYS B 11 36.49 -0.78 18.44
N GLU B 12 37.06 0.41 18.24
CA GLU B 12 37.05 1.03 16.93
C GLU B 12 37.93 0.22 15.98
N GLN B 13 37.33 -0.30 14.92
CA GLN B 13 38.05 -1.08 13.93
C GLN B 13 38.43 -0.21 12.75
N ALA B 14 39.48 -0.64 12.03
CA ALA B 14 40.01 0.16 10.94
C ALA B 14 39.03 0.21 9.76
N ASP B 15 38.67 -0.94 9.22
CA ASP B 15 37.73 -1.04 8.13
C ASP B 15 36.41 -1.63 8.63
N LEU B 16 35.35 -1.42 7.87
CA LEU B 16 34.05 -1.95 8.26
C LEU B 16 34.00 -3.46 8.25
N LYS B 17 34.85 -4.11 7.45
CA LYS B 17 34.76 -5.55 7.25
C LYS B 17 35.82 -6.34 8.00
N THR B 18 36.56 -5.71 8.90
CA THR B 18 37.61 -6.41 9.64
C THR B 18 37.34 -6.29 11.14
N PRO B 19 36.84 -7.33 11.80
CA PRO B 19 36.54 -7.23 13.23
C PRO B 19 37.78 -6.98 14.05
N ALA B 20 37.58 -6.31 15.18
CA ALA B 20 38.66 -6.17 16.15
C ALA B 20 38.87 -7.49 16.88
N THR B 21 40.12 -7.76 17.24
CA THR B 21 40.44 -9.00 17.91
C THR B 21 40.15 -8.89 19.40
N LEU B 22 39.75 -10.03 19.99
CA LEU B 22 39.52 -10.08 21.42
C LEU B 22 40.78 -9.81 22.21
N ALA B 23 41.95 -9.98 21.60
CA ALA B 23 43.21 -9.74 22.29
C ALA B 23 43.58 -8.27 22.35
N SER B 24 42.91 -7.42 21.57
CA SER B 24 43.25 -6.00 21.54
C SER B 24 42.52 -5.20 22.59
N LEU B 25 41.48 -5.75 23.21
CA LEU B 25 40.74 -5.02 24.23
C LEU B 25 41.66 -4.59 25.36
N ALA B 26 41.47 -3.36 25.83
CA ALA B 26 42.30 -2.80 26.89
C ALA B 26 41.44 -1.86 27.72
N ALA B 27 42.10 -1.04 28.54
CA ALA B 27 41.37 -0.08 29.36
C ALA B 27 40.70 0.97 28.50
N GLY B 28 39.48 1.35 28.88
CA GLY B 28 38.69 2.29 28.12
C GLY B 28 37.78 1.64 27.09
N ASP B 29 38.05 0.39 26.73
CA ASP B 29 37.16 -0.30 25.80
C ASP B 29 35.94 -0.87 26.48
N PHE B 30 36.03 -1.18 27.77
CA PHE B 30 34.92 -1.76 28.52
C PHE B 30 34.06 -0.66 29.11
N LEU B 31 32.76 -0.77 28.89
CA LEU B 31 31.80 0.25 29.29
C LEU B 31 30.74 -0.38 30.19
N ALA B 32 30.31 0.37 31.20
CA ALA B 32 29.19 -0.04 32.03
C ALA B 32 27.91 0.45 31.40
N PHE B 33 26.95 -0.46 31.23
CA PHE B 33 25.72 -0.19 30.50
C PHE B 33 24.53 -0.52 31.38
N ASN B 34 23.40 0.11 31.07
CA ASN B 34 22.16 -0.23 31.76
C ASN B 34 21.54 -1.47 31.17
N SER B 35 21.66 -1.66 29.87
CA SER B 35 21.05 -2.78 29.18
C SER B 35 21.54 -2.79 27.74
N GLU B 36 21.59 -3.99 27.16
CA GLU B 36 21.96 -4.16 25.77
C GLU B 36 21.02 -5.17 25.14
N SER B 37 20.61 -4.90 23.89
CA SER B 37 19.76 -5.82 23.14
C SER B 37 20.32 -6.06 21.74
N LEU B 38 21.63 -6.24 21.60
CA LEU B 38 22.22 -6.53 20.31
C LEU B 38 22.00 -7.99 19.95
N SER B 39 21.54 -8.23 18.73
CA SER B 39 21.29 -9.58 18.26
C SER B 39 21.41 -9.63 16.76
N GLY B 40 21.65 -10.83 16.24
CA GLY B 40 21.66 -11.08 14.82
C GLY B 40 20.39 -11.78 14.36
N ARG B 41 20.11 -11.64 13.08
CA ARG B 41 18.93 -12.25 12.47
C ARG B 41 19.30 -12.67 11.06
N GLN B 42 19.01 -13.92 10.71
CA GLN B 42 19.23 -14.41 9.35
C GLN B 42 17.91 -14.72 8.70
N GLN B 43 17.87 -14.49 7.39
CA GLN B 43 16.68 -14.78 6.60
C GLN B 43 16.67 -16.24 6.19
N VAL B 44 15.47 -16.81 6.13
CA VAL B 44 15.27 -18.18 5.66
C VAL B 44 14.51 -18.10 4.34
N ILE B 45 15.11 -18.64 3.28
CA ILE B 45 14.54 -18.62 1.94
C ILE B 45 13.87 -19.96 1.69
N GLN B 46 12.61 -19.92 1.26
CA GLN B 46 11.88 -21.11 0.86
C GLN B 46 11.84 -21.18 -0.66
N SER B 47 11.93 -22.40 -1.19
CA SER B 47 11.84 -22.58 -2.62
C SER B 47 10.40 -22.38 -3.08
N ARG B 48 10.22 -21.69 -4.20
CA ARG B 48 8.90 -21.42 -4.74
C ARG B 48 8.37 -22.53 -5.61
N ALA B 49 9.16 -23.58 -5.85
CA ALA B 49 8.68 -24.70 -6.63
C ALA B 49 7.48 -25.34 -5.95
N ILE B 50 6.45 -25.66 -6.73
CA ILE B 50 5.25 -26.25 -6.17
C ILE B 50 5.55 -27.68 -5.75
N ARG B 51 5.05 -28.06 -4.57
CA ARG B 51 5.26 -29.40 -4.05
C ARG B 51 4.17 -29.72 -3.05
N ARG B 52 3.62 -30.93 -3.15
CA ARG B 52 2.66 -31.40 -2.17
C ARG B 52 3.39 -31.70 -0.86
N MET B 53 3.01 -31.01 0.20
CA MET B 53 3.73 -31.11 1.45
C MET B 53 2.84 -30.58 2.59
N PRO B 54 2.66 -31.32 3.68
CA PRO B 54 1.87 -30.78 4.77
C PRO B 54 2.53 -29.63 5.49
N MET B 55 3.84 -29.71 5.74
CA MET B 55 4.61 -28.64 6.36
C MET B 55 5.78 -28.28 5.45
N ARG B 56 6.58 -27.30 5.90
CA ARG B 56 7.79 -26.87 5.15
C ARG B 56 8.96 -27.83 5.30
N GLN B 57 9.55 -28.27 4.23
CA GLN B 57 10.55 -29.32 4.20
C GLN B 57 11.95 -28.74 4.27
N ILE B 58 12.85 -29.48 4.92
CA ILE B 58 14.21 -29.01 5.14
C ILE B 58 14.98 -28.91 3.84
N ALA B 59 14.71 -29.80 2.89
CA ALA B 59 15.51 -29.88 1.68
C ALA B 59 15.30 -28.70 0.75
N TYR B 60 14.28 -27.87 0.99
CA TYR B 60 13.91 -26.80 0.07
C TYR B 60 14.00 -25.44 0.72
N THR B 61 14.79 -25.31 1.78
CA THR B 61 15.05 -24.03 2.43
C THR B 61 16.52 -23.69 2.29
N ALA B 62 16.81 -22.39 2.24
CA ALA B 62 18.17 -21.89 2.19
C ALA B 62 18.28 -20.70 3.13
N ASN B 63 19.49 -20.46 3.61
CA ASN B 63 19.75 -19.34 4.50
C ASN B 63 19.96 -18.07 3.70
N GLY B 64 19.24 -17.03 4.03
CA GLY B 64 19.28 -15.77 3.33
C GLY B 64 20.23 -14.78 3.96
N THR B 65 19.94 -13.50 3.76
CA THR B 65 20.83 -12.46 4.22
C THR B 65 20.76 -12.34 5.75
N VAL B 66 21.76 -11.65 6.30
CA VAL B 66 21.97 -11.55 7.73
C VAL B 66 21.88 -10.09 8.15
N GLU B 67 21.16 -9.84 9.23
CA GLU B 67 21.10 -8.55 9.89
C GLU B 67 21.74 -8.65 11.26
N ALA B 68 22.10 -7.52 11.83
CA ALA B 68 22.64 -7.47 13.19
C ALA B 68 22.42 -6.09 13.75
N GLY B 69 22.64 -5.96 15.05
CA GLY B 69 22.52 -4.70 15.75
C GLY B 69 21.42 -4.75 16.79
N GLY B 70 21.24 -3.61 17.46
CA GLY B 70 20.29 -3.51 18.54
C GLY B 70 20.47 -2.21 19.26
N ALA B 71 20.04 -2.19 20.53
CA ALA B 71 20.13 -1.01 21.35
C ALA B 71 21.03 -1.26 22.56
N VAL B 72 21.69 -0.22 23.01
CA VAL B 72 22.45 -0.23 24.25
C VAL B 72 22.14 1.04 25.01
N GLU B 73 21.83 0.91 26.31
CA GLU B 73 21.52 2.05 27.12
C GLU B 73 22.74 2.28 27.97
N PHE B 74 23.11 3.52 28.24
CA PHE B 74 24.22 3.89 29.11
C PHE B 74 23.75 4.96 30.08
N THR B 75 24.45 5.06 31.20
CA THR B 75 24.36 6.22 32.07
C THR B 75 25.47 7.18 31.69
N THR B 76 25.12 8.18 30.88
CA THR B 76 26.12 9.13 30.41
C THR B 76 27.02 9.59 31.55
N SER B 77 28.30 9.26 31.44
CA SER B 77 29.25 9.51 32.51
C SER B 77 30.55 10.01 31.90
N ASN B 78 31.51 10.29 32.77
CA ASN B 78 32.85 10.70 32.38
C ASN B 78 33.35 9.88 31.19
N TYR B 79 33.57 8.59 31.39
CA TYR B 79 34.25 7.77 30.39
C TYR B 79 33.29 7.28 29.31
N VAL B 80 32.02 7.08 29.64
CA VAL B 80 31.05 6.69 28.62
C VAL B 80 31.06 7.71 27.49
N LEU B 81 31.05 8.99 27.81
CA LEU B 81 31.05 10.02 26.78
C LEU B 81 32.37 10.03 26.03
N LYS B 82 33.49 9.95 26.76
CA LYS B 82 34.79 9.90 26.11
C LYS B 82 34.85 8.81 25.06
N LYS B 83 34.21 7.67 25.35
CA LYS B 83 34.23 6.56 24.40
C LYS B 83 33.23 6.75 23.27
N LEU B 84 32.02 7.22 23.59
CA LEU B 84 30.91 7.15 22.65
C LEU B 84 30.75 8.38 21.78
N LEU B 85 31.10 9.57 22.27
CA LEU B 85 30.93 10.77 21.45
C LEU B 85 31.73 10.69 20.17
N PRO B 86 32.96 10.17 20.13
CA PRO B 86 33.64 9.96 18.85
C PRO B 86 32.91 9.02 17.92
N LEU B 87 32.05 8.13 18.46
CA LEU B 87 31.31 7.20 17.63
C LEU B 87 30.02 7.77 17.09
N ILE B 88 29.55 8.88 17.64
CA ILE B 88 28.25 9.44 17.27
C ILE B 88 28.44 10.58 16.27
N PHE B 89 29.56 11.28 16.35
CA PHE B 89 29.82 12.46 15.53
C PHE B 89 30.96 12.19 14.56
N HIS B 90 31.08 13.09 13.59
CA HIS B 90 32.03 12.93 12.50
C HIS B 90 33.40 13.49 12.84
N SER B 91 33.47 14.62 13.54
CA SER B 91 34.72 15.28 13.83
C SER B 91 34.85 15.51 15.34
N LYS B 92 36.09 15.70 15.77
CA LYS B 92 36.41 16.04 17.14
C LYS B 92 37.61 16.97 17.13
N THR B 93 37.51 18.07 17.87
CA THR B 93 38.62 19.02 18.00
C THR B 93 38.90 19.23 19.47
N GLY B 94 40.16 19.06 19.85
CA GLY B 94 40.58 19.27 21.22
C GLY B 94 40.50 18.01 22.05
N GLN B 95 40.98 18.13 23.29
CA GLN B 95 40.92 17.06 24.27
C GLN B 95 40.00 17.48 25.41
N GLU B 96 39.20 16.54 25.90
CA GLU B 96 38.27 16.87 26.97
C GLU B 96 39.01 17.40 28.19
N ASP B 97 40.09 16.74 28.59
CA ASP B 97 40.85 17.13 29.77
C ASP B 97 41.93 18.15 29.45
N ASP B 98 41.79 18.90 28.37
CA ASP B 98 42.74 19.95 28.06
C ASP B 98 42.89 20.89 29.26
N PRO B 99 44.09 21.37 29.56
CA PRO B 99 44.24 22.20 30.77
C PRO B 99 43.65 23.58 30.63
N ASP B 100 43.52 24.11 29.40
CA ASP B 100 42.94 25.42 29.23
C ASP B 100 41.44 25.43 29.54
N GLY B 101 40.79 24.27 29.50
CA GLY B 101 39.40 24.18 29.89
C GLY B 101 38.40 24.35 28.78
N ASP B 102 38.80 24.11 27.53
CA ASP B 102 37.90 24.21 26.39
C ASP B 102 37.27 22.89 26.00
N GLY B 103 37.76 21.78 26.53
CA GLY B 103 37.18 20.49 26.22
C GLY B 103 37.26 20.18 24.73
N ALA B 104 36.60 19.08 24.37
CA ALA B 104 36.53 18.62 23.00
C ALA B 104 35.17 18.91 22.42
N THR B 105 35.15 19.36 21.17
CA THR B 105 33.92 19.69 20.48
C THR B 105 33.66 18.66 19.38
N PHE B 106 32.45 18.13 19.35
CA PHE B 106 32.05 17.10 18.39
C PHE B 106 30.96 17.69 17.50
N THR B 107 31.18 17.62 16.19
CA THR B 107 30.24 18.18 15.23
C THR B 107 30.11 17.22 14.06
N LEU B 108 29.08 17.47 13.26
CA LEU B 108 28.92 16.79 11.98
C LEU B 108 29.54 17.63 10.88
N VAL B 109 30.26 16.98 9.98
CA VAL B 109 30.91 17.67 8.87
C VAL B 109 30.27 17.21 7.57
N ASN B 110 30.49 17.99 6.52
CA ASN B 110 29.79 17.80 5.26
C ASN B 110 29.94 16.37 4.74
N GLY B 111 31.16 15.98 4.39
CA GLY B 111 31.39 14.64 3.89
C GLY B 111 31.82 13.69 4.99
N GLY B 112 31.40 13.97 6.22
CA GLY B 112 31.82 13.16 7.34
C GLY B 112 31.24 11.76 7.31
N VAL B 113 31.95 10.86 7.98
CA VAL B 113 31.56 9.46 8.08
C VAL B 113 31.63 9.04 9.54
N LEU B 114 30.97 7.92 9.84
CA LEU B 114 30.95 7.38 11.18
C LEU B 114 32.03 6.32 11.35
N THR B 115 32.58 6.25 12.55
CA THR B 115 33.61 5.26 12.85
C THR B 115 32.95 3.90 13.03
N PRO B 116 33.36 2.87 12.30
CA PRO B 116 32.88 1.52 12.60
C PRO B 116 33.63 0.93 13.78
N PHE B 117 32.92 0.10 14.54
CA PHE B 117 33.51 -0.50 15.73
C PHE B 117 32.98 -1.92 15.87
N THR B 118 33.66 -2.68 16.72
CA THR B 118 33.25 -4.03 17.09
C THR B 118 32.71 -4.00 18.50
N ALA B 119 31.49 -4.49 18.69
CA ALA B 119 30.86 -4.57 19.99
C ALA B 119 30.98 -5.99 20.52
N PHE B 120 31.65 -6.15 21.65
CA PHE B 120 31.78 -7.43 22.32
C PHE B 120 30.81 -7.47 23.49
N VAL B 121 30.01 -8.53 23.56
CA VAL B 121 29.13 -8.77 24.71
C VAL B 121 29.59 -10.10 25.30
N GLY B 122 30.53 -10.03 26.23
CA GLY B 122 31.08 -11.22 26.81
C GLY B 122 30.33 -11.68 28.04
N PHE B 123 30.50 -12.96 28.35
CA PHE B 123 29.80 -13.59 29.45
C PHE B 123 30.80 -14.40 30.28
N ASP B 124 30.33 -14.86 31.42
CA ASP B 124 31.17 -15.55 32.39
C ASP B 124 30.27 -16.09 33.48
N GLY B 125 30.84 -16.92 34.36
CA GLY B 125 30.11 -17.41 35.49
C GLY B 125 30.08 -18.93 35.55
N PRO B 126 29.13 -19.48 36.31
CA PRO B 126 29.11 -20.93 36.49
C PRO B 126 28.91 -21.69 35.20
N GLU B 127 28.15 -21.15 34.26
CA GLU B 127 27.82 -21.87 33.05
C GLU B 127 29.05 -22.03 32.16
N GLY B 128 29.82 -20.96 32.01
CA GLY B 128 30.97 -20.97 31.13
C GLY B 128 31.18 -19.59 30.54
N LYS B 129 32.15 -19.49 29.64
CA LYS B 129 32.57 -18.25 29.04
C LYS B 129 32.27 -18.26 27.55
N TYR B 130 31.71 -17.17 27.05
CA TYR B 130 31.59 -16.98 25.62
C TYR B 130 31.29 -15.52 25.34
N VAL B 131 31.65 -15.07 24.15
CA VAL B 131 31.56 -13.67 23.77
C VAL B 131 30.76 -13.58 22.48
N ARG B 132 29.69 -12.80 22.50
CA ARG B 132 29.03 -12.37 21.28
C ARG B 132 29.82 -11.21 20.69
N ARG B 133 30.15 -11.31 19.41
CA ARG B 133 30.89 -10.27 18.72
C ARG B 133 30.05 -9.74 17.57
N PHE B 134 29.86 -8.43 17.54
CA PHE B 134 29.09 -7.76 16.49
C PHE B 134 30.06 -6.84 15.76
N PHE B 135 30.56 -7.29 14.62
CA PHE B 135 31.56 -6.55 13.88
C PHE B 135 30.91 -5.63 12.86
N GLY B 136 31.66 -4.61 12.45
CA GLY B 136 31.13 -3.64 11.51
C GLY B 136 29.99 -2.84 12.05
N ALA B 137 30.00 -2.54 13.35
CA ALA B 137 28.92 -1.83 13.98
C ALA B 137 29.05 -0.33 13.76
N LYS B 138 27.91 0.35 13.66
CA LYS B 138 27.86 1.79 13.58
C LYS B 138 26.69 2.27 14.42
N VAL B 139 26.78 3.53 14.85
CA VAL B 139 25.73 4.16 15.64
C VAL B 139 24.70 4.72 14.67
N ASN B 140 23.49 4.17 14.71
CA ASN B 140 22.40 4.65 13.88
C ASN B 140 21.65 5.79 14.55
N GLN B 141 21.35 5.68 15.84
CA GLN B 141 20.69 6.73 16.59
C GLN B 141 21.33 6.85 17.96
N ALA B 142 21.20 8.02 18.54
CA ALA B 142 21.69 8.28 19.89
C ALA B 142 20.75 9.27 20.54
N THR B 143 20.10 8.85 21.63
CA THR B 143 19.14 9.68 22.33
C THR B 143 19.69 10.04 23.70
N PHE B 144 19.83 11.34 23.96
CA PHE B 144 20.14 11.85 25.28
C PHE B 144 18.83 12.15 26.00
N SER B 145 18.68 11.61 27.21
CA SER B 145 17.46 11.79 27.98
C SER B 145 17.82 12.30 29.37
N ALA B 146 17.08 13.31 29.84
CA ALA B 146 17.23 13.83 31.19
C ALA B 146 15.86 13.92 31.83
N ARG B 147 15.66 13.17 32.91
CA ARG B 147 14.46 13.23 33.73
C ARG B 147 14.83 13.77 35.11
N VAL B 148 13.83 14.05 35.92
CA VAL B 148 14.06 14.46 37.29
C VAL B 148 14.28 13.23 38.15
N ASN B 149 15.16 13.36 39.15
CA ASN B 149 15.52 12.25 40.02
C ASN B 149 16.16 11.11 39.21
N ASP B 150 16.94 11.49 38.21
CA ASP B 150 17.58 10.52 37.33
C ASP B 150 18.95 11.06 36.95
N MET B 151 19.70 10.26 36.22
CA MET B 151 20.96 10.67 35.64
C MET B 151 20.79 10.77 34.13
N LEU B 152 21.68 11.53 33.49
CA LEU B 152 21.64 11.67 32.04
C LEU B 152 21.86 10.31 31.39
N ASN B 153 20.88 9.86 30.62
CA ASN B 153 20.92 8.57 29.95
C ASN B 153 21.24 8.75 28.47
N LEU B 154 21.88 7.74 27.90
CA LEU B 154 22.20 7.71 26.48
C LEU B 154 21.81 6.36 25.92
N ASN B 155 20.89 6.36 24.97
CA ASN B 155 20.41 5.15 24.32
C ASN B 155 20.94 5.13 22.89
N LEU B 156 21.87 4.22 22.62
CA LEU B 156 22.40 4.05 21.28
C LEU B 156 21.61 2.98 20.53
N ASP B 157 21.44 3.17 19.23
CA ASP B 157 20.86 2.19 18.34
C ASP B 157 21.92 1.81 17.32
N VAL B 158 22.39 0.57 17.37
CA VAL B 158 23.55 0.12 16.64
C VAL B 158 23.11 -0.76 15.48
N GLN B 159 23.79 -0.61 14.34
CA GLN B 159 23.61 -1.47 13.18
C GLN B 159 24.94 -2.10 12.85
N ALA B 160 25.00 -3.43 12.87
CA ALA B 160 26.21 -4.16 12.60
C ALA B 160 26.07 -4.96 11.30
N ILE B 161 27.20 -5.52 10.86
CA ILE B 161 27.19 -6.34 9.67
C ILE B 161 26.79 -7.77 10.00
N GLY B 162 27.35 -8.32 11.07
CA GLY B 162 27.03 -9.69 11.45
C GLY B 162 27.42 -9.96 12.88
N LYS B 163 26.96 -11.11 13.35
CA LYS B 163 27.24 -11.60 14.69
C LYS B 163 28.03 -12.90 14.60
N ASP B 164 28.81 -13.17 15.65
CA ASP B 164 29.45 -14.46 15.77
C ASP B 164 29.79 -14.68 17.24
N ILE B 165 29.87 -15.95 17.62
CA ILE B 165 30.12 -16.35 19.00
C ILE B 165 31.57 -16.82 19.11
N LEU B 166 32.20 -16.51 20.24
CA LEU B 166 33.56 -16.90 20.53
C LEU B 166 33.59 -17.66 21.84
N GLN B 167 34.36 -18.74 21.90
CA GLN B 167 34.36 -19.62 23.05
C GLN B 167 35.77 -20.13 23.28
N PRO B 168 36.08 -20.55 24.49
CA PRO B 168 37.39 -21.18 24.74
C PRO B 168 37.64 -22.31 23.76
N GLY B 169 38.76 -22.22 23.05
CA GLY B 169 39.12 -23.17 22.02
C GLY B 169 39.02 -22.62 20.62
N ASP B 170 38.32 -21.51 20.44
CA ASP B 170 38.27 -20.87 19.14
C ASP B 170 39.62 -20.24 18.82
N PRO B 171 39.90 -19.97 17.55
CA PRO B 171 41.23 -19.43 17.21
C PRO B 171 41.47 -18.05 17.79
N GLY B 172 40.50 -17.14 17.69
CA GLY B 172 40.69 -15.79 18.16
C GLY B 172 40.23 -15.57 19.58
N TRP B 173 40.15 -16.65 20.36
CA TRP B 173 39.71 -16.54 21.74
C TRP B 173 40.86 -16.10 22.64
N VAL B 174 40.59 -15.13 23.49
CA VAL B 174 41.51 -14.70 24.54
C VAL B 174 40.69 -14.46 25.80
N ASN B 175 41.25 -14.84 26.94
CA ASN B 175 40.58 -14.63 28.22
C ASN B 175 40.75 -13.19 28.63
N VAL B 176 39.75 -12.36 28.35
CA VAL B 176 39.81 -10.95 28.66
C VAL B 176 39.30 -10.73 30.07
N THR B 177 39.89 -9.76 30.75
CA THR B 177 39.43 -9.32 32.06
C THR B 177 38.90 -7.89 31.93
N PRO B 178 37.61 -7.65 32.11
CA PRO B 178 37.11 -6.27 32.03
C PRO B 178 37.78 -5.37 33.05
N VAL B 179 38.35 -4.28 32.57
CA VAL B 179 39.00 -3.27 33.40
C VAL B 179 38.22 -1.98 33.28
N TYR B 180 37.78 -1.45 34.42
CA TYR B 180 36.93 -0.27 34.46
C TYR B 180 37.60 0.85 35.24
N PRO B 181 37.17 2.09 35.04
CA PRO B 181 37.70 3.20 35.84
C PRO B 181 37.28 3.07 37.29
N GLY B 182 38.15 3.58 38.17
CA GLY B 182 37.81 3.60 39.58
C GLY B 182 36.53 4.38 39.84
N GLY B 183 35.99 4.18 41.04
CA GLY B 183 34.81 4.94 41.42
C GLY B 183 35.10 6.40 41.63
N ASP B 184 36.34 6.74 41.98
CA ASP B 184 36.70 8.13 42.20
C ASP B 184 36.99 8.86 40.89
N GLU B 185 37.56 8.16 39.90
CA GLU B 185 37.86 8.80 38.63
C GLU B 185 36.61 9.08 37.81
N GLU B 186 35.59 8.23 37.95
CA GLU B 186 34.40 8.28 37.11
C GLU B 186 33.28 9.01 37.83
N TYR B 187 32.48 9.75 37.06
CA TYR B 187 31.32 10.45 37.59
C TYR B 187 30.28 10.59 36.50
N ALA B 188 29.03 10.73 36.91
CA ALA B 188 27.90 10.83 36.00
C ALA B 188 27.34 12.25 36.02
N TYR B 189 26.47 12.52 35.05
CA TYR B 189 25.78 13.79 34.95
C TYR B 189 24.35 13.61 35.43
N VAL B 190 23.93 14.43 36.39
CA VAL B 190 22.67 14.24 37.09
C VAL B 190 21.70 15.33 36.64
N PHE B 191 20.42 15.15 37.03
CA PHE B 191 19.37 16.06 36.57
C PHE B 191 19.55 17.46 37.12
N TYR B 192 20.06 17.59 38.35
CA TYR B 192 20.18 18.89 38.99
C TYR B 192 21.38 19.69 38.48
N GLN B 193 22.07 19.18 37.47
CA GLN B 193 23.13 19.91 36.78
C GLN B 193 22.69 20.42 35.42
N ALA B 194 21.49 20.04 34.97
CA ALA B 194 21.03 20.37 33.64
C ALA B 194 20.54 21.81 33.57
N ARG B 195 20.68 22.39 32.38
CA ARG B 195 20.14 23.71 32.08
C ARG B 195 19.69 23.72 30.63
N VAL B 196 18.46 24.16 30.40
CA VAL B 196 17.93 24.35 29.06
C VAL B 196 17.75 25.84 28.84
N LEU B 197 18.46 26.38 27.86
CA LEU B 197 18.41 27.80 27.54
C LEU B 197 17.91 27.96 26.12
N ILE B 198 17.06 28.97 25.91
CA ILE B 198 16.46 29.24 24.62
C ILE B 198 16.76 30.69 24.24
N LYS B 199 16.54 30.99 22.97
CA LYS B 199 16.78 32.33 22.45
C LYS B 199 16.17 32.42 21.05
N ALA B 200 15.06 33.13 20.95
CA ALA B 200 14.40 33.31 19.66
C ALA B 200 14.13 34.79 19.45
N GLY B 201 13.70 35.13 18.24
CA GLY B 201 13.37 36.51 17.95
C GLY B 201 14.56 37.42 18.11
N ASP B 202 14.32 38.59 18.69
CA ASP B 202 15.37 39.59 18.92
C ASP B 202 15.92 39.52 20.33
N MET B 203 15.74 38.40 21.03
CA MET B 203 16.33 38.24 22.35
C MET B 203 17.84 38.44 22.26
N ALA B 204 18.41 39.09 23.27
CA ALA B 204 19.82 39.42 23.27
C ALA B 204 20.71 38.26 23.70
N ASP B 205 20.30 37.52 24.73
CA ASP B 205 21.07 36.43 25.27
C ASP B 205 20.19 35.19 25.35
N LEU B 206 20.75 34.10 25.84
CA LEU B 206 19.99 32.88 26.06
C LEU B 206 19.32 32.94 27.42
N ALA B 207 18.02 32.68 27.45
CA ALA B 207 17.24 32.66 28.68
C ALA B 207 17.00 31.23 29.12
N GLU B 208 17.10 31.00 30.42
CA GLU B 208 16.94 29.64 30.94
C GLU B 208 15.48 29.29 31.11
N LEU B 209 15.11 28.11 30.63
CA LEU B 209 13.75 27.58 30.70
C LEU B 209 13.63 26.61 31.86
N PRO B 210 12.59 26.71 32.69
CA PRO B 210 12.32 25.63 33.64
C PRO B 210 11.61 24.46 32.98
N VAL B 211 12.34 23.44 32.56
CA VAL B 211 11.77 22.27 31.91
C VAL B 211 11.81 21.10 32.87
N GLU B 212 10.85 20.20 32.73
CA GLU B 212 10.77 19.01 33.57
C GLU B 212 11.63 17.88 33.03
N SER B 213 11.76 17.77 31.71
CA SER B 213 12.58 16.75 31.09
C SER B 213 12.95 17.22 29.70
N PHE B 214 13.87 16.50 29.07
CA PHE B 214 14.24 16.80 27.69
C PHE B 214 14.80 15.53 27.05
N ASP B 215 14.63 15.44 25.74
CA ASP B 215 15.19 14.37 24.95
C ASP B 215 15.87 14.97 23.73
N LEU B 216 16.88 14.26 23.23
CA LEU B 216 17.58 14.70 22.01
C LEU B 216 18.06 13.48 21.27
N THR B 217 17.50 13.23 20.09
CA THR B 217 17.89 12.09 19.26
C THR B 217 18.70 12.61 18.07
N ILE B 218 19.88 12.01 17.88
CA ILE B 218 20.66 12.19 16.66
C ILE B 218 20.50 10.92 15.83
N ASN B 219 19.81 11.04 14.69
CA ASN B 219 19.49 9.91 13.83
C ASN B 219 20.29 10.05 12.54
N HIS B 220 21.18 9.10 12.28
CA HIS B 220 22.07 9.16 11.13
C HIS B 220 21.51 8.48 9.89
N ASN B 221 20.35 7.83 9.99
CA ASN B 221 19.69 7.20 8.85
C ASN B 221 20.67 6.38 8.02
N LEU B 222 21.26 5.37 8.66
CA LEU B 222 22.14 4.46 7.93
C LEU B 222 21.33 3.66 6.93
N ASN B 223 21.95 3.39 5.78
CA ASN B 223 21.35 2.53 4.77
C ASN B 223 21.69 1.09 5.13
N THR B 224 20.71 0.37 5.68
CA THR B 224 20.93 -0.98 6.19
C THR B 224 20.41 -2.05 5.23
N ASN B 225 20.53 -1.82 3.92
CA ASN B 225 19.96 -2.74 2.94
C ASN B 225 20.85 -2.89 1.72
N ARG B 226 22.15 -2.61 1.85
CA ARG B 226 23.08 -2.78 0.74
C ARG B 226 23.55 -4.23 0.76
N TYR B 227 22.87 -5.07 -0.01
CA TYR B 227 23.20 -6.48 -0.11
C TYR B 227 23.70 -6.80 -1.51
N ARG B 228 24.36 -7.95 -1.60
CA ARG B 228 25.12 -8.36 -2.77
C ARG B 228 24.73 -9.78 -3.11
N LEU B 229 24.98 -10.20 -4.35
CA LEU B 229 24.68 -11.56 -4.70
C LEU B 229 25.55 -12.53 -3.95
N GLY B 230 26.88 -12.44 -4.02
CA GLY B 230 27.73 -13.48 -3.50
C GLY B 230 27.94 -13.48 -2.01
N SER B 231 27.07 -12.82 -1.24
CA SER B 231 27.29 -12.66 0.18
C SER B 231 25.96 -12.58 0.90
N ILE B 232 25.96 -13.02 2.16
CA ILE B 232 24.79 -12.90 3.02
C ILE B 232 24.87 -11.67 3.92
N TYR B 233 25.97 -10.94 3.89
CA TYR B 233 26.20 -9.81 4.78
C TYR B 233 25.93 -8.49 4.07
N ARG B 234 25.62 -7.48 4.86
CA ARG B 234 25.56 -6.12 4.36
C ARG B 234 26.93 -5.70 3.84
N GLN B 235 26.94 -4.96 2.74
CA GLN B 235 28.18 -4.54 2.14
C GLN B 235 28.61 -3.15 2.57
N SER B 236 27.76 -2.43 3.30
CA SER B 236 28.11 -1.13 3.82
C SER B 236 26.99 -0.69 4.76
N LEU B 237 27.27 0.36 5.52
CA LEU B 237 26.27 1.03 6.35
C LEU B 237 26.37 2.52 6.04
N ASP B 238 25.91 2.90 4.85
CA ASP B 238 26.07 4.27 4.37
C ASP B 238 25.17 5.20 5.17
N GLU B 239 25.77 6.25 5.74
CA GLU B 239 25.03 7.21 6.56
C GLU B 239 24.38 8.25 5.67
N GLY B 240 23.07 8.43 5.84
CA GLY B 240 22.31 9.41 5.11
C GLY B 240 22.45 10.79 5.68
N VAL B 241 21.32 11.49 5.79
CA VAL B 241 21.30 12.81 6.39
C VAL B 241 20.94 12.69 7.86
N THR B 242 21.65 13.41 8.71
CA THR B 242 21.45 13.31 10.15
C THR B 242 20.24 14.14 10.55
N GLU B 243 19.25 13.50 11.17
CA GLU B 243 18.08 14.15 11.71
C GLU B 243 18.28 14.34 13.20
N VAL B 244 18.32 15.59 13.65
CA VAL B 244 18.48 15.92 15.06
C VAL B 244 17.17 16.53 15.52
N THR B 245 16.37 15.75 16.23
CA THR B 245 15.11 16.18 16.81
C THR B 245 15.22 16.11 18.33
N GLY B 246 14.14 16.50 19.01
CA GLY B 246 14.16 16.47 20.45
C GLY B 246 12.84 16.90 21.02
N THR B 247 12.81 17.01 22.34
CA THR B 247 11.59 17.36 23.07
C THR B 247 12.01 17.94 24.41
N PHE B 248 11.11 18.72 25.01
CA PHE B 248 11.25 19.08 26.41
C PHE B 248 9.88 19.42 26.97
N THR B 249 9.62 18.92 28.18
CA THR B 249 8.37 19.14 28.87
C THR B 249 8.49 20.35 29.78
N LEU B 250 7.50 21.24 29.73
CA LEU B 250 7.49 22.42 30.58
C LEU B 250 6.06 22.91 30.69
N ASP B 251 5.86 23.94 31.51
CA ASP B 251 4.53 24.47 31.71
C ASP B 251 4.22 25.50 30.63
N ALA B 252 2.95 25.85 30.48
CA ALA B 252 2.50 26.86 29.53
C ALA B 252 2.71 28.25 30.09
N ALA B 253 3.22 29.15 29.25
CA ALA B 253 3.45 30.54 29.62
C ALA B 253 4.47 30.64 30.74
N VAL B 254 5.60 29.97 30.56
CA VAL B 254 6.65 29.95 31.57
C VAL B 254 7.54 31.17 31.41
N LYS B 255 7.98 31.71 32.54
CA LYS B 255 9.02 32.73 32.56
C LYS B 255 10.39 32.06 32.61
N SER B 256 11.41 32.83 32.24
CA SER B 256 12.77 32.33 32.28
C SER B 256 13.33 32.39 33.69
N ILE B 257 14.08 31.36 34.07
CA ILE B 257 14.72 31.35 35.38
C ILE B 257 15.81 32.40 35.45
N SER B 258 16.62 32.49 34.40
CA SER B 258 17.72 33.45 34.37
C SER B 258 17.89 33.92 32.93
N GLY B 259 18.59 35.04 32.78
CA GLY B 259 18.80 35.62 31.48
C GLY B 259 17.72 36.62 31.13
N PRO B 260 17.63 37.01 29.87
CA PRO B 260 16.59 37.95 29.46
C PRO B 260 15.21 37.31 29.54
N ALA B 261 14.20 38.17 29.53
CA ALA B 261 12.83 37.69 29.51
C ALA B 261 12.51 37.06 28.16
N LEU B 262 11.64 36.04 28.20
CA LEU B 262 11.22 35.39 26.97
C LEU B 262 10.33 36.32 26.17
N ASN B 263 10.92 37.07 25.25
CA ASN B 263 10.19 38.06 24.47
C ASN B 263 10.84 38.14 23.10
N LEU B 264 10.08 37.85 22.06
CA LEU B 264 10.60 37.81 20.70
C LEU B 264 11.03 39.17 20.19
N THR B 265 10.92 40.23 20.99
CA THR B 265 11.35 41.56 20.59
C THR B 265 12.54 42.06 21.39
N GLY B 266 13.01 41.30 22.37
CA GLY B 266 14.10 41.73 23.21
C GLY B 266 13.70 42.64 24.35
N GLY B 267 12.41 42.92 24.52
CA GLY B 267 11.95 43.77 25.59
C GLY B 267 12.10 43.10 26.94
N THR B 268 11.68 43.82 27.97
CA THR B 268 11.72 43.33 29.33
C THR B 268 10.45 42.62 29.75
N ALA B 269 9.34 42.90 29.08
CA ALA B 269 8.07 42.28 29.44
C ALA B 269 8.04 40.82 29.03
N HIS B 270 7.45 39.99 29.89
CA HIS B 270 7.34 38.56 29.61
C HIS B 270 6.25 38.31 28.58
N ASP B 271 6.49 37.33 27.72
CA ASP B 271 5.56 36.98 26.66
C ASP B 271 4.90 35.65 26.99
N PRO B 272 3.61 35.63 27.37
CA PRO B 272 2.99 34.36 27.76
C PRO B 272 2.75 33.40 26.61
N ALA B 273 2.77 33.87 25.36
CA ALA B 273 2.63 33.01 24.20
C ALA B 273 3.94 32.86 23.45
N PHE B 274 5.06 32.89 24.18
CA PHE B 274 6.37 32.88 23.55
C PHE B 274 6.57 31.65 22.67
N LEU B 275 6.46 30.46 23.27
CA LEU B 275 6.72 29.25 22.51
C LEU B 275 5.63 28.99 21.48
N GLU B 276 4.39 29.33 21.83
CA GLU B 276 3.31 29.18 20.87
C GLU B 276 3.54 30.06 19.65
N LYS B 277 3.99 31.30 19.87
CA LYS B 277 4.26 32.19 18.76
C LYS B 277 5.50 31.77 17.98
N VAL B 278 6.49 31.20 18.67
CA VAL B 278 7.66 30.69 17.96
C VAL B 278 7.26 29.56 17.03
N ALA B 279 6.40 28.66 17.50
CA ALA B 279 5.93 27.58 16.64
C ALA B 279 4.98 28.07 15.55
N LEU B 280 4.20 29.12 15.82
CA LEU B 280 3.19 29.58 14.88
C LEU B 280 3.74 30.50 13.82
N TYR B 281 4.83 31.21 14.08
CA TYR B 281 5.46 32.08 13.11
C TYR B 281 6.66 31.42 12.43
N GLY B 282 6.90 30.14 12.70
CA GLY B 282 8.00 29.45 12.03
C GLY B 282 9.33 30.10 12.29
N LYS B 283 9.55 30.60 13.51
CA LYS B 283 10.81 31.20 13.86
C LYS B 283 11.83 30.14 14.25
N TYR B 284 13.11 30.49 14.15
CA TYR B 284 14.19 29.62 14.55
C TYR B 284 14.72 30.08 15.90
N ALA B 285 14.77 29.15 16.84
CA ALA B 285 15.33 29.39 18.16
C ALA B 285 16.71 28.76 18.26
N ALA B 286 17.42 29.09 19.33
CA ALA B 286 18.74 28.53 19.61
C ALA B 286 18.67 27.86 20.97
N LEU B 287 18.73 26.53 20.99
CA LEU B 287 18.74 25.78 22.23
C LEU B 287 20.16 25.61 22.75
N LYS B 288 20.26 25.28 24.03
CA LYS B 288 21.52 24.92 24.64
C LYS B 288 21.21 24.02 25.82
N LEU B 289 21.53 22.74 25.69
CA LEU B 289 21.41 21.78 26.78
C LEU B 289 22.78 21.65 27.43
N GLU B 290 22.89 22.05 28.69
CA GLU B 290 24.17 22.14 29.37
C GLU B 290 24.12 21.43 30.70
N PHE B 291 25.14 20.62 30.97
CA PHE B 291 25.36 19.99 32.26
C PHE B 291 26.66 20.52 32.83
N ILE B 292 26.63 21.08 34.03
CA ILE B 292 27.80 21.63 34.69
C ILE B 292 28.00 20.91 36.00
N ASP B 293 29.23 20.49 36.27
CA ASP B 293 29.62 19.89 37.54
C ASP B 293 30.58 20.82 38.26
N PRO B 294 30.09 21.73 39.11
CA PRO B 294 31.00 22.70 39.73
C PRO B 294 31.97 22.06 40.71
N THR B 295 31.59 20.94 41.34
CA THR B 295 32.48 20.29 42.28
C THR B 295 33.77 19.80 41.62
N ARG B 296 33.75 19.60 40.30
CA ARG B 296 34.88 19.07 39.57
C ARG B 296 35.37 20.12 38.59
N GLU B 297 36.68 20.33 38.56
CA GLU B 297 37.29 21.41 37.78
C GLU B 297 38.36 20.83 36.88
N VAL B 298 38.42 21.31 35.64
CA VAL B 298 39.42 20.83 34.70
C VAL B 298 40.65 21.73 34.73
N ALA B 299 40.45 23.03 34.83
CA ALA B 299 41.52 23.99 34.97
C ALA B 299 41.45 24.63 36.35
N GLU B 300 42.07 25.78 36.52
CA GLU B 300 42.06 26.46 37.82
C GLU B 300 40.64 26.75 38.27
N GLY B 301 39.80 27.23 37.35
CA GLY B 301 38.42 27.54 37.63
C GLY B 301 37.44 27.10 36.57
N VAL B 302 37.79 26.10 35.77
CA VAL B 302 36.92 25.62 34.69
C VAL B 302 36.25 24.34 35.14
N PRO B 303 34.92 24.29 35.25
CA PRO B 303 34.27 23.06 35.71
C PRO B 303 34.05 22.06 34.58
N CYS B 304 33.98 20.79 34.98
CA CYS B 304 33.59 19.75 34.02
C CYS B 304 32.20 20.04 33.51
N ARG B 305 31.98 19.83 32.21
CA ARG B 305 30.79 20.35 31.57
C ARG B 305 30.51 19.57 30.29
N LEU B 306 29.23 19.29 30.06
CA LEU B 306 28.76 18.73 28.81
C LEU B 306 27.71 19.67 28.23
N THR B 307 28.00 20.24 27.07
CA THR B 307 27.13 21.22 26.43
C THR B 307 26.73 20.72 25.05
N ILE B 308 25.47 20.96 24.69
CA ILE B 308 24.93 20.63 23.38
C ILE B 308 24.35 21.90 22.80
N HIS B 309 24.99 22.42 21.76
CA HIS B 309 24.54 23.64 21.09
C HIS B 309 23.69 23.27 19.89
N LEU B 310 22.51 23.87 19.81
CA LEU B 310 21.60 23.73 18.66
C LEU B 310 21.26 25.14 18.20
N PRO B 311 22.13 25.76 17.41
CA PRO B 311 21.94 27.19 17.10
C PRO B 311 20.69 27.50 16.31
N PHE B 312 20.12 26.53 15.58
CA PHE B 312 18.93 26.77 14.78
C PHE B 312 17.97 25.61 15.00
N VAL B 313 16.81 25.92 15.55
CA VAL B 313 15.84 24.92 15.95
C VAL B 313 14.45 25.44 15.63
N ARG B 314 13.58 24.55 15.16
CA ARG B 314 12.19 24.88 14.87
C ARG B 314 11.27 24.09 15.76
N LEU B 315 10.50 24.79 16.59
CA LEU B 315 9.55 24.17 17.48
C LEU B 315 8.27 23.81 16.74
N GLU B 316 7.57 22.81 17.27
CA GLU B 316 6.24 22.45 16.83
C GLU B 316 5.24 22.97 17.87
N GLU B 317 3.96 22.95 17.51
CA GLU B 317 2.94 23.48 18.40
C GLU B 317 3.15 22.89 19.80
N PRO B 318 3.49 23.70 20.80
CA PRO B 318 4.00 23.15 22.06
C PRO B 318 3.10 22.15 22.77
N ASP B 319 1.87 21.94 22.34
CA ASP B 319 1.00 20.93 22.96
C ASP B 319 0.63 21.34 24.38
N PHE B 320 0.10 22.55 24.52
CA PHE B 320 -0.35 23.06 25.81
C PHE B 320 -1.86 22.90 25.92
N GLN B 321 -2.29 21.66 26.00
CA GLN B 321 -3.70 21.32 26.06
C GLN B 321 -4.25 21.57 27.45
N VAL B 322 -5.48 22.07 27.51
CA VAL B 322 -6.18 22.26 28.77
C VAL B 322 -6.89 20.94 29.09
N ARG B 323 -6.23 20.10 29.87
CA ARG B 323 -6.74 18.77 30.18
C ARG B 323 -7.59 18.72 31.44
N ASP B 324 -7.40 19.67 32.34
CA ASP B 324 -8.06 19.64 33.64
C ASP B 324 -7.82 21.00 34.29
N PRO B 325 -8.36 21.27 35.49
CA PRO B 325 -8.22 22.61 36.07
C PRO B 325 -6.88 22.86 36.77
N GLY B 326 -5.90 21.99 36.61
CA GLY B 326 -4.59 22.18 37.20
C GLY B 326 -3.69 23.04 36.34
N VAL B 327 -2.40 22.84 36.48
CA VAL B 327 -1.41 23.59 35.71
C VAL B 327 -1.36 23.02 34.30
N ILE B 328 -1.34 23.91 33.31
CA ILE B 328 -1.25 23.51 31.91
C ILE B 328 0.21 23.19 31.60
N THR B 329 0.49 21.93 31.31
CA THR B 329 1.83 21.46 31.00
C THR B 329 1.79 20.77 29.65
N GLY B 330 2.94 20.70 28.98
CA GLY B 330 3.00 20.04 27.69
C GLY B 330 4.43 19.84 27.27
N SER B 331 4.60 19.16 26.14
CA SER B 331 5.90 18.86 25.58
C SER B 331 6.07 19.62 24.27
N ALA B 332 7.22 20.27 24.11
CA ALA B 332 7.55 21.03 22.92
C ALA B 332 8.58 20.26 22.11
N ARG B 333 8.15 19.67 21.01
CA ARG B 333 9.06 19.00 20.10
C ARG B 333 9.75 20.02 19.20
N PHE B 334 10.90 19.63 18.66
CA PHE B 334 11.65 20.51 17.80
C PHE B 334 12.54 19.69 16.87
N ASN B 335 13.00 20.34 15.81
CA ASN B 335 13.96 19.78 14.87
C ASN B 335 15.11 20.76 14.73
N ALA B 336 16.33 20.27 14.89
CA ALA B 336 17.53 21.09 14.73
C ALA B 336 17.86 21.16 13.25
N TYR B 337 18.46 22.26 12.81
CA TYR B 337 18.53 22.52 11.37
C TYR B 337 19.96 22.57 10.86
N GLU B 338 20.68 23.64 11.17
CA GLU B 338 21.95 23.90 10.49
C GLU B 338 23.08 23.02 11.00
N THR B 339 23.42 23.12 12.28
CA THR B 339 24.55 22.39 12.83
C THR B 339 24.19 21.91 14.23
N ILE B 340 24.92 20.91 14.70
CA ILE B 340 24.87 20.46 16.08
C ILE B 340 26.31 20.39 16.58
N SER B 341 26.55 20.88 17.79
CA SER B 341 27.88 20.90 18.37
C SER B 341 27.79 20.46 19.81
N VAL B 342 28.54 19.42 20.17
CA VAL B 342 28.61 18.92 21.53
C VAL B 342 30.02 19.21 22.05
N THR B 343 30.11 19.93 23.16
CA THR B 343 31.37 20.18 23.83
C THR B 343 31.41 19.38 25.12
N HIS B 344 32.54 18.73 25.37
CA HIS B 344 32.72 17.93 26.57
C HIS B 344 34.00 18.37 27.26
N VAL B 345 33.86 18.98 28.43
CA VAL B 345 34.98 19.36 29.28
C VAL B 345 34.96 18.41 30.46
N ALA B 346 36.02 17.62 30.60
CA ALA B 346 36.05 16.59 31.62
C ALA B 346 37.48 16.24 31.96
N LYS B 347 37.69 15.80 33.19
CA LYS B 347 38.99 15.32 33.65
C LYS B 347 38.87 13.83 33.97
N PHE B 348 39.85 13.06 33.51
CA PHE B 348 39.83 11.62 33.69
C PHE B 348 40.98 11.17 34.60
N MET C 1 -28.49 -14.40 31.50
CA MET C 1 -27.62 -15.52 31.07
C MET C 1 -26.29 -15.46 31.80
N ARG C 2 -25.87 -16.59 32.35
CA ARG C 2 -24.56 -16.75 32.93
C ARG C 2 -23.78 -17.77 32.11
N GLY C 3 -22.46 -17.70 32.22
CA GLY C 3 -21.62 -18.65 31.49
C GLY C 3 -21.96 -20.09 31.83
N VAL C 4 -22.36 -20.36 33.06
CA VAL C 4 -22.70 -21.72 33.46
C VAL C 4 -23.99 -22.20 32.82
N ASP C 5 -24.79 -21.29 32.29
CA ASP C 5 -26.03 -21.64 31.61
C ASP C 5 -25.82 -22.09 30.17
N THR C 6 -24.59 -22.05 29.67
CA THR C 6 -24.28 -22.35 28.29
C THR C 6 -23.56 -23.67 28.17
N PHE C 7 -23.79 -24.36 27.06
CA PHE C 7 -23.07 -25.57 26.72
C PHE C 7 -22.45 -25.41 25.34
N LEU C 8 -21.31 -26.05 25.15
CA LEU C 8 -20.64 -26.12 23.86
C LEU C 8 -20.66 -27.57 23.38
N ALA C 9 -20.82 -27.75 22.09
CA ALA C 9 -20.83 -29.09 21.52
C ALA C 9 -20.28 -29.04 20.11
N PHE C 10 -19.34 -29.93 19.81
CA PHE C 10 -18.82 -30.10 18.47
C PHE C 10 -19.37 -31.41 17.92
N LYS C 11 -19.76 -31.40 16.65
CA LYS C 11 -20.33 -32.58 16.02
C LYS C 11 -19.75 -32.68 14.61
N GLU C 12 -19.00 -33.74 14.36
CA GLU C 12 -18.39 -33.94 13.05
C GLU C 12 -19.48 -34.21 12.03
N GLN C 13 -19.58 -33.34 11.03
CA GLN C 13 -20.55 -33.49 9.97
C GLN C 13 -19.92 -34.14 8.75
N ALA C 14 -20.77 -34.77 7.94
CA ALA C 14 -20.29 -35.53 6.79
C ALA C 14 -19.69 -34.62 5.73
N ASP C 15 -20.49 -33.69 5.22
CA ASP C 15 -20.05 -32.71 4.24
C ASP C 15 -19.94 -31.34 4.87
N LEU C 16 -19.18 -30.46 4.22
CA LEU C 16 -19.01 -29.11 4.73
C LEU C 16 -20.31 -28.31 4.72
N LYS C 17 -21.26 -28.65 3.85
CA LYS C 17 -22.44 -27.84 3.64
C LYS C 17 -23.69 -28.42 4.28
N THR C 18 -23.57 -29.46 5.10
CA THR C 18 -24.72 -30.08 5.74
C THR C 18 -24.57 -30.03 7.25
N PRO C 19 -25.26 -29.14 7.96
CA PRO C 19 -25.10 -29.06 9.41
C PRO C 19 -25.54 -30.32 10.10
N ALA C 20 -24.92 -30.59 11.25
CA ALA C 20 -25.39 -31.67 12.10
C ALA C 20 -26.66 -31.25 12.80
N THR C 21 -27.54 -32.22 13.03
CA THR C 21 -28.81 -31.94 13.66
C THR C 21 -28.66 -31.87 15.18
N LEU C 22 -29.47 -31.01 15.80
CA LEU C 22 -29.48 -30.90 17.24
C LEU C 22 -29.91 -32.20 17.92
N ALA C 23 -30.60 -33.08 17.18
CA ALA C 23 -31.06 -34.34 17.73
C ALA C 23 -29.97 -35.40 17.76
N SER C 24 -28.86 -35.18 17.05
CA SER C 24 -27.80 -36.17 16.99
C SER C 24 -26.79 -36.04 18.13
N LEU C 25 -26.79 -34.93 18.84
CA LEU C 25 -25.84 -34.74 19.93
C LEU C 25 -25.99 -35.84 20.96
N ALA C 26 -24.85 -36.33 21.45
CA ALA C 26 -24.83 -37.43 22.42
C ALA C 26 -23.65 -37.22 23.34
N ALA C 27 -23.29 -38.27 24.08
CA ALA C 27 -22.15 -38.20 24.99
C ALA C 27 -20.85 -38.06 24.20
N GLY C 28 -19.95 -37.24 24.70
CA GLY C 28 -18.71 -36.96 24.03
C GLY C 28 -18.75 -35.77 23.10
N ASP C 29 -19.96 -35.33 22.71
CA ASP C 29 -20.07 -34.15 21.86
C ASP C 29 -19.98 -32.86 22.68
N PHE C 30 -20.37 -32.90 23.95
CA PHE C 30 -20.37 -31.73 24.79
C PHE C 30 -19.01 -31.58 25.47
N LEU C 31 -18.45 -30.38 25.38
CA LEU C 31 -17.12 -30.09 25.89
C LEU C 31 -17.18 -28.95 26.89
N ALA C 32 -16.38 -29.04 27.94
CA ALA C 32 -16.22 -27.95 28.88
C ALA C 32 -15.12 -27.02 28.39
N PHE C 33 -15.43 -25.72 28.32
CA PHE C 33 -14.54 -24.75 27.72
C PHE C 33 -14.28 -23.63 28.71
N ASN C 34 -13.16 -22.94 28.52
CA ASN C 34 -12.87 -21.76 29.33
C ASN C 34 -13.62 -20.55 28.81
N SER C 35 -13.77 -20.45 27.49
CA SER C 35 -14.39 -19.31 26.86
C SER C 35 -14.58 -19.59 25.39
N GLU C 36 -15.62 -19.00 24.80
CA GLU C 36 -15.86 -19.11 23.37
C GLU C 36 -16.24 -17.73 22.84
N SER C 37 -15.74 -17.41 21.65
CA SER C 37 -16.07 -16.16 20.98
C SER C 37 -16.48 -16.39 19.53
N LEU C 38 -17.29 -17.42 19.26
CA LEU C 38 -17.76 -17.67 17.92
C LEU C 38 -18.90 -16.73 17.58
N SER C 39 -18.82 -16.10 16.41
CA SER C 39 -19.84 -15.16 15.97
C SER C 39 -19.86 -15.12 14.46
N GLY C 40 -20.99 -14.67 13.92
CA GLY C 40 -21.13 -14.44 12.50
C GLY C 40 -21.08 -12.97 12.17
N ARG C 41 -20.76 -12.67 10.91
CA ARG C 41 -20.67 -11.31 10.44
C ARG C 41 -21.14 -11.29 8.99
N GLN C 42 -22.07 -10.39 8.68
CA GLN C 42 -22.53 -10.22 7.31
C GLN C 42 -22.10 -8.86 6.78
N GLN C 43 -21.81 -8.82 5.48
CA GLN C 43 -21.43 -7.59 4.82
C GLN C 43 -22.68 -6.81 4.42
N VAL C 44 -22.58 -5.49 4.46
CA VAL C 44 -23.64 -4.59 4.01
C VAL C 44 -23.12 -3.87 2.79
N ILE C 45 -23.83 -4.02 1.67
CA ILE C 45 -23.45 -3.42 0.40
C ILE C 45 -24.27 -2.15 0.20
N GLN C 46 -23.58 -1.05 -0.08
CA GLN C 46 -24.23 0.21 -0.41
C GLN C 46 -24.19 0.42 -1.92
N SER C 47 -25.27 0.99 -2.46
CA SER C 47 -25.31 1.29 -3.88
C SER C 47 -24.39 2.47 -4.18
N ARG C 48 -23.66 2.37 -5.28
CA ARG C 48 -22.73 3.41 -5.68
C ARG C 48 -23.38 4.51 -6.50
N ALA C 49 -24.67 4.37 -6.82
CA ALA C 49 -25.37 5.42 -7.55
C ALA C 49 -25.36 6.71 -6.75
N ILE C 50 -25.08 7.83 -7.43
CA ILE C 50 -25.04 9.11 -6.75
C ILE C 50 -26.45 9.52 -6.36
N ARG C 51 -26.59 10.04 -5.14
CA ARG C 51 -27.88 10.48 -4.64
C ARG C 51 -27.67 11.50 -3.54
N ARG C 52 -28.44 12.58 -3.59
CA ARG C 52 -28.42 13.55 -2.52
C ARG C 52 -29.11 12.96 -1.30
N MET C 53 -28.39 12.86 -0.19
CA MET C 53 -28.89 12.18 0.99
C MET C 53 -28.06 12.59 2.19
N PRO C 54 -28.67 13.01 3.30
CA PRO C 54 -27.86 13.34 4.48
C PRO C 54 -27.23 12.12 5.13
N MET C 55 -27.96 11.01 5.24
CA MET C 55 -27.45 9.76 5.78
C MET C 55 -27.67 8.66 4.76
N ARG C 56 -27.24 7.42 5.12
CA ARG C 56 -27.42 6.24 4.26
C ARG C 56 -28.84 5.70 4.29
N GLN C 57 -29.47 5.50 3.16
CA GLN C 57 -30.87 5.17 3.03
C GLN C 57 -31.05 3.66 2.96
N ILE C 58 -32.19 3.20 3.50
CA ILE C 58 -32.46 1.77 3.59
C ILE C 58 -32.69 1.17 2.22
N ALA C 59 -33.29 1.93 1.30
CA ALA C 59 -33.68 1.38 0.01
C ALA C 59 -32.50 1.06 -0.89
N TYR C 60 -31.29 1.49 -0.54
CA TYR C 60 -30.14 1.36 -1.42
C TYR C 60 -29.03 0.55 -0.78
N THR C 61 -29.37 -0.28 0.21
CA THR C 61 -28.43 -1.20 0.82
C THR C 61 -28.85 -2.63 0.53
N ALA C 62 -27.86 -3.52 0.45
CA ALA C 62 -28.11 -4.93 0.27
C ALA C 62 -27.17 -5.72 1.18
N ASN C 63 -27.59 -6.93 1.55
CA ASN C 63 -26.80 -7.77 2.41
C ASN C 63 -25.76 -8.52 1.59
N GLY C 64 -24.51 -8.44 2.01
CA GLY C 64 -23.41 -9.05 1.29
C GLY C 64 -23.06 -10.42 1.82
N THR C 65 -21.79 -10.78 1.67
CA THR C 65 -21.36 -12.12 2.04
C THR C 65 -21.30 -12.26 3.56
N VAL C 66 -21.22 -13.50 4.01
CA VAL C 66 -21.32 -13.85 5.42
C VAL C 66 -20.04 -14.55 5.85
N GLU C 67 -19.52 -14.13 7.00
CA GLU C 67 -18.40 -14.80 7.66
C GLU C 67 -18.89 -15.41 8.96
N ALA C 68 -18.11 -16.35 9.49
CA ALA C 68 -18.41 -16.93 10.78
C ALA C 68 -17.12 -17.50 11.37
N GLY C 69 -17.20 -17.87 12.64
CA GLY C 69 -16.08 -18.44 13.35
C GLY C 69 -15.63 -17.57 14.50
N GLY C 70 -14.60 -18.05 15.19
CA GLY C 70 -14.09 -17.36 16.35
C GLY C 70 -13.08 -18.23 17.07
N ALA C 71 -12.93 -17.97 18.36
CA ALA C 71 -11.99 -18.72 19.18
C ALA C 71 -12.72 -19.47 20.28
N VAL C 72 -12.16 -20.60 20.68
CA VAL C 72 -12.63 -21.35 21.83
C VAL C 72 -11.41 -21.79 22.62
N GLU C 73 -11.43 -21.56 23.93
CA GLU C 73 -10.33 -21.94 24.78
C GLU C 73 -10.79 -23.18 25.51
N PHE C 74 -9.92 -24.15 25.74
CA PHE C 74 -10.18 -25.36 26.49
C PHE C 74 -9.08 -25.58 27.50
N THR C 75 -9.40 -26.33 28.55
CA THR C 75 -8.39 -26.89 29.43
C THR C 75 -8.08 -28.30 28.94
N THR C 76 -7.01 -28.44 28.17
CA THR C 76 -6.65 -29.73 27.60
C THR C 76 -6.77 -30.83 28.65
N SER C 77 -7.68 -31.76 28.40
CA SER C 77 -7.98 -32.81 29.37
C SER C 77 -8.17 -34.12 28.63
N ASN C 78 -8.44 -35.17 29.41
CA ASN C 78 -8.75 -36.48 28.88
C ASN C 78 -9.63 -36.41 27.64
N TYR C 79 -10.88 -35.98 27.82
CA TYR C 79 -11.86 -36.05 26.75
C TYR C 79 -11.76 -34.90 25.78
N VAL C 80 -11.32 -33.73 26.24
CA VAL C 80 -11.12 -32.61 25.32
C VAL C 80 -10.19 -33.02 24.19
N LEU C 81 -9.08 -33.68 24.52
CA LEU C 81 -8.14 -34.11 23.49
C LEU C 81 -8.75 -35.19 22.61
N LYS C 82 -9.40 -36.17 23.22
CA LYS C 82 -10.06 -37.22 22.44
C LYS C 82 -10.98 -36.63 21.39
N LYS C 83 -11.66 -35.53 21.74
CA LYS C 83 -12.59 -34.91 20.80
C LYS C 83 -11.86 -34.05 19.77
N LEU C 84 -10.88 -33.28 20.21
CA LEU C 84 -10.34 -32.19 19.39
C LEU C 84 -9.14 -32.59 18.55
N LEU C 85 -8.32 -33.53 19.00
CA LEU C 85 -7.15 -33.91 18.20
C LEU C 85 -7.55 -34.45 16.84
N PRO C 86 -8.60 -35.25 16.69
CA PRO C 86 -9.05 -35.61 15.34
C PRO C 86 -9.47 -34.44 14.49
N LEU C 87 -9.84 -33.31 15.10
CA LEU C 87 -10.23 -32.13 14.36
C LEU C 87 -9.07 -31.25 13.95
N ILE C 88 -7.89 -31.44 14.55
CA ILE C 88 -6.75 -30.57 14.31
C ILE C 88 -5.80 -31.22 13.30
N PHE C 89 -5.76 -32.55 13.27
CA PHE C 89 -4.82 -33.28 12.44
C PHE C 89 -5.56 -34.04 11.35
N HIS C 90 -4.79 -34.51 10.37
CA HIS C 90 -5.35 -35.16 9.19
C HIS C 90 -5.56 -36.65 9.39
N SER C 91 -4.65 -37.33 10.08
CA SER C 91 -4.72 -38.77 10.25
C SER C 91 -4.66 -39.12 11.73
N LYS C 92 -5.14 -40.33 12.04
CA LYS C 92 -5.07 -40.89 13.37
C LYS C 92 -4.85 -42.39 13.24
N THR C 93 -3.89 -42.93 13.98
CA THR C 93 -3.63 -44.35 14.01
C THR C 93 -3.67 -44.84 15.44
N GLY C 94 -4.45 -45.88 15.69
CA GLY C 94 -4.55 -46.46 17.01
C GLY C 94 -5.65 -45.84 17.84
N GLN C 95 -5.85 -46.41 19.02
CA GLN C 95 -6.81 -45.91 20.00
C GLN C 95 -6.05 -45.43 21.22
N GLU C 96 -6.48 -44.31 21.80
CA GLU C 96 -5.80 -43.77 22.97
C GLU C 96 -5.76 -44.78 24.09
N ASP C 97 -6.89 -45.40 24.39
CA ASP C 97 -7.01 -46.37 25.48
C ASP C 97 -6.63 -47.78 25.05
N ASP C 98 -5.85 -47.94 24.00
CA ASP C 98 -5.40 -49.25 23.59
C ASP C 98 -4.72 -49.95 24.78
N PRO C 99 -4.92 -51.26 24.96
CA PRO C 99 -4.34 -51.91 26.15
C PRO C 99 -2.84 -52.07 26.07
N ASP C 100 -2.26 -52.11 24.87
CA ASP C 100 -0.81 -52.25 24.76
C ASP C 100 -0.08 -51.00 25.21
N GLY C 101 -0.76 -49.85 25.24
CA GLY C 101 -0.17 -48.64 25.77
C GLY C 101 0.53 -47.77 24.75
N ASP C 102 0.19 -47.89 23.48
CA ASP C 102 0.79 -47.06 22.44
C ASP C 102 -0.03 -45.83 22.11
N GLY C 103 -1.27 -45.74 22.59
CA GLY C 103 -2.07 -44.57 22.33
C GLY C 103 -2.30 -44.35 20.85
N ALA C 104 -2.90 -43.21 20.56
CA ALA C 104 -3.21 -42.81 19.19
C ALA C 104 -2.25 -41.71 18.75
N THR C 105 -1.77 -41.81 17.51
CA THR C 105 -0.84 -40.85 16.95
C THR C 105 -1.56 -40.03 15.89
N PHE C 106 -1.41 -38.71 15.98
CA PHE C 106 -2.05 -37.77 15.07
C PHE C 106 -0.96 -37.06 14.28
N THR C 107 -1.05 -37.09 12.97
CA THR C 107 -0.05 -36.48 12.10
C THR C 107 -0.75 -35.78 10.96
N LEU C 108 0.01 -34.95 10.26
CA LEU C 108 -0.43 -34.35 9.01
C LEU C 108 0.05 -35.23 7.85
N VAL C 109 -0.82 -35.44 6.87
CA VAL C 109 -0.49 -36.24 5.71
C VAL C 109 -0.51 -35.35 4.48
N ASN C 110 0.12 -35.83 3.42
CA ASN C 110 0.36 -35.02 2.23
C ASN C 110 -0.92 -34.40 1.69
N GLY C 111 -1.84 -35.22 1.22
CA GLY C 111 -3.10 -34.71 0.70
C GLY C 111 -4.19 -34.71 1.74
N GLY C 112 -3.80 -34.59 3.01
CA GLY C 112 -4.78 -34.65 4.08
C GLY C 112 -5.69 -33.45 4.11
N VAL C 113 -6.86 -33.66 4.71
CA VAL C 113 -7.89 -32.64 4.84
C VAL C 113 -8.37 -32.61 6.29
N LEU C 114 -9.02 -31.51 6.64
CA LEU C 114 -9.55 -31.34 7.98
C LEU C 114 -11.01 -31.76 8.04
N THR C 115 -11.41 -32.31 9.17
CA THR C 115 -12.79 -32.72 9.36
C THR C 115 -13.65 -31.49 9.61
N PRO C 116 -14.71 -31.26 8.84
CA PRO C 116 -15.67 -30.20 9.18
C PRO C 116 -16.61 -30.66 10.28
N PHE C 117 -17.02 -29.71 11.11
CA PHE C 117 -17.90 -30.02 12.22
C PHE C 117 -18.87 -28.87 12.41
N THR C 118 -19.91 -29.14 13.19
CA THR C 118 -20.90 -28.15 13.59
C THR C 118 -20.66 -27.83 15.06
N ALA C 119 -20.51 -26.55 15.37
CA ALA C 119 -20.32 -26.08 16.73
C ALA C 119 -21.65 -25.52 17.23
N PHE C 120 -22.18 -26.11 18.29
CA PHE C 120 -23.39 -25.64 18.94
C PHE C 120 -23.00 -24.88 20.21
N VAL C 121 -23.52 -23.67 20.35
CA VAL C 121 -23.37 -22.90 21.59
C VAL C 121 -24.78 -22.69 22.12
N GLY C 122 -25.23 -23.60 22.95
CA GLY C 122 -26.57 -23.54 23.47
C GLY C 122 -26.66 -22.78 24.76
N PHE C 123 -27.87 -22.30 25.05
CA PHE C 123 -28.13 -21.48 26.22
C PHE C 123 -29.36 -22.02 26.94
N ASP C 124 -29.59 -21.47 28.13
CA ASP C 124 -30.66 -21.95 28.99
C ASP C 124 -30.74 -20.99 30.16
N GLY C 125 -31.78 -21.15 30.98
CA GLY C 125 -31.91 -20.36 32.18
C GLY C 125 -33.21 -19.60 32.24
N PRO C 126 -33.25 -18.57 33.09
CA PRO C 126 -34.52 -17.84 33.27
C PRO C 126 -35.01 -17.17 32.02
N GLU C 127 -34.10 -16.71 31.16
CA GLU C 127 -34.51 -15.96 29.97
C GLU C 127 -35.21 -16.86 28.97
N GLY C 128 -34.66 -18.05 28.75
CA GLY C 128 -35.19 -18.96 27.75
C GLY C 128 -34.06 -19.77 27.14
N LYS C 129 -34.42 -20.58 26.16
CA LYS C 129 -33.50 -21.51 25.52
C LYS C 129 -33.30 -21.11 24.07
N TYR C 130 -32.04 -21.13 23.63
CA TYR C 130 -31.74 -21.00 22.21
C TYR C 130 -30.32 -21.45 21.98
N VAL C 131 -30.04 -21.88 20.76
CA VAL C 131 -28.77 -22.47 20.39
C VAL C 131 -28.22 -21.71 19.19
N ARG C 132 -27.02 -21.18 19.32
CA ARG C 132 -26.25 -20.72 18.17
C ARG C 132 -25.60 -21.92 17.51
N ARG C 133 -25.79 -22.05 16.21
CA ARG C 133 -25.22 -23.15 15.44
C ARG C 133 -24.28 -22.58 14.38
N PHE C 134 -23.04 -23.07 14.37
CA PHE C 134 -22.04 -22.65 13.41
C PHE C 134 -21.68 -23.88 12.60
N PHE C 135 -22.25 -23.99 11.40
CA PHE C 135 -22.07 -25.17 10.57
C PHE C 135 -20.90 -24.97 9.62
N GLY C 136 -20.37 -26.09 9.14
CA GLY C 136 -19.22 -26.03 8.26
C GLY C 136 -17.98 -25.50 8.93
N ALA C 137 -17.79 -25.78 10.21
CA ALA C 137 -16.66 -25.25 10.95
C ALA C 137 -15.42 -26.09 10.72
N LYS C 138 -14.27 -25.43 10.73
CA LYS C 138 -12.99 -26.10 10.66
C LYS C 138 -12.03 -25.42 11.62
N VAL C 139 -11.01 -26.14 12.04
CA VAL C 139 -10.00 -25.62 12.93
C VAL C 139 -8.95 -24.93 12.08
N ASN C 140 -8.82 -23.62 12.25
CA ASN C 140 -7.82 -22.84 11.53
C ASN C 140 -6.49 -22.83 12.27
N GLN C 141 -6.51 -22.63 13.58
CA GLN C 141 -5.31 -22.64 14.40
C GLN C 141 -5.61 -23.37 15.70
N ALA C 142 -4.54 -23.90 16.30
CA ALA C 142 -4.63 -24.58 17.59
C ALA C 142 -3.34 -24.31 18.33
N THR C 143 -3.44 -23.63 19.47
CA THR C 143 -2.29 -23.27 20.28
C THR C 143 -2.33 -24.06 21.59
N PHE C 144 -1.28 -24.85 21.83
CA PHE C 144 -1.07 -25.48 23.11
C PHE C 144 -0.19 -24.58 23.97
N SER C 145 -0.64 -24.27 25.18
CA SER C 145 0.07 -23.38 26.09
C SER C 145 0.27 -24.06 27.43
N ALA C 146 1.47 -23.97 27.97
CA ALA C 146 1.79 -24.48 29.30
C ALA C 146 2.51 -23.39 30.07
N ARG C 147 1.91 -22.94 31.16
CA ARG C 147 2.51 -22.01 32.10
C ARG C 147 2.71 -22.72 33.44
N VAL C 148 3.41 -22.06 34.34
CA VAL C 148 3.58 -22.59 35.69
C VAL C 148 2.35 -22.24 36.52
N ASN C 149 1.98 -23.14 37.42
CA ASN C 149 0.78 -22.99 38.25
C ASN C 149 -0.46 -22.89 37.38
N ASP C 150 -0.47 -23.66 36.30
CA ASP C 150 -1.59 -23.66 35.36
C ASP C 150 -1.77 -25.07 34.84
N MET C 151 -2.81 -25.26 34.04
CA MET C 151 -3.04 -26.50 33.33
C MET C 151 -2.78 -26.27 31.85
N LEU C 152 -2.54 -27.37 31.13
CA LEU C 152 -2.33 -27.27 29.69
C LEU C 152 -3.58 -26.73 29.02
N ASN C 153 -3.43 -25.60 28.35
CA ASN C 153 -4.54 -24.93 27.68
C ASN C 153 -4.46 -25.16 26.17
N LEU C 154 -5.63 -25.16 25.53
CA LEU C 154 -5.73 -25.29 24.09
C LEU C 154 -6.68 -24.25 23.57
N ASN C 155 -6.18 -23.36 22.71
CA ASN C 155 -6.96 -22.28 22.12
C ASN C 155 -7.16 -22.61 20.65
N LEU C 156 -8.39 -22.94 20.27
CA LEU C 156 -8.74 -23.18 18.89
C LEU C 156 -9.23 -21.91 18.23
N ASP C 157 -8.90 -21.75 16.95
CA ASP C 157 -9.43 -20.67 16.11
C ASP C 157 -10.22 -21.32 14.99
N VAL C 158 -11.53 -21.10 15.00
CA VAL C 158 -12.46 -21.82 14.14
C VAL C 158 -12.95 -20.91 13.04
N GLN C 159 -13.10 -21.46 11.83
CA GLN C 159 -13.68 -20.77 10.70
C GLN C 159 -14.89 -21.58 10.23
N ALA C 160 -16.06 -20.96 10.24
CA ALA C 160 -17.29 -21.62 9.84
C ALA C 160 -17.83 -21.00 8.56
N ILE C 161 -18.85 -21.65 8.02
CA ILE C 161 -19.50 -21.13 6.82
C ILE C 161 -20.55 -20.10 7.19
N GLY C 162 -21.36 -20.39 8.20
CA GLY C 162 -22.41 -19.48 8.60
C GLY C 162 -22.91 -19.79 9.99
N LYS C 163 -23.72 -18.87 10.49
CA LYS C 163 -24.34 -18.98 11.80
C LYS C 163 -25.86 -19.01 11.63
N ASP C 164 -26.53 -19.64 12.58
CA ASP C 164 -27.98 -19.55 12.65
C ASP C 164 -28.42 -19.87 14.07
N ILE C 165 -29.57 -19.34 14.43
CA ILE C 165 -30.12 -19.48 15.78
C ILE C 165 -31.26 -20.50 15.75
N LEU C 166 -31.35 -21.28 16.81
CA LEU C 166 -32.39 -22.30 16.95
C LEU C 166 -33.12 -22.05 18.26
N GLN C 167 -34.44 -22.19 18.23
CA GLN C 167 -35.26 -21.86 19.38
C GLN C 167 -36.42 -22.83 19.46
N PRO C 168 -37.01 -23.00 20.64
CA PRO C 168 -38.21 -23.83 20.74
C PRO C 168 -39.27 -23.40 19.74
N GLY C 169 -39.70 -24.35 18.92
CA GLY C 169 -40.66 -24.10 17.85
C GLY C 169 -40.05 -24.16 16.47
N ASP C 170 -38.73 -24.08 16.36
CA ASP C 170 -38.09 -24.25 15.08
C ASP C 170 -38.20 -25.71 14.63
N PRO C 171 -38.03 -25.98 13.33
CA PRO C 171 -38.19 -27.36 12.86
C PRO C 171 -37.16 -28.31 13.43
N GLY C 172 -35.89 -27.92 13.41
CA GLY C 172 -34.83 -28.79 13.87
C GLY C 172 -34.49 -28.63 15.34
N TRP C 173 -35.43 -28.09 16.12
CA TRP C 173 -35.18 -27.89 17.54
C TRP C 173 -35.42 -29.17 18.31
N VAL C 174 -34.49 -29.50 19.19
CA VAL C 174 -34.63 -30.60 20.13
C VAL C 174 -34.09 -30.12 21.47
N ASN C 175 -34.76 -30.51 22.55
CA ASN C 175 -34.31 -30.14 23.89
C ASN C 175 -33.16 -31.06 24.29
N VAL C 176 -31.94 -30.58 24.12
CA VAL C 176 -30.75 -31.37 24.42
C VAL C 176 -30.39 -31.16 25.87
N THR C 177 -29.87 -32.21 26.50
CA THR C 177 -29.33 -32.15 27.84
C THR C 177 -27.84 -32.40 27.78
N PRO C 178 -26.99 -31.42 28.09
CA PRO C 178 -25.54 -31.66 28.05
C PRO C 178 -25.15 -32.78 29.01
N VAL C 179 -24.45 -33.78 28.47
CA VAL C 179 -23.96 -34.91 29.23
C VAL C 179 -22.44 -34.87 29.19
N TYR C 180 -21.82 -34.86 30.37
CA TYR C 180 -20.38 -34.71 30.51
C TYR C 180 -19.78 -35.92 31.23
N PRO C 181 -18.48 -36.16 31.06
CA PRO C 181 -17.83 -37.23 31.81
C PRO C 181 -17.81 -36.93 33.29
N GLY C 182 -17.85 -38.01 34.09
CA GLY C 182 -17.73 -37.85 35.52
C GLY C 182 -16.44 -37.16 35.91
N GLY C 183 -16.40 -36.70 37.16
CA GLY C 183 -15.18 -36.09 37.66
C GLY C 183 -14.07 -37.10 37.85
N ASP C 184 -14.41 -38.36 38.06
CA ASP C 184 -13.40 -39.38 38.25
C ASP C 184 -12.84 -39.88 36.92
N GLU C 185 -13.67 -39.94 35.87
CA GLU C 185 -13.20 -40.41 34.58
C GLU C 185 -12.29 -39.39 33.90
N GLU C 186 -12.53 -38.10 34.13
CA GLU C 186 -11.86 -37.03 33.43
C GLU C 186 -10.70 -36.49 34.25
N TYR C 187 -9.63 -36.11 33.57
CA TYR C 187 -8.48 -35.49 34.22
C TYR C 187 -7.78 -34.57 33.24
N ALA C 188 -7.06 -33.60 33.77
CA ALA C 188 -6.36 -32.60 32.99
C ALA C 188 -4.86 -32.83 33.07
N TYR C 189 -4.14 -32.13 32.19
CA TYR C 189 -2.69 -32.16 32.17
C TYR C 189 -2.16 -30.86 32.79
N VAL C 190 -1.30 -31.01 33.79
CA VAL C 190 -0.87 -29.89 34.61
C VAL C 190 0.58 -29.55 34.27
N PHE C 191 1.04 -28.40 34.79
CA PHE C 191 2.37 -27.90 34.43
C PHE C 191 3.47 -28.82 34.97
N TYR C 192 3.26 -29.41 36.14
CA TYR C 192 4.30 -30.22 36.76
C TYR C 192 4.42 -31.61 36.14
N GLN C 193 3.68 -31.87 35.07
CA GLN C 193 3.83 -33.08 34.28
C GLN C 193 4.56 -32.83 32.96
N ALA C 194 4.85 -31.57 32.64
CA ALA C 194 5.44 -31.23 31.36
C ALA C 194 6.93 -31.52 31.34
N ARG C 195 7.43 -31.83 30.15
CA ARG C 195 8.85 -32.00 29.91
C ARG C 195 9.16 -31.48 28.52
N VAL C 196 10.17 -30.62 28.42
CA VAL C 196 10.67 -30.14 27.12
C VAL C 196 12.06 -30.71 26.93
N LEU C 197 12.23 -31.52 25.89
CA LEU C 197 13.50 -32.14 25.58
C LEU C 197 13.97 -31.68 24.22
N ILE C 198 15.27 -31.42 24.10
CA ILE C 198 15.87 -30.93 22.87
C ILE C 198 17.00 -31.87 22.47
N LYS C 199 17.44 -31.73 21.23
CA LYS C 199 18.50 -32.55 20.69
C LYS C 199 18.96 -31.95 19.38
N ALA C 200 20.14 -31.34 19.38
CA ALA C 200 20.68 -30.75 18.16
C ALA C 200 22.11 -31.23 17.99
N GLY C 201 22.68 -30.93 16.82
CA GLY C 201 24.06 -31.31 16.57
C GLY C 201 24.24 -32.81 16.61
N ASP C 202 25.34 -33.23 17.22
CA ASP C 202 25.67 -34.65 17.34
C ASP C 202 25.27 -35.21 18.70
N MET C 203 24.36 -34.56 19.40
CA MET C 203 23.85 -35.11 20.65
C MET C 203 23.29 -36.50 20.41
N ALA C 204 23.51 -37.40 21.36
CA ALA C 204 23.09 -38.79 21.21
C ALA C 204 21.63 -39.01 21.56
N ASP C 205 21.14 -38.38 22.61
CA ASP C 205 19.78 -38.55 23.08
C ASP C 205 19.15 -37.17 23.23
N LEU C 206 17.89 -37.17 23.66
CA LEU C 206 17.21 -35.92 23.96
C LEU C 206 17.52 -35.49 25.38
N ALA C 207 17.93 -34.23 25.54
CA ALA C 207 18.24 -33.66 26.84
C ALA C 207 17.09 -32.78 27.30
N GLU C 208 16.77 -32.86 28.58
CA GLU C 208 15.64 -32.09 29.12
C GLU C 208 16.06 -30.66 29.42
N LEU C 209 15.24 -29.72 29.00
CA LEU C 209 15.44 -28.30 29.20
C LEU C 209 14.61 -27.81 30.36
N PRO C 210 15.17 -27.03 31.29
CA PRO C 210 14.32 -26.34 32.26
C PRO C 210 13.69 -25.08 31.67
N VAL C 211 12.46 -25.18 31.19
CA VAL C 211 11.77 -24.04 30.58
C VAL C 211 10.69 -23.58 31.54
N GLU C 212 10.40 -22.28 31.49
CA GLU C 212 9.35 -21.70 32.33
C GLU C 212 7.97 -21.82 31.70
N SER C 213 7.89 -21.77 30.38
CA SER C 213 6.62 -21.91 29.67
C SER C 213 6.94 -22.35 28.26
N PHE C 214 5.88 -22.72 27.53
CA PHE C 214 6.02 -23.08 26.12
C PHE C 214 4.69 -22.88 25.43
N ASP C 215 4.76 -22.56 24.15
CA ASP C 215 3.59 -22.44 23.29
C ASP C 215 3.84 -23.23 22.01
N LEU C 216 2.76 -23.70 21.41
CA LEU C 216 2.85 -24.42 20.14
C LEU C 216 1.59 -24.15 19.34
N THR C 217 1.72 -23.44 18.23
CA THR C 217 0.59 -23.13 17.36
C THR C 217 0.69 -23.99 16.11
N ILE C 218 -0.40 -24.70 15.78
CA ILE C 218 -0.57 -25.35 14.49
C ILE C 218 -1.54 -24.50 13.67
N ASN C 219 -1.03 -23.87 12.61
CA ASN C 219 -1.82 -22.95 11.79
C ASN C 219 -2.02 -23.60 10.43
N HIS C 220 -3.27 -23.87 10.07
CA HIS C 220 -3.60 -24.57 8.84
C HIS C 220 -3.84 -23.63 7.66
N ASN C 221 -3.85 -22.32 7.88
CA ASN C 221 -4.00 -21.34 6.81
C ASN C 221 -5.16 -21.70 5.88
N LEU C 222 -6.36 -21.77 6.46
CA LEU C 222 -7.54 -22.00 5.64
C LEU C 222 -7.78 -20.83 4.72
N ASN C 223 -8.25 -21.11 3.51
CA ASN C 223 -8.65 -20.08 2.56
C ASN C 223 -10.09 -19.70 2.88
N THR C 224 -10.26 -18.54 3.52
CA THR C 224 -11.56 -18.10 4.01
C THR C 224 -12.18 -17.04 3.11
N ASN C 225 -11.97 -17.14 1.79
CA ASN C 225 -12.43 -16.11 0.88
C ASN C 225 -12.95 -16.69 -0.43
N ARG C 226 -13.35 -17.95 -0.42
CA ARG C 226 -13.90 -18.58 -1.62
C ARG C 226 -15.39 -18.27 -1.66
N TYR C 227 -15.74 -17.19 -2.36
CA TYR C 227 -17.12 -16.76 -2.50
C TYR C 227 -17.58 -16.91 -3.94
N ARG C 228 -18.90 -16.91 -4.10
CA ARG C 228 -19.55 -17.25 -5.34
C ARG C 228 -20.59 -16.17 -5.66
N LEU C 229 -21.00 -16.07 -6.91
CA LEU C 229 -22.01 -15.10 -7.22
C LEU C 229 -23.33 -15.45 -6.57
N GLY C 230 -23.91 -16.63 -6.77
CA GLY C 230 -25.25 -16.89 -6.35
C GLY C 230 -25.44 -17.19 -4.88
N SER C 231 -24.47 -16.84 -4.03
CA SER C 231 -24.51 -17.24 -2.64
C SER C 231 -23.83 -16.19 -1.79
N ILE C 232 -24.28 -16.08 -0.54
CA ILE C 232 -23.64 -15.21 0.44
C ILE C 232 -22.67 -15.96 1.33
N TYR C 233 -22.58 -17.28 1.19
CA TYR C 233 -21.75 -18.11 2.05
C TYR C 233 -20.44 -18.48 1.38
N ARG C 234 -19.46 -18.79 2.20
CA ARG C 234 -18.21 -19.37 1.71
C ARG C 234 -18.51 -20.70 1.05
N GLN C 235 -17.82 -20.99 -0.03
CA GLN C 235 -18.03 -22.22 -0.77
C GLN C 235 -17.06 -23.32 -0.38
N SER C 236 -16.06 -23.01 0.43
CA SER C 236 -15.12 -24.01 0.93
C SER C 236 -14.25 -23.35 1.97
N LEU C 237 -13.51 -24.18 2.71
CA LEU C 237 -12.48 -23.73 3.63
C LEU C 237 -11.21 -24.53 3.32
N ASP C 238 -10.60 -24.21 2.18
CA ASP C 238 -9.46 -24.99 1.70
C ASP C 238 -8.26 -24.75 2.59
N GLU C 239 -7.67 -25.83 3.09
CA GLU C 239 -6.52 -25.75 3.98
C GLU C 239 -5.24 -25.63 3.17
N GLY C 240 -4.45 -24.62 3.47
CA GLY C 240 -3.19 -24.38 2.82
C GLY C 240 -2.08 -25.24 3.38
N VAL C 241 -0.92 -24.62 3.60
CA VAL C 241 0.20 -25.32 4.21
C VAL C 241 0.18 -25.07 5.71
N THR C 242 0.41 -26.12 6.48
CA THR C 242 0.35 -26.02 7.94
C THR C 242 1.65 -25.43 8.47
N GLU C 243 1.55 -24.30 9.17
CA GLU C 243 2.69 -23.67 9.83
C GLU C 243 2.66 -24.07 11.30
N VAL C 244 3.70 -24.77 11.74
CA VAL C 244 3.83 -25.19 13.13
C VAL C 244 4.99 -24.40 13.72
N THR C 245 4.67 -23.38 14.51
CA THR C 245 5.63 -22.56 15.21
C THR C 245 5.44 -22.76 16.72
N GLY C 246 6.27 -22.09 17.50
CA GLY C 246 6.16 -22.21 18.94
C GLY C 246 7.17 -21.33 19.64
N THR C 247 7.21 -21.48 20.96
CA THR C 247 8.07 -20.67 21.81
C THR C 247 8.30 -21.43 23.09
N PHE C 248 9.39 -21.09 23.78
CA PHE C 248 9.55 -21.52 25.16
C PHE C 248 10.50 -20.56 25.87
N THR C 249 10.13 -20.19 27.09
CA THR C 249 10.92 -19.28 27.91
C THR C 249 11.85 -20.08 28.80
N LEU C 250 13.11 -19.65 28.85
CA LEU C 250 14.09 -20.30 29.71
C LEU C 250 15.23 -19.33 29.95
N ASP C 251 16.17 -19.74 30.81
CA ASP C 251 17.29 -18.88 31.14
C ASP C 251 18.38 -19.02 30.09
N ALA C 252 19.33 -18.10 30.08
CA ALA C 252 20.46 -18.12 29.18
C ALA C 252 21.54 -19.06 29.72
N ALA C 253 22.11 -19.87 28.82
CA ALA C 253 23.19 -20.79 29.18
C ALA C 253 22.71 -21.82 30.19
N VAL C 254 21.58 -22.45 29.89
CA VAL C 254 20.98 -23.43 30.79
C VAL C 254 21.61 -24.79 30.55
N LYS C 255 21.80 -25.54 31.63
CA LYS C 255 22.17 -26.94 31.54
C LYS C 255 20.91 -27.80 31.45
N SER C 256 21.09 -29.03 30.98
CA SER C 256 19.97 -29.95 30.88
C SER C 256 19.68 -30.58 32.23
N ILE C 257 18.39 -30.76 32.52
CA ILE C 257 17.99 -31.41 33.77
C ILE C 257 18.37 -32.89 33.72
N SER C 258 18.10 -33.54 32.60
CA SER C 258 18.37 -34.96 32.45
C SER C 258 18.78 -35.22 31.00
N GLY C 259 19.41 -36.36 30.79
CA GLY C 259 19.88 -36.73 29.48
C GLY C 259 21.30 -36.26 29.25
N PRO C 260 21.75 -36.28 28.00
CA PRO C 260 23.09 -35.80 27.69
C PRO C 260 23.22 -34.31 27.92
N ALA C 261 24.47 -33.86 28.01
CA ALA C 261 24.74 -32.44 28.13
C ALA C 261 24.42 -31.73 26.83
N LEU C 262 23.96 -30.48 26.94
CA LEU C 262 23.68 -29.68 25.77
C LEU C 262 24.97 -29.30 25.06
N ASN C 263 25.37 -30.12 24.09
CA ASN C 263 26.63 -29.91 23.39
C ASN C 263 26.46 -30.39 21.96
N LEU C 264 26.63 -29.48 21.00
CA LEU C 264 26.41 -29.81 19.59
C LEU C 264 27.40 -30.82 19.04
N THR C 265 28.34 -31.32 19.86
CA THR C 265 29.30 -32.31 19.42
C THR C 265 29.09 -33.66 20.09
N GLY C 266 28.15 -33.77 21.02
CA GLY C 266 27.94 -35.00 21.75
C GLY C 266 28.87 -35.21 22.92
N GLY C 267 29.74 -34.25 23.22
CA GLY C 267 30.64 -34.37 24.34
C GLY C 267 29.92 -34.29 25.67
N THR C 268 30.71 -34.37 26.73
CA THR C 268 30.18 -34.28 28.08
C THR C 268 30.18 -32.87 28.63
N ALA C 269 31.00 -31.98 28.07
CA ALA C 269 31.08 -30.62 28.57
C ALA C 269 29.85 -29.82 28.15
N HIS C 270 29.37 -28.98 29.07
CA HIS C 270 28.21 -28.15 28.79
C HIS C 270 28.59 -26.99 27.88
N ASP C 271 27.66 -26.64 27.00
CA ASP C 271 27.87 -25.56 26.03
C ASP C 271 27.04 -24.36 26.42
N PRO C 272 27.64 -23.27 26.94
CA PRO C 272 26.82 -22.14 27.39
C PRO C 272 26.18 -21.35 26.26
N ALA C 273 26.64 -21.49 25.03
CA ALA C 273 26.02 -20.85 23.88
C ALA C 273 25.28 -21.85 23.00
N PHE C 274 24.71 -22.88 23.61
CA PHE C 274 24.10 -23.95 22.85
C PHE C 274 22.97 -23.43 21.96
N LEU C 275 21.96 -22.80 22.56
CA LEU C 275 20.81 -22.35 21.77
C LEU C 275 21.19 -21.19 20.86
N GLU C 276 22.08 -20.31 21.33
CA GLU C 276 22.54 -19.22 20.49
C GLU C 276 23.25 -19.76 19.26
N LYS C 277 24.09 -20.79 19.43
CA LYS C 277 24.80 -21.37 18.30
C LYS C 277 23.85 -22.16 17.40
N VAL C 278 22.83 -22.79 17.98
CA VAL C 278 21.84 -23.49 17.15
C VAL C 278 21.12 -22.49 16.26
N ALA C 279 20.74 -21.34 16.81
CA ALA C 279 20.08 -20.32 16.01
C ALA C 279 21.02 -19.66 15.03
N LEU C 280 22.30 -19.53 15.38
CA LEU C 280 23.27 -18.80 14.55
C LEU C 280 23.85 -19.65 13.43
N TYR C 281 23.91 -20.97 13.59
CA TYR C 281 24.40 -21.86 12.55
C TYR C 281 23.26 -22.49 11.76
N GLY C 282 22.03 -22.09 11.99
CA GLY C 282 20.92 -22.64 11.22
C GLY C 282 20.80 -24.14 11.34
N LYS C 283 21.06 -24.67 12.53
CA LYS C 283 20.94 -26.11 12.75
C LYS C 283 19.49 -26.47 13.04
N TYR C 284 19.18 -27.74 12.81
CA TYR C 284 17.86 -28.29 13.09
C TYR C 284 17.92 -29.08 14.39
N ALA C 285 17.04 -28.75 15.31
CA ALA C 285 16.91 -29.47 16.57
C ALA C 285 15.67 -30.35 16.52
N ALA C 286 15.54 -31.22 17.52
CA ALA C 286 14.39 -32.10 17.66
C ALA C 286 13.77 -31.83 19.02
N LEU C 287 12.59 -31.22 19.03
CA LEU C 287 11.88 -30.97 20.26
C LEU C 287 10.98 -32.14 20.62
N LYS C 288 10.59 -32.17 21.89
CA LYS C 288 9.61 -33.14 22.37
C LYS C 288 8.92 -32.52 23.57
N LEU C 289 7.66 -32.14 23.41
CA LEU C 289 6.85 -31.67 24.51
C LEU C 289 6.01 -32.84 25.01
N GLU C 290 6.23 -33.23 26.26
CA GLU C 290 5.64 -34.45 26.79
C GLU C 290 4.97 -34.17 28.13
N PHE C 291 3.76 -34.66 28.29
CA PHE C 291 3.03 -34.65 29.56
C PHE C 291 2.82 -36.09 29.97
N ILE C 292 3.25 -36.43 31.18
CA ILE C 292 3.12 -37.79 31.71
C ILE C 292 2.32 -37.71 33.01
N ASP C 293 1.34 -38.59 33.14
CA ASP C 293 0.55 -38.73 34.37
C ASP C 293 0.86 -40.09 34.99
N PRO C 294 1.84 -40.20 35.88
CA PRO C 294 2.19 -41.51 36.42
C PRO C 294 1.10 -42.12 37.29
N THR C 295 0.29 -41.30 37.94
CA THR C 295 -0.77 -41.81 38.79
C THR C 295 -1.79 -42.62 37.99
N ARG C 296 -1.88 -42.39 36.69
CA ARG C 296 -2.88 -43.03 35.84
C ARG C 296 -2.15 -43.90 34.82
N GLU C 297 -2.62 -45.14 34.65
CA GLU C 297 -1.94 -46.12 33.83
C GLU C 297 -2.93 -46.69 32.82
N VAL C 298 -2.47 -46.86 31.58
CA VAL C 298 -3.34 -47.41 30.54
C VAL C 298 -3.18 -48.92 30.45
N ALA C 299 -1.95 -49.40 30.58
CA ALA C 299 -1.65 -50.82 30.60
C ALA C 299 -1.14 -51.19 31.99
N GLU C 300 -0.46 -52.33 32.09
CA GLU C 300 0.06 -52.76 33.39
C GLU C 300 0.99 -51.72 33.98
N GLY C 301 1.88 -51.16 33.16
CA GLY C 301 2.81 -50.15 33.58
C GLY C 301 2.98 -48.99 32.62
N VAL C 302 1.98 -48.72 31.77
CA VAL C 302 2.06 -47.64 30.80
C VAL C 302 1.25 -46.47 31.32
N PRO C 303 1.85 -45.30 31.56
CA PRO C 303 1.10 -44.16 32.08
C PRO C 303 0.39 -43.38 30.97
N CYS C 304 -0.69 -42.72 31.37
CA CYS C 304 -1.34 -41.79 30.47
C CYS C 304 -0.37 -40.68 30.09
N ARG C 305 -0.40 -40.29 28.83
CA ARG C 305 0.68 -39.45 28.31
C ARG C 305 0.23 -38.71 27.06
N LEU C 306 0.63 -37.45 26.97
CA LEU C 306 0.44 -36.65 25.77
C LEU C 306 1.80 -36.17 25.30
N THR C 307 2.22 -36.60 24.12
CA THR C 307 3.53 -36.29 23.57
C THR C 307 3.38 -35.57 22.24
N ILE C 308 4.23 -34.57 22.02
CA ILE C 308 4.27 -33.83 20.76
C ILE C 308 5.69 -33.92 20.24
N HIS C 309 5.89 -34.63 19.14
CA HIS C 309 7.20 -34.80 18.53
C HIS C 309 7.37 -33.78 17.41
N LEU C 310 8.47 -33.03 17.46
CA LEU C 310 8.86 -32.10 16.42
C LEU C 310 10.28 -32.46 15.99
N PRO C 311 10.43 -33.45 15.12
CA PRO C 311 11.77 -33.97 14.83
C PRO C 311 12.70 -32.98 14.18
N PHE C 312 12.19 -31.95 13.51
CA PHE C 312 13.01 -30.97 12.83
C PHE C 312 12.48 -29.59 13.15
N VAL C 313 13.30 -28.78 13.82
CA VAL C 313 12.89 -27.48 14.31
C VAL C 313 14.04 -26.52 14.13
N ARG C 314 13.73 -25.28 13.75
CA ARG C 314 14.72 -24.23 13.60
C ARG C 314 14.45 -23.10 14.58
N LEU C 315 15.40 -22.87 15.49
CA LEU C 315 15.27 -21.82 16.47
C LEU C 315 15.64 -20.47 15.86
N GLU C 316 15.10 -19.42 16.45
CA GLU C 316 15.48 -18.05 16.16
C GLU C 316 16.36 -17.54 17.28
N GLU C 317 17.00 -16.40 17.06
CA GLU C 317 17.91 -15.86 18.06
C GLU C 317 17.23 -15.85 19.43
N PRO C 318 17.71 -16.65 20.39
CA PRO C 318 16.91 -16.93 21.59
C PRO C 318 16.45 -15.72 22.39
N ASP C 319 16.90 -14.51 22.08
CA ASP C 319 16.43 -13.31 22.78
C ASP C 319 16.89 -13.31 24.24
N PHE C 320 18.20 -13.47 24.43
CA PHE C 320 18.79 -13.45 25.77
C PHE C 320 19.40 -12.08 26.03
N GLN C 321 18.53 -11.10 26.14
CA GLN C 321 18.93 -9.72 26.34
C GLN C 321 19.35 -9.49 27.79
N VAL C 322 20.39 -8.68 27.98
CA VAL C 322 20.84 -8.28 29.31
C VAL C 322 20.02 -7.05 29.68
N ARG C 323 18.93 -7.26 30.39
CA ARG C 323 18.01 -6.19 30.74
C ARG C 323 18.32 -5.55 32.08
N ASP C 324 19.00 -6.25 32.97
CA ASP C 324 19.24 -5.79 34.33
C ASP C 324 20.27 -6.73 34.96
N PRO C 325 20.71 -6.50 36.19
CA PRO C 325 21.76 -7.34 36.77
C PRO C 325 21.28 -8.68 37.33
N GLY C 326 20.05 -9.08 37.07
CA GLY C 326 19.52 -10.35 37.51
C GLY C 326 19.87 -11.48 36.57
N VAL C 327 19.05 -12.51 36.58
CA VAL C 327 19.25 -13.66 35.71
C VAL C 327 18.81 -13.31 34.31
N ILE C 328 19.62 -13.68 33.32
CA ILE C 328 19.30 -13.43 31.93
C ILE C 328 18.32 -14.51 31.46
N THR C 329 17.10 -14.10 31.14
CA THR C 329 16.05 -14.99 30.69
C THR C 329 15.53 -14.49 29.35
N GLY C 330 14.95 -15.39 28.58
CA GLY C 330 14.42 -15.01 27.28
C GLY C 330 13.55 -16.10 26.71
N SER C 331 12.94 -15.80 25.58
CA SER C 331 12.06 -16.73 24.88
C SER C 331 12.70 -17.13 23.56
N ALA C 332 12.70 -18.44 23.30
CA ALA C 332 13.27 -19.00 22.07
C ALA C 332 12.13 -19.44 21.17
N ARG C 333 11.89 -18.67 20.10
CA ARG C 333 10.90 -19.05 19.11
C ARG C 333 11.49 -20.07 18.15
N PHE C 334 10.61 -20.82 17.50
CA PHE C 334 11.05 -21.83 16.55
C PHE C 334 9.95 -22.11 15.55
N ASN C 335 10.35 -22.74 14.44
CA ASN C 335 9.43 -23.21 13.40
C ASN C 335 9.71 -24.68 13.16
N ALA C 336 8.67 -25.49 13.18
CA ALA C 336 8.79 -26.92 12.90
C ALA C 336 8.77 -27.10 11.40
N TYR C 337 9.45 -28.14 10.90
CA TYR C 337 9.72 -28.21 9.47
C TYR C 337 9.08 -29.42 8.82
N GLU C 338 9.63 -30.60 9.06
CA GLU C 338 9.26 -31.77 8.25
C GLU C 338 7.92 -32.35 8.63
N THR C 339 7.76 -32.80 9.87
CA THR C 339 6.54 -33.45 10.31
C THR C 339 6.24 -33.03 11.74
N ILE C 340 4.98 -33.21 12.12
CA ILE C 340 4.54 -33.06 13.50
C ILE C 340 3.74 -34.31 13.84
N SER C 341 3.98 -34.86 15.03
CA SER C 341 3.30 -36.07 15.47
C SER C 341 2.90 -35.90 16.92
N VAL C 342 1.60 -36.05 17.19
CA VAL C 342 1.06 -35.99 18.55
C VAL C 342 0.59 -37.38 18.91
N THR C 343 1.10 -37.92 20.02
CA THR C 343 0.68 -39.20 20.55
C THR C 343 -0.12 -38.94 21.83
N HIS C 344 -1.26 -39.62 21.96
CA HIS C 344 -2.11 -39.47 23.13
C HIS C 344 -2.40 -40.86 23.69
N VAL C 345 -1.85 -41.14 24.87
CA VAL C 345 -2.12 -42.37 25.60
C VAL C 345 -3.00 -41.99 26.77
N ALA C 346 -4.22 -42.52 26.80
CA ALA C 346 -5.19 -42.11 27.81
C ALA C 346 -6.22 -43.21 28.00
N LYS C 347 -6.76 -43.29 29.21
CA LYS C 347 -7.85 -44.19 29.52
C LYS C 347 -9.10 -43.38 29.85
N PHE C 348 -10.23 -43.80 29.29
CA PHE C 348 -11.48 -43.09 29.48
C PHE C 348 -12.48 -43.92 30.26
N MET D 1 -19.50 22.69 -7.21
CA MET D 1 -20.36 21.58 -7.73
C MET D 1 -19.97 20.27 -7.10
N ARG D 2 -20.97 19.54 -6.61
CA ARG D 2 -20.78 18.18 -6.12
C ARG D 2 -21.55 17.23 -7.01
N GLY D 3 -21.16 15.97 -6.99
CA GLY D 3 -21.85 14.98 -7.79
C GLY D 3 -23.33 14.90 -7.49
N VAL D 4 -23.71 15.14 -6.23
CA VAL D 4 -25.12 15.09 -5.85
C VAL D 4 -25.90 16.26 -6.42
N ASP D 5 -25.22 17.30 -6.88
CA ASP D 5 -25.88 18.45 -7.48
C ASP D 5 -26.24 18.23 -8.94
N THR D 6 -25.88 17.09 -9.52
CA THR D 6 -26.07 16.82 -10.93
C THR D 6 -27.17 15.79 -11.13
N PHE D 7 -27.88 15.92 -12.25
CA PHE D 7 -28.85 14.94 -12.67
C PHE D 7 -28.53 14.49 -14.07
N LEU D 8 -28.85 13.23 -14.36
CA LEU D 8 -28.73 12.67 -15.69
C LEU D 8 -30.12 12.35 -16.21
N ALA D 9 -30.33 12.54 -17.50
CA ALA D 9 -31.62 12.25 -18.11
C ALA D 9 -31.41 11.83 -19.55
N PHE D 10 -32.03 10.72 -19.93
CA PHE D 10 -32.05 10.27 -21.31
C PHE D 10 -33.44 10.50 -21.86
N LYS D 11 -33.52 10.98 -23.10
CA LYS D 11 -34.80 11.28 -23.73
C LYS D 11 -34.73 10.78 -25.17
N GLU D 12 -35.56 9.81 -25.50
CA GLU D 12 -35.59 9.26 -26.85
C GLU D 12 -36.12 10.31 -27.81
N GLN D 13 -35.29 10.70 -28.78
CA GLN D 13 -35.67 11.69 -29.77
C GLN D 13 -36.13 11.00 -31.05
N ALA D 14 -36.94 11.72 -31.82
CA ALA D 14 -37.54 11.13 -33.02
C ALA D 14 -36.49 10.87 -34.08
N ASP D 15 -35.79 11.91 -34.51
CA ASP D 15 -34.73 11.81 -35.50
C ASP D 15 -33.38 12.00 -34.83
N LEU D 16 -32.32 11.55 -35.51
CA LEU D 16 -30.98 11.69 -34.96
C LEU D 16 -30.55 13.14 -34.86
N LYS D 17 -31.11 14.03 -35.69
CA LYS D 17 -30.62 15.40 -35.79
C LYS D 17 -31.51 16.41 -35.09
N THR D 18 -32.50 15.96 -34.31
CA THR D 18 -33.40 16.88 -33.61
C THR D 18 -33.33 16.64 -32.11
N PRO D 19 -32.65 17.47 -31.34
CA PRO D 19 -32.54 17.23 -29.90
C PRO D 19 -33.90 17.29 -29.21
N ALA D 20 -34.01 16.54 -28.12
CA ALA D 20 -35.17 16.65 -27.27
C ALA D 20 -35.11 17.95 -26.48
N THR D 21 -36.28 18.52 -26.22
CA THR D 21 -36.33 19.78 -25.50
C THR D 21 -36.25 19.54 -24.00
N LEU D 22 -35.64 20.50 -23.30
CA LEU D 22 -35.56 20.43 -21.84
C LEU D 22 -36.93 20.47 -21.19
N ALA D 23 -37.94 20.97 -21.90
CA ALA D 23 -39.28 21.05 -21.35
C ALA D 23 -40.03 19.72 -21.43
N SER D 24 -39.53 18.76 -22.20
CA SER D 24 -40.21 17.48 -22.37
C SER D 24 -39.83 16.46 -21.30
N LEU D 25 -38.76 16.70 -20.55
CA LEU D 25 -38.34 15.75 -19.52
C LEU D 25 -39.47 15.53 -18.52
N ALA D 26 -39.66 14.28 -18.11
CA ALA D 26 -40.72 13.91 -17.19
C ALA D 26 -40.23 12.76 -16.33
N ALA D 27 -41.15 12.10 -15.65
CA ALA D 27 -40.80 10.95 -14.82
C ALA D 27 -40.33 9.79 -15.70
N GLY D 28 -39.31 9.10 -15.23
CA GLY D 28 -38.71 8.01 -15.97
C GLY D 28 -37.56 8.43 -16.86
N ASP D 29 -37.44 9.73 -17.16
CA ASP D 29 -36.31 10.20 -17.96
C ASP D 29 -35.06 10.39 -17.11
N PHE D 30 -35.22 10.66 -15.82
CA PHE D 30 -34.09 10.90 -14.94
C PHE D 30 -33.60 9.58 -14.36
N LEU D 31 -32.30 9.35 -14.45
CA LEU D 31 -31.69 8.10 -14.02
C LEU D 31 -30.61 8.39 -12.98
N ALA D 32 -30.50 7.51 -11.99
CA ALA D 32 -29.41 7.57 -11.03
C ALA D 32 -28.23 6.78 -11.57
N PHE D 33 -27.06 7.42 -11.59
CA PHE D 33 -25.87 6.86 -12.21
C PHE D 33 -24.74 6.82 -11.20
N ASN D 34 -23.78 5.93 -11.45
CA ASN D 34 -22.59 5.89 -10.63
C ASN D 34 -21.60 6.96 -11.07
N SER D 35 -21.52 7.22 -12.36
CA SER D 35 -20.57 8.17 -12.91
C SER D 35 -20.89 8.38 -14.39
N GLU D 36 -20.57 9.57 -14.88
CA GLU D 36 -20.72 9.89 -16.29
C GLU D 36 -19.48 10.64 -16.75
N SER D 37 -19.03 10.32 -17.97
CA SER D 37 -17.89 11.01 -18.57
C SER D 37 -18.21 11.46 -20.00
N LEU D 38 -19.40 11.98 -20.25
CA LEU D 38 -19.75 12.47 -21.56
C LEU D 38 -19.14 13.83 -21.80
N SER D 39 -18.49 13.99 -22.96
CA SER D 39 -17.85 15.25 -23.30
C SER D 39 -17.78 15.40 -24.80
N GLY D 40 -17.64 16.63 -25.25
CA GLY D 40 -17.44 16.93 -26.65
C GLY D 40 -16.00 17.29 -26.94
N ARG D 41 -15.62 17.13 -28.21
CA ARG D 41 -14.27 17.44 -28.65
C ARG D 41 -14.36 18.00 -30.05
N GLN D 42 -13.73 19.14 -30.29
CA GLN D 42 -13.66 19.73 -31.62
C GLN D 42 -12.23 19.70 -32.14
N GLN D 43 -12.11 19.52 -33.44
CA GLN D 43 -10.82 19.52 -34.09
C GLN D 43 -10.37 20.95 -34.39
N VAL D 44 -9.07 21.18 -34.30
CA VAL D 44 -8.48 22.46 -34.67
C VAL D 44 -7.63 22.25 -35.90
N ILE D 45 -7.95 22.97 -36.97
CA ILE D 45 -7.25 22.86 -38.25
C ILE D 45 -6.24 23.98 -38.35
N GLN D 46 -5.00 23.62 -38.65
CA GLN D 46 -3.93 24.59 -38.90
C GLN D 46 -3.71 24.72 -40.40
N SER D 47 -3.43 25.93 -40.85
CA SER D 47 -3.14 26.15 -42.25
C SER D 47 -1.76 25.59 -42.59
N ARG D 48 -1.65 24.93 -43.73
CA ARG D 48 -0.39 24.34 -44.16
C ARG D 48 0.50 25.31 -44.90
N ALA D 49 0.05 26.53 -45.14
CA ALA D 49 0.88 27.52 -45.79
C ALA D 49 2.13 27.79 -44.96
N ILE D 50 3.28 27.85 -45.62
CA ILE D 50 4.53 28.09 -44.90
C ILE D 50 4.57 29.53 -44.41
N ARG D 51 5.01 29.71 -43.17
CA ARG D 51 5.09 31.03 -42.58
C ARG D 51 6.13 31.01 -41.46
N ARG D 52 6.96 32.04 -41.43
CA ARG D 52 7.90 32.19 -40.32
C ARG D 52 7.15 32.62 -39.09
N MET D 53 7.21 31.81 -38.04
CA MET D 53 6.41 32.04 -36.85
C MET D 53 7.00 31.25 -35.69
N PRO D 54 7.25 31.88 -34.54
CA PRO D 54 7.76 31.10 -33.40
C PRO D 54 6.73 30.13 -32.83
N MET D 55 5.47 30.54 -32.70
CA MET D 55 4.39 29.69 -32.23
C MET D 55 3.28 29.69 -33.27
N ARG D 56 2.19 28.94 -32.97
CA ARG D 56 1.02 28.88 -33.85
C ARG D 56 0.13 30.10 -33.74
N GLN D 57 -0.22 30.73 -34.84
CA GLN D 57 -0.89 32.01 -34.88
C GLN D 57 -2.40 31.81 -34.99
N ILE D 58 -3.14 32.74 -34.38
CA ILE D 58 -4.58 32.64 -34.32
C ILE D 58 -5.22 32.81 -35.70
N ALA D 59 -4.62 33.64 -36.55
CA ALA D 59 -5.24 33.97 -37.83
C ALA D 59 -5.25 32.82 -38.80
N TYR D 60 -4.51 31.74 -38.52
CA TYR D 60 -4.33 30.65 -39.48
C TYR D 60 -4.84 29.32 -38.93
N THR D 61 -5.74 29.37 -37.97
CA THR D 61 -6.40 28.19 -37.43
C THR D 61 -7.88 28.25 -37.75
N ALA D 62 -8.49 27.07 -37.90
CA ALA D 62 -9.91 26.95 -38.11
C ALA D 62 -10.44 25.79 -37.28
N ASN D 63 -11.72 25.87 -36.93
CA ASN D 63 -12.34 24.82 -36.14
C ASN D 63 -12.80 23.69 -37.06
N GLY D 64 -12.40 22.48 -36.72
CA GLY D 64 -12.69 21.31 -37.51
C GLY D 64 -13.93 20.58 -37.05
N THR D 65 -13.95 19.28 -37.31
CA THR D 65 -15.14 18.48 -37.00
C THR D 65 -15.27 18.29 -35.49
N VAL D 66 -16.46 17.87 -35.08
CA VAL D 66 -16.84 17.78 -33.68
C VAL D 66 -17.18 16.33 -33.36
N GLU D 67 -16.67 15.84 -32.24
CA GLU D 67 -17.03 14.55 -31.67
C GLU D 67 -17.77 14.77 -30.36
N ALA D 68 -18.47 13.74 -29.90
CA ALA D 68 -19.13 13.79 -28.62
C ALA D 68 -19.35 12.37 -28.13
N GLY D 69 -19.75 12.25 -26.87
CA GLY D 69 -20.02 10.97 -26.25
C GLY D 69 -19.07 10.68 -25.10
N GLY D 70 -19.27 9.52 -24.51
CA GLY D 70 -18.49 9.12 -23.36
C GLY D 70 -19.09 7.88 -22.73
N ALA D 71 -18.81 7.70 -21.45
CA ALA D 71 -19.30 6.54 -20.72
C ALA D 71 -20.23 6.98 -19.59
N VAL D 72 -21.18 6.12 -19.26
CA VAL D 72 -22.04 6.30 -18.11
C VAL D 72 -22.16 4.95 -17.41
N GLU D 73 -21.95 4.94 -16.09
CA GLU D 73 -22.04 3.72 -15.33
C GLU D 73 -23.37 3.81 -14.60
N PHE D 74 -24.08 2.69 -14.46
CA PHE D 74 -25.34 2.58 -13.74
C PHE D 74 -25.27 1.38 -12.81
N THR D 75 -26.08 1.43 -11.77
CA THR D 75 -26.39 0.25 -10.97
C THR D 75 -27.66 -0.36 -11.52
N THR D 76 -27.51 -1.38 -12.36
CA THR D 76 -28.66 -2.01 -12.99
C THR D 76 -29.77 -2.26 -11.97
N SER D 77 -30.90 -1.61 -12.18
CA SER D 77 -31.99 -1.64 -11.23
C SER D 77 -33.30 -1.74 -11.99
N ASN D 78 -34.39 -1.80 -11.23
CA ASN D 78 -35.75 -1.82 -11.77
C ASN D 78 -35.88 -0.85 -12.94
N TYR D 79 -35.78 0.45 -12.68
CA TYR D 79 -36.10 1.46 -13.68
C TYR D 79 -34.94 1.72 -14.62
N VAL D 80 -33.71 1.57 -14.16
CA VAL D 80 -32.57 1.72 -15.06
C VAL D 80 -32.71 0.79 -16.26
N LEU D 81 -33.08 -0.46 -16.02
CA LEU D 81 -33.23 -1.41 -17.12
C LEU D 81 -34.41 -1.03 -17.99
N LYS D 82 -35.55 -0.70 -17.37
CA LYS D 82 -36.72 -0.28 -18.13
C LYS D 82 -36.38 0.84 -19.10
N LYS D 83 -35.49 1.76 -18.69
CA LYS D 83 -35.12 2.87 -19.54
C LYS D 83 -34.10 2.46 -20.59
N LEU D 84 -33.08 1.68 -20.19
CA LEU D 84 -31.90 1.50 -21.01
C LEU D 84 -31.97 0.30 -21.94
N LEU D 85 -32.67 -0.77 -21.57
CA LEU D 85 -32.73 -1.93 -22.46
C LEU D 85 -33.33 -1.60 -23.80
N PRO D 86 -34.37 -0.76 -23.91
CA PRO D 86 -34.83 -0.34 -25.23
C PRO D 86 -33.78 0.43 -26.02
N LEU D 87 -32.80 1.04 -25.35
CA LEU D 87 -31.75 1.77 -26.04
C LEU D 87 -30.59 0.89 -26.49
N ILE D 88 -30.49 -0.33 -25.98
CA ILE D 88 -29.35 -1.19 -26.27
C ILE D 88 -29.72 -2.19 -27.36
N PHE D 89 -30.98 -2.57 -27.42
CA PHE D 89 -31.45 -3.60 -28.34
C PHE D 89 -32.36 -3.01 -29.40
N HIS D 90 -32.61 -3.80 -30.44
CA HIS D 90 -33.37 -3.35 -31.59
C HIS D 90 -34.86 -3.54 -31.43
N SER D 91 -35.29 -4.64 -30.82
CA SER D 91 -36.71 -4.96 -30.68
C SER D 91 -37.05 -5.20 -29.22
N LYS D 92 -38.34 -5.07 -28.93
CA LYS D 92 -38.88 -5.38 -27.61
C LYS D 92 -40.27 -5.96 -27.80
N THR D 93 -40.55 -7.07 -27.13
CA THR D 93 -41.87 -7.71 -27.18
C THR D 93 -42.36 -7.90 -25.76
N GLY D 94 -43.56 -7.42 -25.49
CA GLY D 94 -44.17 -7.56 -24.18
C GLY D 94 -43.86 -6.40 -23.26
N GLN D 95 -44.47 -6.44 -22.09
CA GLN D 95 -44.25 -5.46 -21.03
C GLN D 95 -43.60 -6.16 -19.84
N GLU D 96 -42.64 -5.49 -19.21
CA GLU D 96 -41.95 -6.10 -18.08
C GLU D 96 -42.93 -6.48 -16.98
N ASP D 97 -43.84 -5.56 -16.63
CA ASP D 97 -44.80 -5.78 -15.57
C ASP D 97 -46.07 -6.47 -16.05
N ASP D 98 -46.00 -7.18 -17.17
CA ASP D 98 -47.16 -7.92 -17.63
C ASP D 98 -47.67 -8.84 -16.52
N PRO D 99 -48.98 -9.00 -16.37
CA PRO D 99 -49.47 -9.81 -15.24
C PRO D 99 -49.25 -11.30 -15.42
N ASP D 100 -49.13 -11.79 -16.66
CA ASP D 100 -48.88 -13.20 -16.87
C ASP D 100 -47.49 -13.62 -16.42
N GLY D 101 -46.56 -12.68 -16.31
CA GLY D 101 -45.25 -12.97 -15.79
C GLY D 101 -44.21 -13.35 -16.82
N ASP D 102 -44.40 -12.96 -18.08
CA ASP D 102 -43.44 -13.25 -19.14
C ASP D 102 -42.45 -12.12 -19.37
N GLY D 103 -42.68 -10.95 -18.81
CA GLY D 103 -41.77 -9.85 -18.98
C GLY D 103 -41.59 -9.47 -20.44
N ALA D 104 -40.64 -8.57 -20.66
CA ALA D 104 -40.31 -8.07 -21.98
C ALA D 104 -39.01 -8.70 -22.45
N THR D 105 -38.97 -9.08 -23.72
CA THR D 105 -37.79 -9.70 -24.32
C THR D 105 -37.17 -8.72 -25.30
N PHE D 106 -35.86 -8.53 -25.19
CA PHE D 106 -35.11 -7.61 -26.04
C PHE D 106 -34.12 -8.43 -26.86
N THR D 107 -34.17 -8.25 -28.17
CA THR D 107 -33.32 -9.00 -29.08
C THR D 107 -32.80 -8.07 -30.16
N LEU D 108 -31.79 -8.54 -30.88
CA LEU D 108 -31.33 -7.87 -32.08
C LEU D 108 -32.02 -8.47 -33.29
N VAL D 109 -32.44 -7.62 -34.21
CA VAL D 109 -33.13 -8.06 -35.42
C VAL D 109 -32.25 -7.73 -36.62
N ASN D 110 -32.54 -8.39 -37.74
CA ASN D 110 -31.69 -8.33 -38.91
C ASN D 110 -31.41 -6.89 -39.35
N GLY D 111 -32.43 -6.17 -39.78
CA GLY D 111 -32.26 -4.80 -40.20
C GLY D 111 -32.55 -3.81 -39.09
N GLY D 112 -32.35 -4.25 -37.85
CA GLY D 112 -32.67 -3.41 -36.72
C GLY D 112 -31.75 -2.21 -36.60
N VAL D 113 -32.26 -1.19 -35.92
CA VAL D 113 -31.53 0.05 -35.70
C VAL D 113 -31.66 0.43 -34.22
N LEU D 114 -30.76 1.31 -33.79
CA LEU D 114 -30.74 1.77 -32.41
C LEU D 114 -31.53 3.07 -32.28
N THR D 115 -32.17 3.23 -31.13
CA THR D 115 -32.92 4.45 -30.87
C THR D 115 -31.96 5.56 -30.53
N PRO D 116 -32.01 6.71 -31.22
CA PRO D 116 -31.24 7.87 -30.78
C PRO D 116 -31.92 8.58 -29.64
N PHE D 117 -31.12 9.16 -28.76
CA PHE D 117 -31.65 9.85 -27.60
C PHE D 117 -30.80 11.07 -27.31
N THR D 118 -31.34 11.95 -26.47
CA THR D 118 -30.64 13.11 -25.97
C THR D 118 -30.29 12.87 -24.52
N ALA D 119 -29.02 13.03 -24.19
CA ALA D 119 -28.53 12.87 -22.83
C ALA D 119 -28.32 14.26 -22.21
N PHE D 120 -29.05 14.55 -21.14
CA PHE D 120 -28.91 15.78 -20.40
C PHE D 120 -28.10 15.51 -19.15
N VAL D 121 -27.07 16.31 -18.93
CA VAL D 121 -26.29 16.28 -17.69
C VAL D 121 -26.46 17.65 -17.05
N GLY D 122 -27.47 17.79 -16.23
CA GLY D 122 -27.76 19.07 -15.62
C GLY D 122 -27.05 19.25 -14.30
N PHE D 123 -26.91 20.52 -13.92
CA PHE D 123 -26.19 20.90 -12.71
C PHE D 123 -27.03 21.90 -11.93
N ASP D 124 -26.59 22.18 -10.72
CA ASP D 124 -27.33 23.02 -9.79
C ASP D 124 -26.44 23.26 -8.59
N GLY D 125 -26.87 24.16 -7.71
CA GLY D 125 -26.16 24.40 -6.49
C GLY D 125 -25.76 25.85 -6.31
N PRO D 126 -24.78 26.09 -5.43
CA PRO D 126 -24.40 27.48 -5.14
C PRO D 126 -23.87 28.23 -6.36
N GLU D 127 -23.18 27.53 -7.25
CA GLU D 127 -22.54 28.20 -8.38
C GLU D 127 -23.59 28.71 -9.37
N GLY D 128 -24.59 27.90 -9.65
CA GLY D 128 -25.59 28.24 -10.64
C GLY D 128 -26.08 26.99 -11.35
N LYS D 129 -26.94 27.20 -12.33
CA LYS D 129 -27.60 26.13 -13.05
C LYS D 129 -27.15 26.12 -14.51
N TYR D 130 -26.83 24.95 -15.03
CA TYR D 130 -26.62 24.79 -16.46
C TYR D 130 -26.68 23.32 -16.79
N VAL D 131 -27.01 23.03 -18.05
CA VAL D 131 -27.25 21.68 -18.51
C VAL D 131 -26.37 21.43 -19.72
N ARG D 132 -25.54 20.40 -19.65
CA ARG D 132 -24.89 19.86 -20.84
C ARG D 132 -25.87 18.97 -21.57
N ARG D 133 -26.03 19.21 -22.88
CA ARG D 133 -26.94 18.43 -23.70
C ARG D 133 -26.14 17.75 -24.80
N PHE D 134 -26.29 16.45 -24.90
CA PHE D 134 -25.62 15.64 -25.92
C PHE D 134 -26.71 15.04 -26.80
N PHE D 135 -26.95 15.64 -27.94
CA PHE D 135 -28.03 15.23 -28.82
C PHE D 135 -27.52 14.22 -29.85
N GLY D 136 -28.47 13.45 -30.39
CA GLY D 136 -28.10 12.43 -31.34
C GLY D 136 -27.27 11.32 -30.75
N ALA D 137 -27.50 10.98 -29.49
CA ALA D 137 -26.71 9.98 -28.81
C ALA D 137 -27.21 8.58 -29.14
N LYS D 138 -26.28 7.63 -29.18
CA LYS D 138 -26.59 6.23 -29.36
C LYS D 138 -25.69 5.42 -28.45
N VAL D 139 -26.15 4.21 -28.12
CA VAL D 139 -25.39 3.31 -27.28
C VAL D 139 -24.44 2.52 -28.18
N ASN D 140 -23.14 2.74 -27.99
CA ASN D 140 -22.13 2.01 -28.74
C ASN D 140 -21.78 0.68 -28.10
N GLN D 141 -21.60 0.66 -26.77
CA GLN D 141 -21.32 -0.55 -26.04
C GLN D 141 -22.11 -0.55 -24.75
N ALA D 142 -22.36 -1.75 -24.23
CA ALA D 142 -23.05 -1.93 -22.97
C ALA D 142 -22.46 -3.16 -22.29
N THR D 143 -21.85 -2.96 -21.13
CA THR D 143 -21.22 -4.05 -20.40
C THR D 143 -22.00 -4.30 -19.11
N PHE D 144 -22.49 -5.53 -18.96
CA PHE D 144 -23.07 -5.99 -17.70
C PHE D 144 -21.98 -6.67 -16.89
N SER D 145 -21.82 -6.24 -15.64
CA SER D 145 -20.78 -6.77 -14.76
C SER D 145 -21.40 -7.22 -13.46
N ALA D 146 -21.00 -8.41 -12.99
CA ALA D 146 -21.43 -8.93 -11.70
C ALA D 146 -20.20 -9.40 -10.94
N ARG D 147 -19.94 -8.79 -9.80
CA ARG D 147 -18.90 -9.19 -8.88
C ARG D 147 -19.55 -9.67 -7.58
N VAL D 148 -18.74 -10.24 -6.70
CA VAL D 148 -19.22 -10.64 -5.39
C VAL D 148 -19.20 -9.42 -4.47
N ASN D 149 -20.18 -9.35 -3.58
CA ASN D 149 -20.35 -8.22 -2.67
C ASN D 149 -20.57 -6.94 -3.45
N ASP D 150 -21.30 -7.04 -4.55
CA ASP D 150 -21.58 -5.90 -5.40
C ASP D 150 -22.99 -6.04 -5.95
N MET D 151 -23.43 -5.04 -6.69
CA MET D 151 -24.67 -5.08 -7.42
C MET D 151 -24.38 -5.16 -8.91
N LEU D 152 -25.36 -5.63 -9.68
CA LEU D 152 -25.19 -5.71 -11.11
C LEU D 152 -24.98 -4.32 -11.68
N ASN D 153 -23.84 -4.12 -12.34
CA ASN D 153 -23.48 -2.83 -12.92
C ASN D 153 -23.66 -2.85 -14.42
N LEU D 154 -23.96 -1.69 -14.98
CA LEU D 154 -24.10 -1.52 -16.43
C LEU D 154 -23.32 -0.29 -16.85
N ASN D 155 -22.33 -0.49 -17.71
CA ASN D 155 -21.49 0.58 -18.23
C ASN D 155 -21.83 0.79 -19.69
N LEU D 156 -22.46 1.92 -19.99
CA LEU D 156 -22.78 2.29 -21.36
C LEU D 156 -21.65 3.14 -21.95
N ASP D 157 -21.41 2.96 -23.24
CA ASP D 157 -20.50 3.79 -24.00
C ASP D 157 -21.31 4.48 -25.09
N VAL D 158 -21.44 5.79 -25.00
CA VAL D 158 -22.37 6.57 -25.80
C VAL D 158 -21.59 7.34 -26.85
N GLN D 159 -22.16 7.44 -28.05
CA GLN D 159 -21.63 8.26 -29.13
C GLN D 159 -22.70 9.24 -29.54
N ALA D 160 -22.41 10.53 -29.43
CA ALA D 160 -23.36 11.57 -29.77
C ALA D 160 -22.88 12.35 -30.98
N ILE D 161 -23.77 13.21 -31.49
CA ILE D 161 -23.42 14.05 -32.62
C ILE D 161 -22.70 15.31 -32.15
N GLY D 162 -23.20 15.94 -31.10
CA GLY D 162 -22.59 17.15 -30.60
C GLY D 162 -23.05 17.47 -29.20
N LYS D 163 -22.36 18.44 -28.61
CA LYS D 163 -22.64 18.92 -27.27
C LYS D 163 -23.06 20.38 -27.34
N ASP D 164 -23.85 20.80 -26.36
CA ASP D 164 -24.15 22.22 -26.20
C ASP D 164 -24.58 22.46 -24.76
N ILE D 165 -24.37 23.68 -24.31
CA ILE D 165 -24.66 24.08 -22.94
C ILE D 165 -25.93 24.92 -22.93
N LEU D 166 -26.73 24.73 -21.88
CA LEU D 166 -27.98 25.45 -21.70
C LEU D 166 -27.94 26.14 -20.34
N GLN D 167 -28.42 27.37 -20.28
CA GLN D 167 -28.31 28.17 -19.08
C GLN D 167 -29.56 29.04 -18.95
N PRO D 168 -29.88 29.48 -17.74
CA PRO D 168 -31.00 30.41 -17.58
C PRO D 168 -30.84 31.61 -18.49
N GLY D 169 -31.86 31.85 -19.31
CA GLY D 169 -31.85 32.90 -20.30
C GLY D 169 -31.75 32.40 -21.72
N ASP D 170 -31.33 31.16 -21.93
CA ASP D 170 -31.32 30.59 -23.24
C ASP D 170 -32.75 30.35 -23.74
N PRO D 171 -32.94 30.22 -25.04
CA PRO D 171 -34.32 30.05 -25.54
C PRO D 171 -34.98 28.77 -25.08
N GLY D 172 -34.27 27.65 -25.15
CA GLY D 172 -34.85 26.37 -24.80
C GLY D 172 -34.62 25.99 -23.36
N TRP D 173 -34.35 26.97 -22.50
CA TRP D 173 -34.10 26.68 -21.10
C TRP D 173 -35.42 26.53 -20.35
N VAL D 174 -35.50 25.48 -19.54
CA VAL D 174 -36.61 25.28 -18.61
C VAL D 174 -36.03 24.78 -17.30
N ASN D 175 -36.58 25.23 -16.20
CA ASN D 175 -36.13 24.81 -14.87
C ASN D 175 -36.73 23.44 -14.58
N VAL D 176 -35.95 22.40 -14.81
CA VAL D 176 -36.40 21.03 -14.61
C VAL D 176 -36.12 20.63 -13.18
N THR D 177 -37.02 19.81 -12.63
CA THR D 177 -36.84 19.21 -11.31
C THR D 177 -36.69 17.71 -11.49
N PRO D 178 -35.52 17.13 -11.21
CA PRO D 178 -35.39 15.67 -11.34
C PRO D 178 -36.38 14.94 -10.45
N VAL D 179 -37.16 14.05 -11.07
CA VAL D 179 -38.13 13.23 -10.37
C VAL D 179 -37.70 11.78 -10.51
N TYR D 180 -37.55 11.10 -9.38
CA TYR D 180 -37.04 9.74 -9.33
C TYR D 180 -38.05 8.80 -8.69
N PRO D 181 -37.95 7.50 -8.95
CA PRO D 181 -38.83 6.55 -8.27
C PRO D 181 -38.56 6.49 -6.79
N GLY D 182 -39.61 6.20 -6.03
CA GLY D 182 -39.45 6.03 -4.60
C GLY D 182 -38.45 4.93 -4.27
N GLY D 183 -38.01 4.92 -3.02
CA GLY D 183 -37.12 3.87 -2.58
C GLY D 183 -37.80 2.52 -2.49
N ASP D 184 -39.11 2.52 -2.29
CA ASP D 184 -39.84 1.26 -2.21
C ASP D 184 -40.16 0.69 -3.58
N GLU D 185 -40.43 1.55 -4.57
CA GLU D 185 -40.74 1.06 -5.91
C GLU D 185 -39.51 0.51 -6.62
N GLU D 186 -38.33 1.05 -6.33
CA GLU D 186 -37.12 0.72 -7.05
C GLU D 186 -36.31 -0.31 -6.29
N TYR D 187 -35.65 -1.21 -7.03
CA TYR D 187 -34.77 -2.20 -6.44
C TYR D 187 -33.70 -2.56 -7.44
N ALA D 188 -32.57 -3.05 -6.91
CA ALA D 188 -31.42 -3.41 -7.72
C ALA D 188 -31.26 -4.93 -7.75
N TYR D 189 -30.39 -5.39 -8.65
CA TYR D 189 -30.03 -6.78 -8.77
C TYR D 189 -28.66 -7.01 -8.15
N VAL D 190 -28.59 -7.94 -7.21
CA VAL D 190 -27.40 -8.13 -6.39
C VAL D 190 -26.70 -9.41 -6.81
N PHE D 191 -25.49 -9.60 -6.29
CA PHE D 191 -24.65 -10.73 -6.71
C PHE D 191 -25.25 -12.05 -6.28
N TYR D 192 -25.90 -12.10 -5.12
CA TYR D 192 -26.42 -13.35 -4.59
C TYR D 192 -27.73 -13.77 -5.26
N GLN D 193 -28.15 -13.05 -6.29
CA GLN D 193 -29.28 -13.45 -7.12
C GLN D 193 -28.83 -14.01 -8.46
N ALA D 194 -27.54 -13.94 -8.78
CA ALA D 194 -27.04 -14.32 -10.08
C ALA D 194 -26.93 -15.83 -10.21
N ARG D 195 -27.09 -16.31 -11.44
CA ARG D 195 -26.89 -17.71 -11.78
C ARG D 195 -26.29 -17.77 -13.17
N VAL D 196 -25.21 -18.52 -13.32
CA VAL D 196 -24.60 -18.78 -14.61
C VAL D 196 -24.78 -20.26 -14.92
N LEU D 197 -25.51 -20.55 -15.99
CA LEU D 197 -25.79 -21.92 -16.41
C LEU D 197 -25.20 -22.15 -17.79
N ILE D 198 -24.61 -23.33 -17.98
CA ILE D 198 -23.97 -23.70 -19.23
C ILE D 198 -24.58 -24.99 -19.73
N LYS D 199 -24.32 -25.30 -21.00
CA LYS D 199 -24.85 -26.50 -21.63
C LYS D 199 -24.13 -26.68 -22.95
N ALA D 200 -23.24 -27.67 -23.01
CA ALA D 200 -22.51 -27.95 -24.24
C ALA D 200 -22.61 -29.45 -24.51
N GLY D 201 -22.15 -29.83 -25.70
CA GLY D 201 -22.17 -31.24 -26.06
C GLY D 201 -23.57 -31.80 -26.08
N ASP D 202 -23.71 -33.02 -25.56
CA ASP D 202 -24.98 -33.71 -25.50
C ASP D 202 -25.65 -33.57 -24.14
N MET D 203 -25.26 -32.57 -23.36
CA MET D 203 -25.94 -32.30 -22.09
C MET D 203 -27.43 -32.10 -22.33
N ALA D 204 -28.24 -32.61 -21.43
CA ALA D 204 -29.69 -32.55 -21.59
C ALA D 204 -30.29 -31.23 -21.15
N ASP D 205 -29.81 -30.67 -20.05
CA ASP D 205 -30.34 -29.43 -19.51
C ASP D 205 -29.17 -28.49 -19.26
N LEU D 206 -29.48 -27.29 -18.76
CA LEU D 206 -28.46 -26.33 -18.37
C LEU D 206 -27.98 -26.63 -16.97
N ALA D 207 -26.67 -26.71 -16.80
CA ALA D 207 -26.05 -26.97 -15.50
C ALA D 207 -25.49 -25.67 -14.95
N GLU D 208 -25.68 -25.46 -13.65
CA GLU D 208 -25.23 -24.23 -13.02
C GLU D 208 -23.74 -24.28 -12.69
N LEU D 209 -23.04 -23.21 -13.05
CA LEU D 209 -21.60 -23.07 -12.82
C LEU D 209 -21.37 -22.22 -11.59
N PRO D 210 -20.48 -22.63 -10.67
CA PRO D 210 -20.04 -21.69 -9.62
C PRO D 210 -18.98 -20.73 -10.13
N VAL D 211 -19.38 -19.54 -10.55
CA VAL D 211 -18.46 -18.53 -11.06
C VAL D 211 -18.30 -17.44 -10.03
N GLU D 212 -17.12 -16.82 -10.01
CA GLU D 212 -16.84 -15.73 -9.10
C GLU D 212 -17.31 -14.38 -9.63
N SER D 213 -17.25 -14.20 -10.95
CA SER D 213 -17.72 -12.96 -11.57
C SER D 213 -18.04 -13.27 -13.01
N PHE D 214 -18.66 -12.31 -13.68
CA PHE D 214 -18.96 -12.43 -15.10
C PHE D 214 -19.10 -11.04 -15.70
N ASP D 215 -18.75 -10.93 -16.98
CA ASP D 215 -18.93 -9.72 -17.75
C ASP D 215 -19.61 -10.07 -19.06
N LEU D 216 -20.34 -9.11 -19.62
CA LEU D 216 -20.99 -9.29 -20.91
C LEU D 216 -21.06 -7.94 -21.61
N THR D 217 -20.32 -7.81 -22.71
CA THR D 217 -20.32 -6.58 -23.50
C THR D 217 -21.10 -6.80 -24.78
N ILE D 218 -22.05 -5.91 -25.05
CA ILE D 218 -22.72 -5.82 -26.35
C ILE D 218 -22.14 -4.62 -27.07
N ASN D 219 -21.38 -4.87 -28.13
CA ASN D 219 -20.70 -3.82 -28.88
C ASN D 219 -21.36 -3.69 -30.24
N HIS D 220 -21.93 -2.52 -30.53
CA HIS D 220 -22.68 -2.30 -31.75
C HIS D 220 -21.83 -1.74 -32.89
N ASN D 221 -20.57 -1.43 -32.63
CA ASN D 221 -19.64 -0.94 -33.66
C ASN D 221 -20.28 0.15 -34.51
N LEU D 222 -20.65 1.24 -33.87
CA LEU D 222 -21.18 2.38 -34.61
C LEU D 222 -20.09 2.98 -35.48
N ASN D 223 -20.48 3.45 -36.65
CA ASN D 223 -19.58 4.17 -37.55
C ASN D 223 -19.57 5.63 -37.13
N THR D 224 -18.51 6.04 -36.44
CA THR D 224 -18.42 7.37 -35.85
C THR D 224 -17.54 8.31 -36.68
N ASN D 225 -17.58 8.18 -38.01
CA ASN D 225 -16.68 8.95 -38.86
C ASN D 225 -17.36 9.39 -40.15
N ARG D 226 -18.69 9.46 -40.17
CA ARG D 226 -19.42 9.91 -41.33
C ARG D 226 -19.51 11.42 -41.26
N TYR D 227 -18.55 12.09 -41.91
CA TYR D 227 -18.48 13.53 -41.94
C TYR D 227 -18.73 14.05 -43.35
N ARG D 228 -19.07 15.33 -43.42
CA ARG D 228 -19.55 15.96 -44.64
C ARG D 228 -18.77 17.26 -44.85
N LEU D 229 -18.89 17.83 -46.04
CA LEU D 229 -18.13 19.04 -46.34
C LEU D 229 -18.75 20.27 -45.67
N GLY D 230 -20.06 20.41 -45.76
CA GLY D 230 -20.66 21.63 -45.25
C GLY D 230 -21.02 21.62 -43.79
N SER D 231 -20.44 20.72 -43.00
CA SER D 231 -20.84 20.57 -41.61
C SER D 231 -19.66 20.10 -40.77
N ILE D 232 -19.69 20.48 -39.49
CA ILE D 232 -18.70 20.01 -38.53
C ILE D 232 -19.18 18.82 -37.73
N TYR D 233 -20.42 18.41 -37.92
CA TYR D 233 -21.03 17.34 -37.14
C TYR D 233 -21.04 16.03 -37.92
N ARG D 234 -21.10 14.94 -37.16
CA ARG D 234 -21.33 13.63 -37.75
C ARG D 234 -22.70 13.61 -38.42
N GLN D 235 -22.77 12.95 -39.57
CA GLN D 235 -24.01 12.90 -40.31
C GLN D 235 -24.83 11.65 -40.02
N SER D 236 -24.29 10.71 -39.28
CA SER D 236 -25.01 9.52 -38.87
C SER D 236 -24.16 8.76 -37.86
N LEU D 237 -24.78 7.80 -37.20
CA LEU D 237 -24.09 6.85 -36.33
C LEU D 237 -24.53 5.44 -36.76
N ASP D 238 -24.06 5.02 -37.93
CA ASP D 238 -24.51 3.76 -38.50
C ASP D 238 -23.98 2.58 -37.69
N GLU D 239 -24.88 1.71 -37.26
CA GLU D 239 -24.52 0.57 -36.44
C GLU D 239 -24.06 -0.59 -37.34
N GLY D 240 -22.88 -1.11 -37.05
CA GLY D 240 -22.32 -2.22 -37.78
C GLY D 240 -22.87 -3.55 -37.32
N VAL D 241 -21.98 -4.52 -37.15
CA VAL D 241 -22.37 -5.82 -36.65
C VAL D 241 -22.15 -5.86 -35.14
N THR D 242 -23.12 -6.40 -34.42
CA THR D 242 -23.05 -6.42 -32.96
C THR D 242 -22.16 -7.56 -32.50
N GLU D 243 -21.10 -7.22 -31.75
CA GLU D 243 -20.21 -8.20 -31.15
C GLU D 243 -20.61 -8.38 -29.70
N VAL D 244 -21.03 -9.59 -29.35
CA VAL D 244 -21.41 -9.93 -27.99
C VAL D 244 -20.36 -10.89 -27.44
N THR D 245 -19.47 -10.37 -26.62
CA THR D 245 -18.43 -11.15 -25.95
C THR D 245 -18.69 -11.11 -24.45
N GLY D 246 -17.84 -11.79 -23.69
CA GLY D 246 -18.00 -11.83 -22.26
C GLY D 246 -16.90 -12.63 -21.60
N THR D 247 -17.04 -12.79 -20.29
CA THR D 247 -16.05 -13.47 -19.48
C THR D 247 -16.75 -13.99 -18.23
N PHE D 248 -16.15 -15.00 -17.60
CA PHE D 248 -16.54 -15.37 -16.25
C PHE D 248 -15.38 -16.08 -15.58
N THR D 249 -15.12 -15.72 -14.33
CA THR D 249 -14.05 -16.29 -13.55
C THR D 249 -14.58 -17.47 -12.74
N LEU D 250 -13.86 -18.58 -12.75
CA LEU D 250 -14.24 -19.74 -11.98
C LEU D 250 -13.01 -20.61 -11.78
N ASP D 251 -13.19 -21.73 -11.06
CA ASP D 251 -12.07 -22.59 -10.74
C ASP D 251 -11.90 -23.60 -11.86
N ALA D 252 -10.76 -24.26 -11.89
CA ALA D 252 -10.49 -25.30 -12.87
C ALA D 252 -11.12 -26.62 -12.43
N ALA D 253 -11.74 -27.31 -13.38
CA ALA D 253 -12.36 -28.61 -13.13
C ALA D 253 -13.51 -28.49 -12.11
N VAL D 254 -14.39 -27.53 -12.35
CA VAL D 254 -15.50 -27.27 -11.44
C VAL D 254 -16.65 -28.21 -11.77
N LYS D 255 -17.34 -28.66 -10.73
CA LYS D 255 -18.59 -29.36 -10.89
C LYS D 255 -19.75 -28.37 -10.92
N SER D 256 -20.88 -28.81 -11.43
CA SER D 256 -22.06 -27.97 -11.49
C SER D 256 -22.76 -27.94 -10.13
N ILE D 257 -23.27 -26.77 -9.76
CA ILE D 257 -24.02 -26.65 -8.52
C ILE D 257 -25.35 -27.38 -8.63
N SER D 258 -26.04 -27.20 -9.74
CA SER D 258 -27.33 -27.83 -9.95
C SER D 258 -27.46 -28.18 -11.43
N GLY D 259 -28.41 -29.07 -11.72
CA GLY D 259 -28.63 -29.52 -13.08
C GLY D 259 -27.79 -30.74 -13.38
N PRO D 260 -27.69 -31.09 -14.65
CA PRO D 260 -26.88 -32.25 -15.04
C PRO D 260 -25.40 -32.01 -14.77
N ALA D 261 -24.66 -33.11 -14.76
CA ALA D 261 -23.21 -33.01 -14.61
C ALA D 261 -22.59 -32.43 -15.87
N LEU D 262 -21.51 -31.68 -15.69
CA LEU D 262 -20.79 -31.11 -16.82
C LEU D 262 -20.09 -32.21 -17.60
N ASN D 263 -20.75 -32.73 -18.62
CA ASN D 263 -20.23 -33.85 -19.40
C ASN D 263 -20.72 -33.70 -20.82
N LEU D 264 -19.80 -33.57 -21.76
CA LEU D 264 -20.14 -33.34 -23.16
C LEU D 264 -20.86 -34.52 -23.81
N THR D 265 -21.10 -35.59 -23.07
CA THR D 265 -21.82 -36.75 -23.60
C THR D 265 -23.18 -36.95 -22.95
N GLY D 266 -23.54 -36.13 -21.97
CA GLY D 266 -24.79 -36.30 -21.27
C GLY D 266 -24.76 -37.33 -20.16
N GLY D 267 -23.62 -37.94 -19.89
CA GLY D 267 -23.52 -38.93 -18.84
C GLY D 267 -23.64 -38.30 -17.47
N THR D 268 -23.52 -39.16 -16.46
CA THR D 268 -23.59 -38.72 -15.07
C THR D 268 -22.23 -38.40 -14.49
N ALA D 269 -21.16 -38.93 -15.07
CA ALA D 269 -19.82 -38.69 -14.55
C ALA D 269 -19.37 -37.27 -14.85
N HIS D 270 -18.69 -36.66 -13.89
CA HIS D 270 -18.19 -35.31 -14.05
C HIS D 270 -16.96 -35.31 -14.95
N ASP D 271 -16.84 -34.26 -15.77
CA ASP D 271 -15.74 -34.12 -16.72
C ASP D 271 -14.79 -33.04 -16.23
N PRO D 272 -13.60 -33.37 -15.73
CA PRO D 272 -12.71 -32.33 -15.19
C PRO D 272 -12.11 -31.42 -16.24
N ALA D 273 -12.11 -31.81 -17.52
CA ALA D 273 -11.62 -30.98 -18.60
C ALA D 273 -12.78 -30.46 -19.46
N PHE D 274 -13.93 -30.21 -18.84
CA PHE D 274 -15.11 -29.84 -19.60
C PHE D 274 -14.88 -28.56 -20.39
N LEU D 275 -14.54 -27.47 -19.71
CA LEU D 275 -14.40 -26.19 -20.41
C LEU D 275 -13.17 -26.20 -21.30
N GLU D 276 -12.10 -26.86 -20.87
CA GLU D 276 -10.92 -26.97 -21.70
C GLU D 276 -11.24 -27.70 -22.99
N LYS D 277 -12.02 -28.78 -22.90
CA LYS D 277 -12.39 -29.52 -24.10
C LYS D 277 -13.39 -28.76 -24.96
N VAL D 278 -14.27 -27.97 -24.34
CA VAL D 278 -15.18 -27.15 -25.10
C VAL D 278 -14.40 -26.13 -25.92
N ALA D 279 -13.39 -25.51 -25.32
CA ALA D 279 -12.57 -24.55 -26.04
C ALA D 279 -11.67 -25.23 -27.07
N LEU D 280 -11.22 -26.45 -26.80
CA LEU D 280 -10.27 -27.13 -27.67
C LEU D 280 -10.91 -27.83 -28.85
N TYR D 281 -12.17 -28.24 -28.73
CA TYR D 281 -12.90 -28.86 -29.82
C TYR D 281 -13.80 -27.88 -30.55
N GLY D 282 -13.73 -26.59 -30.23
CA GLY D 282 -14.53 -25.62 -30.94
C GLY D 282 -16.01 -25.89 -30.85
N LYS D 283 -16.48 -26.37 -29.71
CA LYS D 283 -17.89 -26.63 -29.52
C LYS D 283 -18.63 -25.35 -29.14
N TYR D 284 -19.93 -25.35 -29.40
CA TYR D 284 -20.80 -24.24 -29.04
C TYR D 284 -21.57 -24.60 -27.78
N ALA D 285 -21.48 -23.73 -26.78
CA ALA D 285 -22.23 -23.87 -25.55
C ALA D 285 -23.40 -22.90 -25.53
N ALA D 286 -24.27 -23.08 -24.56
CA ALA D 286 -25.42 -22.20 -24.36
C ALA D 286 -25.34 -21.62 -22.96
N LEU D 287 -25.06 -20.34 -22.86
CA LEU D 287 -25.00 -19.67 -21.57
C LEU D 287 -26.37 -19.13 -21.19
N LYS D 288 -26.52 -18.86 -19.89
CA LYS D 288 -27.71 -18.19 -19.39
C LYS D 288 -27.31 -17.46 -18.11
N LEU D 289 -27.27 -16.13 -18.19
CA LEU D 289 -27.02 -15.30 -17.02
C LEU D 289 -28.38 -14.83 -16.50
N GLU D 290 -28.72 -15.23 -15.29
CA GLU D 290 -30.06 -15.02 -14.75
C GLU D 290 -29.97 -14.39 -13.36
N PHE D 291 -30.76 -13.35 -13.13
CA PHE D 291 -30.94 -12.75 -11.82
C PHE D 291 -32.40 -12.94 -11.43
N ILE D 292 -32.63 -13.53 -10.27
CA ILE D 292 -33.98 -13.79 -9.77
C ILE D 292 -34.13 -13.09 -8.42
N ASP D 293 -35.23 -12.38 -8.25
CA ASP D 293 -35.58 -11.74 -6.98
C ASP D 293 -36.83 -12.43 -6.43
N PRO D 294 -36.68 -13.46 -5.60
CA PRO D 294 -37.87 -14.18 -5.13
C PRO D 294 -38.75 -13.35 -4.21
N THR D 295 -38.17 -12.41 -3.47
CA THR D 295 -38.96 -11.57 -2.57
C THR D 295 -39.98 -10.74 -3.32
N ARG D 296 -39.77 -10.49 -4.60
CA ARG D 296 -40.64 -9.64 -5.40
C ARG D 296 -41.27 -10.49 -6.49
N GLU D 297 -42.58 -10.35 -6.67
CA GLU D 297 -43.36 -11.19 -7.56
C GLU D 297 -44.14 -10.31 -8.52
N VAL D 298 -44.19 -10.70 -9.79
CA VAL D 298 -44.92 -9.94 -10.79
C VAL D 298 -46.33 -10.47 -10.94
N ALA D 299 -46.49 -11.79 -10.91
CA ALA D 299 -47.78 -12.44 -10.94
C ALA D 299 -48.03 -13.13 -9.60
N GLU D 300 -48.95 -14.09 -9.58
CA GLU D 300 -49.25 -14.79 -8.33
C GLU D 300 -48.01 -15.47 -7.77
N GLY D 301 -47.24 -16.12 -8.64
CA GLY D 301 -46.02 -16.79 -8.25
C GLY D 301 -44.85 -16.58 -9.18
N VAL D 302 -44.84 -15.49 -9.95
CA VAL D 302 -43.76 -15.21 -10.89
C VAL D 302 -42.84 -14.17 -10.30
N PRO D 303 -41.57 -14.48 -10.06
CA PRO D 303 -40.66 -13.49 -9.46
C PRO D 303 -40.08 -12.54 -10.49
N CYS D 304 -39.72 -11.35 -10.00
CA CYS D 304 -38.98 -10.41 -10.84
C CYS D 304 -37.66 -11.05 -11.24
N ARG D 305 -37.26 -10.84 -12.50
CA ARG D 305 -36.17 -11.62 -13.04
C ARG D 305 -35.57 -10.91 -14.24
N LEU D 306 -34.25 -10.97 -14.34
CA LEU D 306 -33.50 -10.49 -15.49
C LEU D 306 -32.68 -11.65 -16.03
N THR D 307 -32.98 -12.07 -17.25
CA THR D 307 -32.33 -13.21 -17.87
C THR D 307 -31.66 -12.79 -19.16
N ILE D 308 -30.48 -13.34 -19.42
CA ILE D 308 -29.74 -13.10 -20.66
C ILE D 308 -29.45 -14.46 -21.27
N HIS D 309 -30.08 -14.76 -22.39
CA HIS D 309 -29.90 -16.01 -23.10
C HIS D 309 -28.85 -15.84 -24.20
N LEU D 310 -27.86 -16.72 -24.20
CA LEU D 310 -26.83 -16.78 -25.24
C LEU D 310 -26.82 -18.21 -25.77
N PRO D 311 -27.72 -18.54 -26.68
CA PRO D 311 -27.88 -19.96 -27.07
C PRO D 311 -26.67 -20.55 -27.75
N PHE D 312 -25.80 -19.74 -28.36
CA PHE D 312 -24.63 -20.24 -29.06
C PHE D 312 -23.43 -19.40 -28.67
N VAL D 313 -22.46 -20.03 -28.03
CA VAL D 313 -21.31 -19.33 -27.47
C VAL D 313 -20.08 -20.19 -27.70
N ARG D 314 -18.97 -19.54 -28.02
CA ARG D 314 -17.69 -20.22 -28.20
C ARG D 314 -16.69 -19.74 -27.17
N LEU D 315 -16.23 -20.65 -26.34
CA LEU D 315 -15.25 -20.34 -25.31
C LEU D 315 -13.85 -20.30 -25.90
N GLU D 316 -12.98 -19.55 -25.24
CA GLU D 316 -11.55 -19.54 -25.52
C GLU D 316 -10.84 -20.35 -24.45
N GLU D 317 -9.57 -20.65 -24.68
CA GLU D 317 -8.83 -21.47 -23.72
C GLU D 317 -9.02 -20.90 -22.31
N PRO D 318 -9.67 -21.64 -21.41
CA PRO D 318 -10.17 -21.02 -20.17
C PRO D 318 -9.12 -20.34 -19.31
N ASP D 319 -7.83 -20.44 -19.60
CA ASP D 319 -6.80 -19.73 -18.84
C ASP D 319 -6.70 -20.27 -17.42
N PHE D 320 -6.52 -21.59 -17.32
CA PHE D 320 -6.37 -22.24 -16.02
C PHE D 320 -4.89 -22.50 -15.76
N GLN D 321 -4.17 -21.41 -15.57
CA GLN D 321 -2.73 -21.47 -15.35
C GLN D 321 -2.42 -21.92 -13.93
N VAL D 322 -1.38 -22.72 -13.79
CA VAL D 322 -0.88 -23.15 -12.48
C VAL D 322 0.10 -22.08 -12.02
N ARG D 323 -0.40 -21.12 -11.24
CA ARG D 323 0.39 -19.99 -10.80
C ARG D 323 1.09 -20.23 -9.47
N ASP D 324 0.57 -21.13 -8.64
CA ASP D 324 1.06 -21.33 -7.29
C ASP D 324 0.41 -22.61 -6.76
N PRO D 325 0.72 -23.06 -5.54
CA PRO D 325 0.18 -24.33 -5.07
C PRO D 325 -1.25 -24.25 -4.52
N GLY D 326 -1.94 -23.14 -4.71
CA GLY D 326 -3.31 -23.01 -4.27
C GLY D 326 -4.30 -23.56 -5.26
N VAL D 327 -5.51 -23.02 -5.22
CA VAL D 327 -6.57 -23.45 -6.14
C VAL D 327 -6.33 -22.83 -7.50
N ILE D 328 -6.46 -23.65 -8.56
CA ILE D 328 -6.28 -23.17 -9.92
C ILE D 328 -7.57 -22.47 -10.34
N THR D 329 -7.48 -21.17 -10.57
CA THR D 329 -8.61 -20.34 -10.98
C THR D 329 -8.25 -19.63 -12.27
N GLY D 330 -9.26 -19.24 -13.02
CA GLY D 330 -9.01 -18.53 -14.27
C GLY D 330 -10.29 -17.94 -14.81
N SER D 331 -10.15 -17.20 -15.89
CA SER D 331 -11.25 -16.53 -16.56
C SER D 331 -11.47 -17.17 -17.93
N ALA D 332 -12.73 -17.48 -18.24
CA ALA D 332 -13.11 -18.08 -19.51
C ALA D 332 -13.81 -17.03 -20.35
N ARG D 333 -13.13 -16.53 -21.37
CA ARG D 333 -13.73 -15.60 -22.30
C ARG D 333 -14.56 -16.36 -23.34
N PHE D 334 -15.50 -15.66 -23.94
CA PHE D 334 -16.35 -16.28 -24.94
C PHE D 334 -16.89 -15.21 -25.89
N ASN D 335 -17.39 -15.68 -27.03
CA ASN D 335 -18.07 -14.84 -28.02
C ASN D 335 -19.40 -15.47 -28.33
N ALA D 336 -20.47 -14.68 -28.27
CA ALA D 336 -21.81 -15.15 -28.59
C ALA D 336 -21.97 -15.06 -30.10
N TYR D 337 -22.80 -15.94 -30.67
CA TYR D 337 -22.77 -16.12 -32.11
C TYR D 337 -24.10 -15.77 -32.75
N GLU D 338 -25.11 -16.61 -32.59
CA GLU D 338 -26.31 -16.50 -33.40
C GLU D 338 -27.23 -15.38 -32.95
N THR D 339 -27.73 -15.43 -31.72
CA THR D 339 -28.67 -14.45 -31.22
C THR D 339 -28.35 -14.15 -29.76
N ILE D 340 -28.86 -13.01 -29.30
CA ILE D 340 -28.84 -12.65 -27.89
C ILE D 340 -30.25 -12.23 -27.53
N SER D 341 -30.74 -12.68 -26.38
CA SER D 341 -32.09 -12.37 -25.93
C SER D 341 -32.05 -12.03 -24.45
N VAL D 342 -32.53 -10.85 -24.10
CA VAL D 342 -32.62 -10.41 -22.71
C VAL D 342 -34.10 -10.33 -22.36
N THR D 343 -34.49 -11.04 -21.31
CA THR D 343 -35.85 -10.99 -20.78
C THR D 343 -35.82 -10.26 -19.45
N HIS D 344 -36.77 -9.34 -19.26
CA HIS D 344 -36.86 -8.57 -18.03
C HIS D 344 -38.28 -8.69 -17.50
N VAL D 345 -38.43 -9.36 -16.37
CA VAL D 345 -39.69 -9.48 -15.66
C VAL D 345 -39.56 -8.61 -14.41
N ALA D 346 -40.39 -7.57 -14.32
CA ALA D 346 -40.25 -6.61 -13.24
C ALA D 346 -41.58 -5.91 -13.01
N LYS D 347 -41.80 -5.49 -11.78
CA LYS D 347 -42.97 -4.70 -11.41
C LYS D 347 -42.51 -3.31 -10.98
N PHE D 348 -43.20 -2.28 -11.48
CA PHE D 348 -42.83 -0.91 -11.20
C PHE D 348 -43.90 -0.22 -10.37
N MET E 1 29.72 6.13 -5.14
CA MET E 1 29.22 7.46 -5.56
C MET E 1 27.84 7.73 -4.98
N ARG E 2 27.68 8.90 -4.39
CA ARG E 2 26.40 9.39 -3.93
C ARG E 2 26.01 10.60 -4.75
N GLY E 3 24.70 10.89 -4.76
CA GLY E 3 24.24 12.05 -5.50
C GLY E 3 24.89 13.33 -5.04
N VAL E 4 25.21 13.44 -3.75
CA VAL E 4 25.84 14.64 -3.23
C VAL E 4 27.28 14.78 -3.71
N ASP E 5 27.88 13.72 -4.23
CA ASP E 5 29.23 13.76 -4.76
C ASP E 5 29.29 14.31 -6.18
N THR E 6 28.16 14.61 -6.79
CA THR E 6 28.10 15.04 -8.18
C THR E 6 27.75 16.52 -8.27
N PHE E 7 28.28 17.16 -9.30
CA PHE E 7 27.93 18.53 -9.62
C PHE E 7 27.45 18.60 -11.06
N LEU E 8 26.54 19.52 -11.31
CA LEU E 8 26.05 19.82 -12.65
C LEU E 8 26.50 21.23 -13.02
N ALA E 9 26.84 21.42 -14.29
CA ALA E 9 27.27 22.73 -14.76
C ALA E 9 26.87 22.88 -16.22
N PHE E 10 26.23 24.00 -16.53
CA PHE E 10 25.93 24.37 -17.91
C PHE E 10 26.86 25.51 -18.31
N LYS E 11 27.36 25.44 -19.54
CA LYS E 11 28.29 26.46 -20.03
C LYS E 11 27.91 26.77 -21.47
N GLU E 12 27.49 28.00 -21.72
CA GLU E 12 27.10 28.41 -23.06
C GLU E 12 28.32 28.42 -23.96
N GLN E 13 28.30 27.60 -25.00
CA GLN E 13 29.39 27.53 -25.95
C GLN E 13 29.09 28.38 -27.18
N ALA E 14 30.16 28.79 -27.86
CA ALA E 14 30.02 29.70 -29.00
C ALA E 14 29.32 29.02 -30.16
N ASP E 15 29.90 27.93 -30.65
CA ASP E 15 29.34 27.16 -31.75
C ASP E 15 28.80 25.84 -31.22
N LEU E 16 27.92 25.21 -32.01
CA LEU E 16 27.35 23.94 -31.59
C LEU E 16 28.39 22.83 -31.54
N LYS E 17 29.47 22.94 -32.30
CA LYS E 17 30.43 21.85 -32.45
C LYS E 17 31.71 22.05 -31.65
N THR E 18 31.77 23.05 -30.78
CA THR E 18 32.97 23.32 -30.00
C THR E 18 32.64 23.25 -28.51
N PRO E 19 33.00 22.17 -27.81
CA PRO E 19 32.66 22.07 -26.39
C PRO E 19 33.35 23.15 -25.56
N ALA E 20 32.69 23.52 -24.48
CA ALA E 20 33.32 24.40 -23.51
C ALA E 20 34.37 23.63 -22.72
N THR E 21 35.43 24.33 -22.34
CA THR E 21 36.52 23.69 -21.61
C THR E 21 36.18 23.60 -20.13
N LEU E 22 36.68 22.54 -19.50
CA LEU E 22 36.50 22.37 -18.06
C LEU E 22 37.18 23.49 -17.27
N ALA E 23 38.15 24.16 -17.87
CA ALA E 23 38.86 25.24 -17.20
C ALA E 23 38.08 26.55 -17.19
N SER E 24 37.04 26.67 -18.02
CA SER E 24 36.29 27.90 -18.11
C SER E 24 35.16 27.99 -17.09
N LEU E 25 34.79 26.88 -16.46
CA LEU E 25 33.71 26.91 -15.48
C LEU E 25 34.02 27.90 -14.36
N ALA E 26 33.01 28.65 -13.94
CA ALA E 26 33.17 29.66 -12.92
C ALA E 26 31.87 29.75 -12.12
N ALA E 27 31.73 30.82 -11.34
CA ALA E 27 30.52 31.01 -10.56
C ALA E 27 29.33 31.25 -11.49
N GLY E 28 28.18 30.69 -11.12
CA GLY E 28 26.99 30.77 -11.92
C GLY E 28 26.83 29.65 -12.92
N ASP E 29 27.91 28.93 -13.23
CA ASP E 29 27.81 27.78 -14.14
C ASP E 29 27.30 26.54 -13.43
N PHE E 30 27.55 26.43 -12.13
CA PHE E 30 27.15 25.26 -11.36
C PHE E 30 25.73 25.44 -10.84
N LEU E 31 24.89 24.45 -11.06
CA LEU E 31 23.49 24.50 -10.70
C LEU E 31 23.14 23.34 -9.78
N ALA E 32 22.27 23.60 -8.80
CA ALA E 32 21.74 22.55 -7.96
C ALA E 32 20.50 21.97 -8.62
N PHE E 33 20.46 20.64 -8.75
CA PHE E 33 19.43 19.96 -9.50
C PHE E 33 18.78 18.91 -8.61
N ASN E 34 17.54 18.55 -8.95
CA ASN E 34 16.87 17.46 -8.26
C ASN E 34 17.33 16.11 -8.78
N SER E 35 17.59 16.03 -10.08
CA SER E 35 17.97 14.78 -10.73
C SER E 35 18.39 15.09 -12.16
N GLU E 36 19.28 14.26 -12.68
CA GLU E 36 19.71 14.35 -14.07
C GLU E 36 19.76 12.96 -14.66
N SER E 37 19.33 12.82 -15.91
CA SER E 37 19.40 11.56 -16.63
C SER E 37 20.02 11.73 -18.02
N LEU E 38 21.08 12.52 -18.13
CA LEU E 38 21.75 12.69 -19.41
C LEU E 38 22.63 11.50 -19.71
N SER E 39 22.52 10.97 -20.92
CA SER E 39 23.30 9.82 -21.33
C SER E 39 23.48 9.83 -22.83
N GLY E 40 24.51 9.12 -23.29
CA GLY E 40 24.73 8.92 -24.69
C GLY E 40 24.34 7.52 -25.13
N ARG E 41 24.08 7.38 -26.42
CA ARG E 41 23.70 6.10 -27.01
C ARG E 41 24.32 6.02 -28.40
N GLN E 42 25.00 4.93 -28.69
CA GLN E 42 25.55 4.69 -30.01
C GLN E 42 24.84 3.52 -30.67
N GLN E 43 24.69 3.62 -31.99
CA GLN E 43 24.08 2.56 -32.76
C GLN E 43 25.12 1.49 -33.11
N VAL E 44 24.67 0.25 -33.16
CA VAL E 44 25.51 -0.87 -33.57
C VAL E 44 24.96 -1.38 -34.88
N ILE E 45 25.80 -1.38 -35.92
CA ILE E 45 25.42 -1.81 -37.26
C ILE E 45 25.90 -3.24 -37.46
N GLN E 46 24.99 -4.11 -37.89
CA GLN E 46 25.32 -5.48 -38.24
C GLN E 46 25.39 -5.61 -39.75
N SER E 47 26.34 -6.41 -40.23
CA SER E 47 26.45 -6.65 -41.66
C SER E 47 25.30 -7.54 -42.13
N ARG E 48 24.73 -7.20 -43.28
CA ARG E 48 23.61 -7.94 -43.84
C ARG E 48 24.06 -9.14 -44.67
N ALA E 49 25.35 -9.34 -44.85
CA ALA E 49 25.83 -10.49 -45.59
C ALA E 49 25.40 -11.77 -44.88
N ILE E 50 24.92 -12.74 -45.65
CA ILE E 50 24.47 -14.00 -45.07
C ILE E 50 25.67 -14.78 -44.58
N ARG E 51 25.54 -15.37 -43.39
CA ARG E 51 26.62 -16.16 -42.80
C ARG E 51 26.03 -17.13 -41.80
N ARG E 52 26.50 -18.38 -41.85
CA ARG E 52 26.11 -19.36 -40.85
C ARG E 52 26.79 -19.02 -39.54
N MET E 53 26.00 -18.77 -38.50
CA MET E 53 26.54 -18.29 -37.24
C MET E 53 25.50 -18.52 -36.15
N PRO E 54 25.86 -19.14 -35.03
CA PRO E 54 24.86 -19.28 -33.95
C PRO E 54 24.50 -17.98 -33.28
N MET E 55 25.48 -17.11 -33.02
CA MET E 55 25.26 -15.79 -32.45
C MET E 55 25.87 -14.74 -33.38
N ARG E 56 25.74 -13.45 -32.97
CA ARG E 56 26.31 -12.32 -33.72
C ARG E 56 27.81 -12.17 -33.51
N GLN E 57 28.58 -12.10 -34.57
CA GLN E 57 30.03 -12.15 -34.54
C GLN E 57 30.61 -10.75 -34.49
N ILE E 58 31.75 -10.63 -33.82
CA ILE E 58 32.38 -9.33 -33.60
C ILE E 58 32.91 -8.75 -34.91
N ALA E 59 33.38 -9.61 -35.82
CA ALA E 59 34.04 -9.12 -37.02
C ALA E 59 33.09 -8.45 -38.00
N TYR E 60 31.78 -8.58 -37.80
CA TYR E 60 30.80 -8.11 -38.77
C TYR E 60 29.87 -7.06 -38.18
N THR E 61 30.30 -6.39 -37.12
CA THR E 61 29.57 -5.28 -36.52
C THR E 61 30.38 -4.00 -36.68
N ALA E 62 29.68 -2.88 -36.79
CA ALA E 62 30.29 -1.57 -36.85
C ALA E 62 29.50 -0.61 -35.97
N ASN E 63 30.18 0.42 -35.48
CA ASN E 63 29.54 1.42 -34.65
C ASN E 63 28.84 2.45 -35.51
N GLY E 64 27.57 2.69 -35.21
CA GLY E 64 26.74 3.59 -35.98
C GLY E 64 26.70 4.98 -35.39
N THR E 65 25.60 5.67 -35.64
CA THR E 65 25.49 7.05 -35.23
C THR E 65 25.30 7.15 -33.71
N VAL E 66 25.50 8.35 -33.19
CA VAL E 66 25.54 8.59 -31.75
C VAL E 66 24.44 9.58 -31.40
N GLU E 67 23.70 9.29 -30.34
CA GLU E 67 22.73 10.19 -29.74
C GLU E 67 23.22 10.60 -28.35
N ALA E 68 22.65 11.68 -27.84
CA ALA E 68 22.96 12.11 -26.48
C ALA E 68 21.81 12.97 -25.98
N GLY E 69 21.83 13.25 -24.69
CA GLY E 69 20.83 14.08 -24.05
C GLY E 69 20.05 13.30 -23.01
N GLY E 70 19.11 14.01 -22.40
CA GLY E 70 18.31 13.44 -21.33
C GLY E 70 17.50 14.51 -20.65
N ALA E 71 17.14 14.26 -19.40
CA ALA E 71 16.34 15.19 -18.63
C ALA E 71 17.12 15.67 -17.41
N VAL E 72 16.83 16.88 -16.99
CA VAL E 72 17.36 17.44 -15.75
C VAL E 72 16.21 18.16 -15.05
N GLU E 73 16.02 17.86 -13.76
CA GLU E 73 14.97 18.49 -12.99
C GLU E 73 15.66 19.53 -12.14
N PHE E 74 15.05 20.69 -11.93
CA PHE E 74 15.53 21.75 -11.08
C PHE E 74 14.42 22.22 -10.16
N THR E 75 14.81 22.81 -9.04
CA THR E 75 13.89 23.58 -8.22
C THR E 75 14.02 25.04 -8.64
N THR E 76 13.11 25.49 -9.49
CA THR E 76 13.16 26.85 -10.00
C THR E 76 13.44 27.84 -8.88
N SER E 77 14.58 28.50 -8.97
CA SER E 77 15.05 29.38 -7.91
C SER E 77 15.64 30.63 -8.53
N ASN E 78 16.09 31.53 -7.66
CA ASN E 78 16.79 32.75 -8.06
C ASN E 78 17.75 32.49 -9.22
N TYR E 79 18.81 31.74 -8.96
CA TYR E 79 19.90 31.59 -9.92
C TYR E 79 19.60 30.54 -10.99
N VAL E 80 18.83 29.52 -10.65
CA VAL E 80 18.44 28.54 -11.66
C VAL E 80 17.78 29.22 -12.83
N LEU E 81 16.85 30.15 -12.56
CA LEU E 81 16.17 30.85 -13.64
C LEU E 81 17.13 31.76 -14.39
N LYS E 82 17.95 32.51 -13.65
CA LYS E 82 18.93 33.38 -14.29
C LYS E 82 19.78 32.61 -15.29
N LYS E 83 20.11 31.36 -14.96
CA LYS E 83 20.95 30.56 -15.85
C LYS E 83 20.13 29.96 -17.00
N LEU E 84 18.94 29.45 -16.70
CA LEU E 84 18.23 28.59 -17.65
C LEU E 84 17.27 29.33 -18.57
N LEU E 85 16.68 30.43 -18.12
CA LEU E 85 15.75 31.14 -19.00
C LEU E 85 16.41 31.61 -20.28
N PRO E 86 17.65 32.10 -20.28
CA PRO E 86 18.32 32.41 -21.55
C PRO E 86 18.50 31.18 -22.44
N LEU E 87 18.50 29.98 -21.87
CA LEU E 87 18.66 28.77 -22.66
C LEU E 87 17.36 28.25 -23.23
N ILE E 88 16.21 28.72 -22.73
CA ILE E 88 14.92 28.20 -23.14
C ILE E 88 14.29 29.10 -24.19
N PHE E 89 14.59 30.40 -24.12
CA PHE E 89 13.97 31.39 -24.99
C PHE E 89 15.00 31.98 -25.95
N HIS E 90 14.49 32.67 -26.96
CA HIS E 90 15.32 33.19 -28.03
C HIS E 90 15.89 34.57 -27.71
N SER E 91 15.11 35.44 -27.07
CA SER E 91 15.54 36.80 -26.80
C SER E 91 15.41 37.09 -25.30
N LYS E 92 16.15 38.12 -24.87
CA LYS E 92 16.08 38.63 -23.51
C LYS E 92 16.28 40.12 -23.57
N THR E 93 15.42 40.86 -22.87
CA THR E 93 15.52 42.31 -22.78
C THR E 93 15.53 42.71 -21.32
N GLY E 94 16.53 43.49 -20.92
CA GLY E 94 16.63 43.97 -19.56
C GLY E 94 17.44 43.03 -18.69
N GLN E 95 17.64 43.49 -17.45
CA GLN E 95 18.32 42.71 -16.43
C GLN E 95 17.34 42.40 -15.30
N GLU E 96 17.41 41.19 -14.77
CA GLU E 96 16.48 40.79 -13.72
C GLU E 96 16.58 41.73 -12.53
N ASP E 97 17.81 42.03 -12.08
CA ASP E 97 18.04 42.88 -10.94
C ASP E 97 18.09 44.35 -11.28
N ASP E 98 17.50 44.76 -12.40
CA ASP E 98 17.46 46.17 -12.75
C ASP E 98 16.86 46.96 -11.60
N PRO E 99 17.36 48.16 -11.30
CA PRO E 99 16.84 48.89 -10.13
C PRO E 99 15.45 49.45 -10.34
N ASP E 100 15.05 49.69 -11.59
CA ASP E 100 13.70 50.21 -11.82
C ASP E 100 12.62 49.18 -11.53
N GLY E 101 12.98 47.90 -11.51
CA GLY E 101 12.04 46.87 -11.13
C GLY E 101 11.25 46.25 -12.26
N ASP E 102 11.75 46.33 -13.49
CA ASP E 102 11.08 45.74 -14.63
C ASP E 102 11.57 44.34 -14.96
N GLY E 103 12.68 43.90 -14.38
CA GLY E 103 13.18 42.58 -14.65
C GLY E 103 13.51 42.37 -16.11
N ALA E 104 13.82 41.12 -16.42
CA ALA E 104 14.16 40.71 -17.77
C ALA E 104 12.99 39.93 -18.37
N THR E 105 12.71 40.20 -19.64
CA THR E 105 11.63 39.55 -20.36
C THR E 105 12.21 38.61 -21.41
N PHE E 106 11.73 37.37 -21.42
CA PHE E 106 12.19 36.34 -22.33
C PHE E 106 11.05 35.97 -23.25
N THR E 107 11.29 36.03 -24.56
CA THR E 107 10.26 35.75 -25.55
C THR E 107 10.87 34.94 -26.68
N LEU E 108 10.00 34.37 -27.49
CA LEU E 108 10.41 33.73 -28.74
C LEU E 108 10.29 34.74 -29.87
N VAL E 109 11.29 34.77 -30.74
CA VAL E 109 11.32 35.67 -31.87
C VAL E 109 11.24 34.86 -33.15
N ASN E 110 10.87 35.54 -34.25
CA ASN E 110 10.55 34.87 -35.49
C ASN E 110 11.68 33.95 -35.95
N GLY E 111 12.84 34.51 -36.29
CA GLY E 111 13.97 33.73 -36.71
C GLY E 111 14.90 33.38 -35.57
N GLY E 112 14.36 33.31 -34.36
CA GLY E 112 15.19 33.08 -33.20
C GLY E 112 15.76 31.67 -33.17
N VAL E 113 16.87 31.54 -32.45
CA VAL E 113 17.57 30.28 -32.30
C VAL E 113 17.88 30.07 -30.81
N LEU E 114 18.17 28.83 -30.47
CA LEU E 114 18.50 28.46 -29.11
C LEU E 114 20.00 28.47 -28.89
N THR E 115 20.40 28.85 -27.68
CA THR E 115 21.81 28.87 -27.34
C THR E 115 22.29 27.45 -27.09
N PRO E 116 23.33 26.98 -27.78
CA PRO E 116 23.94 25.69 -27.42
C PRO E 116 24.84 25.84 -26.21
N PHE E 117 24.90 24.78 -25.41
CA PHE E 117 25.70 24.79 -24.20
C PHE E 117 26.32 23.42 -24.01
N THR E 118 27.30 23.38 -23.12
CA THR E 118 27.94 22.14 -22.69
C THR E 118 27.47 21.83 -21.28
N ALA E 119 26.97 20.63 -21.08
CA ALA E 119 26.52 20.17 -19.77
C ALA E 119 27.58 19.25 -19.18
N PHE E 120 28.14 19.64 -18.04
CA PHE E 120 29.10 18.84 -17.31
C PHE E 120 28.40 18.16 -16.15
N VAL E 121 28.57 16.85 -16.03
CA VAL E 121 28.09 16.09 -14.89
C VAL E 121 29.32 15.49 -14.23
N GLY E 122 29.90 16.22 -13.31
CA GLY E 122 31.12 15.78 -12.67
C GLY E 122 30.87 14.98 -11.42
N PHE E 123 31.87 14.18 -11.06
CA PHE E 123 31.79 13.27 -9.93
C PHE E 123 33.02 13.43 -9.06
N ASP E 124 32.98 12.79 -7.90
CA ASP E 124 34.03 12.93 -6.91
C ASP E 124 33.73 11.94 -5.79
N GLY E 125 34.68 11.79 -4.88
CA GLY E 125 34.48 10.95 -3.73
C GLY E 125 35.52 9.87 -3.60
N PRO E 126 35.20 8.82 -2.83
CA PRO E 126 36.21 7.78 -2.58
C PRO E 126 36.64 7.05 -3.83
N GLU E 127 35.74 6.89 -4.80
CA GLU E 127 36.07 6.11 -5.98
C GLU E 127 37.08 6.83 -6.85
N GLY E 128 36.89 8.13 -7.04
CA GLY E 128 37.73 8.91 -7.92
C GLY E 128 36.93 10.02 -8.57
N LYS E 129 37.59 10.74 -9.46
CA LYS E 129 37.03 11.91 -10.12
C LYS E 129 36.89 11.65 -11.61
N TYR E 130 35.74 12.01 -12.16
CA TYR E 130 35.57 12.02 -13.61
C TYR E 130 34.34 12.84 -13.94
N VAL E 131 34.32 13.38 -15.15
CA VAL E 131 33.28 14.29 -15.59
C VAL E 131 32.70 13.77 -16.89
N ARG E 132 31.39 13.57 -16.90
CA ARG E 132 30.66 13.37 -18.15
C ARG E 132 30.43 14.73 -18.78
N ARG E 133 30.77 14.86 -20.05
CA ARG E 133 30.59 16.10 -20.79
C ARG E 133 29.67 15.85 -21.97
N PHE E 134 28.60 16.64 -22.06
CA PHE E 134 27.63 16.55 -23.14
C PHE E 134 27.70 17.87 -23.90
N PHE E 135 28.40 17.87 -25.02
CA PHE E 135 28.63 19.09 -25.78
C PHE E 135 27.55 19.25 -26.86
N GLY E 136 27.39 20.48 -27.30
CA GLY E 136 26.36 20.77 -28.29
C GLY E 136 24.96 20.56 -27.79
N ALA E 137 24.72 20.81 -26.51
CA ALA E 137 23.42 20.57 -25.91
C ALA E 137 22.47 21.73 -26.20
N LYS E 138 21.19 21.39 -26.33
CA LYS E 138 20.14 22.39 -26.48
C LYS E 138 18.94 21.94 -25.67
N VAL E 139 18.11 22.90 -25.30
CA VAL E 139 16.90 22.62 -24.54
C VAL E 139 15.80 22.26 -25.54
N ASN E 140 15.33 21.03 -25.47
CA ASN E 140 14.24 20.58 -26.33
C ASN E 140 12.88 20.88 -25.73
N GLN E 141 12.71 20.63 -24.43
CA GLN E 141 11.48 20.93 -23.73
C GLN E 141 11.80 21.50 -22.37
N ALA E 142 10.86 22.27 -21.83
CA ALA E 142 10.98 22.84 -20.50
C ALA E 142 9.59 22.88 -19.89
N THR E 143 9.38 22.16 -18.80
CA THR E 143 8.10 22.10 -18.13
C THR E 143 8.19 22.78 -16.78
N PHE E 144 7.37 23.81 -16.58
CA PHE E 144 7.19 24.43 -15.27
C PHE E 144 6.01 23.75 -14.58
N SER E 145 6.24 23.29 -13.35
CA SER E 145 5.22 22.58 -12.58
C SER E 145 5.07 23.23 -11.22
N ALA E 146 3.83 23.44 -10.80
CA ALA E 146 3.52 23.95 -9.47
C ALA E 146 2.46 23.07 -8.84
N ARG E 147 2.80 22.43 -7.73
CA ARG E 147 1.87 21.66 -6.93
C ARG E 147 1.72 22.33 -5.58
N VAL E 148 0.78 21.84 -4.78
CA VAL E 148 0.61 22.34 -3.42
C VAL E 148 1.61 21.64 -2.51
N ASN E 149 2.10 22.38 -1.52
CA ASN E 149 3.12 21.88 -0.60
C ASN E 149 4.38 21.49 -1.34
N ASP E 150 4.71 22.28 -2.37
CA ASP E 150 5.88 22.03 -3.18
C ASP E 150 6.49 23.36 -3.59
N MET E 151 7.61 23.30 -4.27
CA MET E 151 8.24 24.45 -4.88
C MET E 151 8.10 24.37 -6.39
N LEU E 152 8.21 25.52 -7.05
CA LEU E 152 8.14 25.54 -8.50
C LEU E 152 9.27 24.72 -9.08
N ASN E 153 8.92 23.69 -9.85
CA ASN E 153 9.88 22.79 -10.46
C ASN E 153 10.03 23.09 -11.94
N LEU E 154 11.22 22.80 -12.46
CA LEU E 154 11.51 22.97 -13.89
C LEU E 154 12.21 21.73 -14.39
N ASN E 155 11.59 21.04 -15.34
CA ASN E 155 12.12 19.83 -15.94
C ASN E 155 12.56 20.14 -17.36
N LEU E 156 13.87 20.16 -17.59
CA LEU E 156 14.42 20.35 -18.92
C LEU E 156 14.62 19.02 -19.62
N ASP E 157 14.42 19.01 -20.92
CA ASP E 157 14.72 17.87 -21.78
C ASP E 157 15.78 18.34 -22.77
N VAL E 158 16.98 17.78 -22.67
CA VAL E 158 18.15 18.26 -23.37
C VAL E 158 18.49 17.30 -24.50
N GLN E 159 18.92 17.84 -25.63
CA GLN E 159 19.43 17.07 -26.75
C GLN E 159 20.84 17.55 -27.04
N ALA E 160 21.80 16.65 -26.97
CA ALA E 160 23.19 16.97 -27.20
C ALA E 160 23.69 16.27 -28.46
N ILE E 161 24.91 16.66 -28.87
CA ILE E 161 25.52 16.03 -30.03
C ILE E 161 26.23 14.75 -29.64
N GLY E 162 26.97 14.77 -28.54
CA GLY E 162 27.69 13.60 -28.10
C GLY E 162 28.12 13.71 -26.66
N LYS E 163 28.59 12.58 -26.14
CA LYS E 163 29.07 12.47 -24.78
C LYS E 163 30.55 12.10 -24.80
N ASP E 164 31.26 12.49 -23.75
CA ASP E 164 32.62 12.03 -23.56
C ASP E 164 32.97 12.15 -22.08
N ILE E 165 33.90 11.31 -21.64
CA ILE E 165 34.31 11.25 -20.25
C ILE E 165 35.67 11.94 -20.11
N LEU E 166 35.85 12.62 -18.98
CA LEU E 166 37.09 13.33 -18.68
C LEU E 166 37.59 12.83 -17.33
N GLN E 167 38.90 12.63 -17.22
CA GLN E 167 39.47 12.03 -16.03
C GLN E 167 40.82 12.66 -15.77
N PRO E 168 41.31 12.61 -14.54
CA PRO E 168 42.66 13.09 -14.26
C PRO E 168 43.68 12.44 -15.19
N GLY E 169 44.43 13.28 -15.90
CA GLY E 169 45.39 12.82 -16.87
C GLY E 169 44.99 13.12 -18.31
N ASP E 170 43.71 13.39 -18.55
CA ASP E 170 43.27 13.78 -19.87
C ASP E 170 43.81 15.17 -20.20
N PRO E 171 43.85 15.52 -21.49
CA PRO E 171 44.43 16.83 -21.85
C PRO E 171 43.61 18.00 -21.33
N GLY E 172 42.29 17.95 -21.47
CA GLY E 172 41.46 19.06 -21.07
C GLY E 172 40.93 18.93 -19.64
N TRP E 173 41.60 18.13 -18.82
CA TRP E 173 41.16 17.94 -17.45
C TRP E 173 41.64 19.08 -16.57
N VAL E 174 40.73 19.61 -15.76
CA VAL E 174 41.05 20.59 -14.73
C VAL E 174 40.25 20.21 -13.49
N ASN E 175 40.88 20.37 -12.33
CA ASN E 175 40.22 20.08 -11.06
C ASN E 175 39.31 21.25 -10.72
N VAL E 176 38.03 21.12 -11.03
CA VAL E 176 37.05 22.17 -10.79
C VAL E 176 36.49 22.02 -9.39
N THR E 177 36.21 23.14 -8.75
CA THR E 177 35.53 23.16 -7.46
C THR E 177 34.15 23.80 -7.65
N PRO E 178 33.06 23.07 -7.50
CA PRO E 178 31.74 23.69 -7.64
C PRO E 178 31.55 24.83 -6.66
N VAL E 179 31.20 26.00 -7.19
CA VAL E 179 30.94 27.18 -6.40
C VAL E 179 29.47 27.55 -6.59
N TYR E 180 28.75 27.65 -5.48
CA TYR E 180 27.32 27.89 -5.49
C TYR E 180 26.97 29.18 -4.75
N PRO E 181 25.80 29.76 -5.02
CA PRO E 181 25.38 30.94 -4.26
C PRO E 181 25.12 30.60 -2.81
N GLY E 182 25.35 31.58 -1.95
CA GLY E 182 25.04 31.40 -0.54
C GLY E 182 23.57 31.07 -0.32
N GLY E 183 23.28 30.58 0.88
CA GLY E 183 21.90 30.30 1.23
C GLY E 183 21.07 31.55 1.38
N ASP E 184 21.71 32.67 1.71
CA ASP E 184 20.98 33.92 1.87
C ASP E 184 20.72 34.61 0.54
N GLU E 185 21.64 34.48 -0.42
CA GLU E 185 21.45 35.11 -1.73
C GLU E 185 20.40 34.40 -2.55
N GLU E 186 20.27 33.09 -2.39
CA GLU E 186 19.42 32.26 -3.22
C GLU E 186 18.07 32.01 -2.55
N TYR E 187 17.02 31.96 -3.36
CA TYR E 187 15.69 31.64 -2.86
C TYR E 187 14.89 30.98 -3.97
N ALA E 188 13.89 30.21 -3.57
CA ALA E 188 13.03 29.47 -4.49
C ALA E 188 11.64 30.08 -4.53
N TYR E 189 10.87 29.64 -5.51
CA TYR E 189 9.49 30.04 -5.67
C TYR E 189 8.58 28.92 -5.19
N VAL E 190 7.68 29.24 -4.27
CA VAL E 190 6.89 28.24 -3.58
C VAL E 190 5.44 28.31 -4.07
N PHE E 191 4.66 27.31 -3.68
CA PHE E 191 3.29 27.20 -4.19
C PHE E 191 2.41 28.34 -3.69
N TYR E 192 2.64 28.82 -2.48
CA TYR E 192 1.78 29.84 -1.90
C TYR E 192 2.10 31.23 -2.44
N GLN E 193 2.99 31.34 -3.42
CA GLN E 193 3.24 32.57 -4.13
C GLN E 193 2.62 32.58 -5.52
N ALA E 194 2.05 31.47 -5.95
CA ALA E 194 1.54 31.34 -7.30
C ALA E 194 0.19 32.01 -7.44
N ARG E 195 -0.09 32.49 -8.65
CA ARG E 195 -1.39 33.05 -9.02
C ARG E 195 -1.67 32.69 -10.45
N VAL E 196 -2.84 32.14 -10.72
CA VAL E 196 -3.31 31.85 -12.07
C VAL E 196 -4.47 32.77 -12.36
N LEU E 197 -4.31 33.65 -13.35
CA LEU E 197 -5.33 34.61 -13.73
C LEU E 197 -5.75 34.32 -15.16
N ILE E 198 -7.06 34.43 -15.42
CA ILE E 198 -7.63 34.17 -16.73
C ILE E 198 -8.43 35.39 -17.17
N LYS E 199 -8.75 35.42 -18.45
CA LYS E 199 -9.50 36.52 -19.03
C LYS E 199 -9.95 36.11 -20.43
N ALA E 200 -11.23 35.84 -20.58
CA ALA E 200 -11.77 35.47 -21.87
C ALA E 200 -13.01 36.32 -22.14
N GLY E 201 -13.51 36.23 -23.37
CA GLY E 201 -14.70 36.96 -23.74
C GLY E 201 -14.50 38.46 -23.60
N ASP E 202 -15.51 39.14 -23.07
CA ASP E 202 -15.47 40.58 -22.89
C ASP E 202 -15.10 40.96 -21.47
N MET E 203 -14.46 40.06 -20.72
CA MET E 203 -13.97 40.40 -19.40
C MET E 203 -13.03 41.61 -19.49
N ALA E 204 -13.12 42.49 -18.50
CA ALA E 204 -12.35 43.72 -18.52
C ALA E 204 -10.92 43.54 -18.02
N ASP E 205 -10.73 42.75 -16.96
CA ASP E 205 -9.42 42.53 -16.37
C ASP E 205 -9.20 41.04 -16.24
N LEU E 206 -8.04 40.68 -15.71
CA LEU E 206 -7.73 39.28 -15.44
C LEU E 206 -8.30 38.89 -14.07
N ALA E 207 -9.03 37.79 -14.04
CA ALA E 207 -9.62 37.26 -12.83
C ALA E 207 -8.80 36.09 -12.32
N GLU E 208 -8.61 36.03 -11.01
CA GLU E 208 -7.79 34.97 -10.42
C GLU E 208 -8.60 33.69 -10.26
N LEU E 209 -8.00 32.58 -10.68
CA LEU E 209 -8.60 31.26 -10.59
C LEU E 209 -8.04 30.52 -9.39
N PRO E 210 -8.88 29.87 -8.57
CA PRO E 210 -8.35 28.94 -7.58
C PRO E 210 -8.01 27.58 -8.18
N VAL E 211 -6.75 27.38 -8.55
CA VAL E 211 -6.32 26.13 -9.16
C VAL E 211 -5.50 25.35 -8.15
N GLU E 212 -5.55 24.03 -8.25
CA GLU E 212 -4.79 23.15 -7.36
C GLU E 212 -3.37 22.94 -7.84
N SER E 213 -3.16 22.92 -9.16
CA SER E 213 -1.83 22.75 -9.72
C SER E 213 -1.86 23.31 -11.14
N PHE E 214 -0.68 23.43 -11.74
CA PHE E 214 -0.57 23.87 -13.11
C PHE E 214 0.74 23.34 -13.69
N ASP E 215 0.73 23.11 -15.00
CA ASP E 215 1.91 22.72 -15.75
C ASP E 215 2.02 23.59 -16.98
N LEU E 216 3.24 23.80 -17.46
CA LEU E 216 3.47 24.56 -18.67
C LEU E 216 4.70 24.01 -19.37
N THR E 217 4.52 23.40 -20.54
CA THR E 217 5.61 22.85 -21.32
C THR E 217 5.88 23.75 -22.51
N ILE E 218 7.14 24.15 -22.68
CA ILE E 218 7.61 24.79 -23.90
C ILE E 218 8.41 23.76 -24.68
N ASN E 219 7.87 23.33 -25.81
CA ASN E 219 8.47 22.27 -26.62
C ASN E 219 9.00 22.90 -27.91
N HIS E 220 10.31 22.83 -28.14
CA HIS E 220 10.93 23.47 -29.28
C HIS E 220 11.05 22.56 -30.49
N ASN E 221 10.69 21.29 -30.38
CA ASN E 221 10.70 20.34 -31.48
C ASN E 221 12.01 20.43 -32.27
N LEU E 222 13.12 20.14 -31.58
CA LEU E 222 14.40 20.10 -32.26
C LEU E 222 14.43 18.92 -33.23
N ASN E 223 15.08 19.14 -34.37
CA ASN E 223 15.30 18.07 -35.35
C ASN E 223 16.55 17.30 -34.92
N THR E 224 16.34 16.13 -34.35
CA THR E 224 17.41 15.33 -33.77
C THR E 224 17.83 14.19 -34.69
N ASN E 225 17.82 14.40 -36.00
CA ASN E 225 18.09 13.31 -36.94
C ASN E 225 18.87 13.79 -38.15
N ARG E 226 19.58 14.91 -38.02
CA ARG E 226 20.40 15.42 -39.12
C ARG E 226 21.75 14.72 -39.04
N TYR E 227 21.89 13.62 -39.77
CA TYR E 227 23.12 12.84 -39.80
C TYR E 227 23.75 12.92 -41.19
N ARG E 228 25.04 12.58 -41.22
CA ARG E 228 25.89 12.79 -42.37
C ARG E 228 26.64 11.49 -42.65
N LEU E 229 27.25 11.41 -43.84
CA LEU E 229 27.95 10.18 -44.21
C LEU E 229 29.28 10.04 -43.48
N GLY E 230 30.06 11.10 -43.43
CA GLY E 230 31.38 10.98 -42.86
C GLY E 230 31.47 11.16 -41.37
N SER E 231 30.37 11.04 -40.64
CA SER E 231 30.36 11.34 -39.22
C SER E 231 29.33 10.48 -38.52
N ILE E 232 29.60 10.20 -37.24
CA ILE E 232 28.66 9.50 -36.39
C ILE E 232 27.82 10.45 -35.54
N TYR E 233 28.08 11.74 -35.60
CA TYR E 233 27.42 12.73 -34.76
C TYR E 233 26.33 13.46 -35.53
N ARG E 234 25.38 13.99 -34.78
CA ARG E 234 24.39 14.89 -35.35
C ARG E 234 25.09 16.12 -35.88
N GLN E 235 24.61 16.63 -37.01
CA GLN E 235 25.22 17.80 -37.63
C GLN E 235 24.53 19.09 -37.26
N SER E 236 23.40 19.03 -36.56
CA SER E 236 22.71 20.21 -36.10
C SER E 236 21.58 19.76 -35.19
N LEU E 237 21.01 20.73 -34.47
CA LEU E 237 19.80 20.53 -33.67
C LEU E 237 18.83 21.65 -34.05
N ASP E 238 18.28 21.55 -35.26
CA ASP E 238 17.44 22.62 -35.79
C ASP E 238 16.13 22.68 -35.04
N GLU E 239 15.79 23.85 -34.53
CA GLU E 239 14.57 24.04 -33.75
C GLU E 239 13.40 24.30 -34.69
N GLY E 240 12.35 23.52 -34.52
CA GLY E 240 11.14 23.66 -35.31
C GLY E 240 10.24 24.76 -34.80
N VAL E 241 8.95 24.45 -34.72
CA VAL E 241 7.98 25.40 -34.18
C VAL E 241 7.77 25.08 -32.71
N THR E 242 7.74 26.12 -31.89
CA THR E 242 7.62 25.96 -30.45
C THR E 242 6.16 25.71 -30.08
N GLU E 243 5.89 24.57 -29.45
CA GLU E 243 4.56 24.23 -28.94
C GLU E 243 4.53 24.54 -27.45
N VAL E 244 3.67 25.48 -27.07
CA VAL E 244 3.50 25.86 -25.68
C VAL E 244 2.11 25.38 -25.25
N THR E 245 2.07 24.29 -24.51
CA THR E 245 0.85 23.72 -23.95
C THR E 245 0.94 23.79 -22.43
N GLY E 246 -0.12 23.33 -21.78
CA GLY E 246 -0.15 23.37 -20.33
C GLY E 246 -1.41 22.75 -19.79
N THR E 247 -1.55 22.85 -18.47
CA THR E 247 -2.69 22.26 -17.77
C THR E 247 -2.85 23.01 -16.45
N PHE E 248 -4.06 22.94 -15.89
CA PHE E 248 -4.25 23.34 -14.51
C PHE E 248 -5.49 22.63 -13.97
N THR E 249 -5.36 22.13 -12.74
CA THR E 249 -6.44 21.42 -12.07
C THR E 249 -7.23 22.40 -11.21
N LEU E 250 -8.55 22.32 -11.31
CA LEU E 250 -9.42 23.18 -10.51
C LEU E 250 -10.79 22.52 -10.43
N ASP E 251 -11.70 23.18 -9.71
CA ASP E 251 -13.02 22.62 -9.50
C ASP E 251 -13.91 23.06 -10.63
N ALA E 252 -15.05 22.41 -10.79
CA ALA E 252 -16.04 22.79 -11.79
C ALA E 252 -16.90 23.94 -11.29
N ALA E 253 -17.14 24.92 -12.17
CA ALA E 253 -17.97 26.07 -11.85
C ALA E 253 -17.35 26.90 -10.74
N VAL E 254 -16.07 27.21 -10.87
CA VAL E 254 -15.34 27.97 -9.86
C VAL E 254 -15.56 29.45 -10.07
N LYS E 255 -15.67 30.18 -8.96
CA LYS E 255 -15.65 31.63 -8.99
C LYS E 255 -14.21 32.13 -8.90
N SER E 256 -14.01 33.38 -9.30
CA SER E 256 -12.68 33.98 -9.23
C SER E 256 -12.39 34.45 -7.82
N ILE E 257 -11.14 34.27 -7.39
CA ILE E 257 -10.73 34.74 -6.07
C ILE E 257 -10.69 36.26 -6.05
N SER E 258 -10.14 36.87 -7.09
CA SER E 258 -10.03 38.31 -7.18
C SER E 258 -10.19 38.73 -8.63
N GLY E 259 -10.48 40.01 -8.82
CA GLY E 259 -10.69 40.54 -10.14
C GLY E 259 -12.15 40.47 -10.54
N PRO E 260 -12.44 40.67 -11.82
CA PRO E 260 -13.83 40.58 -12.28
C PRO E 260 -14.35 39.16 -12.17
N ALA E 261 -15.68 39.06 -12.23
CA ALA E 261 -16.33 37.75 -12.24
C ALA E 261 -16.05 37.04 -13.56
N LEU E 262 -15.95 35.72 -13.48
CA LEU E 262 -15.75 34.91 -14.68
C LEU E 262 -17.02 34.92 -15.52
N ASN E 263 -17.09 35.85 -16.47
CA ASN E 263 -18.29 36.02 -17.30
C ASN E 263 -17.83 36.49 -18.67
N LEU E 264 -18.13 35.71 -19.70
CA LEU E 264 -17.68 36.02 -21.05
C LEU E 264 -18.31 37.28 -21.62
N THR E 265 -19.16 37.97 -20.87
CA THR E 265 -19.78 39.20 -21.33
C THR E 265 -19.32 40.42 -20.54
N GLY E 266 -18.48 40.24 -19.53
CA GLY E 266 -18.04 41.33 -18.70
C GLY E 266 -19.00 41.74 -17.61
N GLY E 267 -20.11 41.02 -17.46
CA GLY E 267 -21.08 41.34 -16.43
C GLY E 267 -20.54 41.01 -15.05
N THR E 268 -21.40 41.25 -14.05
CA THR E 268 -21.06 40.98 -12.67
C THR E 268 -21.49 39.59 -12.23
N ALA E 269 -22.44 38.97 -12.92
CA ALA E 269 -22.93 37.65 -12.53
C ALA E 269 -21.90 36.58 -12.87
N HIS E 270 -21.77 35.61 -11.98
CA HIS E 270 -20.84 34.52 -12.20
C HIS E 270 -21.40 33.53 -13.22
N ASP E 271 -20.51 32.99 -14.03
CA ASP E 271 -20.88 32.05 -15.09
C ASP E 271 -20.43 30.65 -14.71
N PRO E 272 -21.34 29.74 -14.33
CA PRO E 272 -20.91 28.41 -13.88
C PRO E 272 -20.37 27.53 -14.99
N ALA E 273 -20.64 27.85 -16.25
CA ALA E 273 -20.09 27.10 -17.38
C ALA E 273 -19.02 27.90 -18.12
N PHE E 274 -18.28 28.72 -17.38
CA PHE E 274 -17.32 29.62 -18.01
C PHE E 274 -16.29 28.87 -18.82
N LEU E 275 -15.55 27.96 -18.18
CA LEU E 275 -14.49 27.26 -18.88
C LEU E 275 -15.05 26.28 -19.90
N GLU E 276 -16.17 25.65 -19.58
CA GLU E 276 -16.80 24.76 -20.54
C GLU E 276 -17.21 25.51 -21.79
N LYS E 277 -17.77 26.72 -21.61
CA LYS E 277 -18.17 27.52 -22.76
C LYS E 277 -16.97 28.07 -23.52
N VAL E 278 -15.89 28.37 -22.81
CA VAL E 278 -14.67 28.82 -23.49
C VAL E 278 -14.13 27.71 -24.37
N ALA E 279 -14.13 26.48 -23.87
CA ALA E 279 -13.67 25.35 -24.67
C ALA E 279 -14.65 25.01 -25.79
N LEU E 280 -15.95 25.21 -25.57
CA LEU E 280 -16.96 24.79 -26.52
C LEU E 280 -17.19 25.81 -27.64
N TYR E 281 -16.92 27.09 -27.39
CA TYR E 281 -17.03 28.12 -28.41
C TYR E 281 -15.71 28.47 -29.05
N GLY E 282 -14.65 27.74 -28.73
CA GLY E 282 -13.36 28.01 -29.35
C GLY E 282 -12.86 29.42 -29.12
N LYS E 283 -13.11 29.96 -27.92
CA LYS E 283 -12.65 31.28 -27.59
C LYS E 283 -11.19 31.25 -27.14
N TYR E 284 -10.54 32.39 -27.26
CA TYR E 284 -9.16 32.56 -26.81
C TYR E 284 -9.15 33.29 -25.48
N ALA E 285 -8.50 32.69 -24.50
CA ALA E 285 -8.32 33.30 -23.19
C ALA E 285 -6.89 33.82 -23.06
N ALA E 286 -6.66 34.58 -22.00
CA ALA E 286 -5.34 35.12 -21.68
C ALA E 286 -4.95 34.64 -20.29
N LEU E 287 -3.98 33.74 -20.23
CA LEU E 287 -3.50 33.25 -18.95
C LEU E 287 -2.38 34.14 -18.42
N LYS E 288 -2.13 34.01 -17.12
CA LYS E 288 -0.99 34.66 -16.49
C LYS E 288 -0.62 33.83 -15.27
N LEU E 289 0.51 33.14 -15.35
CA LEU E 289 1.05 32.42 -14.21
C LEU E 289 2.10 33.31 -13.56
N GLU E 290 1.85 33.70 -12.31
CA GLU E 290 2.68 34.69 -11.63
C GLU E 290 3.10 34.18 -10.26
N PHE E 291 4.38 34.33 -9.96
CA PHE E 291 4.93 34.08 -8.63
C PHE E 291 5.46 35.39 -8.09
N ILE E 292 5.00 35.79 -6.91
CA ILE E 292 5.42 37.03 -6.28
C ILE E 292 6.03 36.69 -4.92
N ASP E 293 7.19 37.27 -4.63
CA ASP E 293 7.84 37.14 -3.34
C ASP E 293 7.84 38.51 -2.66
N PRO E 294 6.83 38.83 -1.85
CA PRO E 294 6.77 40.18 -1.27
C PRO E 294 7.88 40.44 -0.26
N THR E 295 8.37 39.39 0.42
CA THR E 295 9.43 39.58 1.39
C THR E 295 10.71 40.12 0.76
N ARG E 296 10.88 39.92 -0.55
CA ARG E 296 12.09 40.33 -1.26
C ARG E 296 11.73 41.38 -2.28
N GLU E 297 12.51 42.46 -2.31
CA GLU E 297 12.21 43.63 -3.13
C GLU E 297 13.41 43.96 -4.00
N VAL E 298 13.16 44.30 -5.26
CA VAL E 298 14.25 44.64 -6.17
C VAL E 298 14.49 46.14 -6.18
N ALA E 299 13.42 46.92 -6.13
CA ALA E 299 13.50 48.36 -6.04
C ALA E 299 12.96 48.81 -4.68
N GLU E 300 12.58 50.07 -4.56
CA GLU E 300 12.06 50.58 -3.29
C GLU E 300 10.82 49.78 -2.87
N GLY E 301 9.92 49.53 -3.81
CA GLY E 301 8.71 48.77 -3.54
C GLY E 301 8.36 47.74 -4.59
N VAL E 302 9.34 47.26 -5.36
CA VAL E 302 9.10 46.28 -6.41
C VAL E 302 9.51 44.91 -5.90
N PRO E 303 8.60 43.94 -5.79
CA PRO E 303 8.98 42.62 -5.29
C PRO E 303 9.57 41.73 -6.37
N CYS E 304 10.39 40.79 -5.93
CA CYS E 304 10.88 39.75 -6.83
C CYS E 304 9.70 38.96 -7.36
N ARG E 305 9.75 38.63 -8.65
CA ARG E 305 8.57 38.13 -9.31
C ARG E 305 8.95 37.35 -10.56
N LEU E 306 8.25 36.25 -10.79
CA LEU E 306 8.35 35.47 -12.02
C LEU E 306 6.97 35.38 -12.63
N THR E 307 6.81 35.97 -13.83
CA THR E 307 5.53 36.03 -14.51
C THR E 307 5.63 35.36 -15.87
N ILE E 308 4.59 34.63 -16.23
CA ILE E 308 4.49 33.98 -17.54
C ILE E 308 3.20 34.46 -18.18
N HIS E 309 3.32 35.25 -19.25
CA HIS E 309 2.17 35.78 -19.96
C HIS E 309 1.87 34.89 -21.16
N LEU E 310 0.61 34.47 -21.26
CA LEU E 310 0.10 33.71 -22.40
C LEU E 310 -1.12 34.46 -22.94
N PRO E 311 -0.91 35.49 -23.75
CA PRO E 311 -2.03 36.36 -24.12
C PRO E 311 -3.12 35.67 -24.94
N PHE E 312 -2.82 34.57 -25.61
CA PHE E 312 -3.79 33.87 -26.45
C PHE E 312 -3.68 32.39 -26.16
N VAL E 313 -4.74 31.80 -25.64
CA VAL E 313 -4.73 30.41 -25.19
C VAL E 313 -6.07 29.79 -25.55
N ARG E 314 -6.04 28.54 -25.98
CA ARG E 314 -7.26 27.80 -26.29
C ARG E 314 -7.39 26.60 -25.37
N LEU E 315 -8.46 26.59 -24.58
CA LEU E 315 -8.73 25.50 -23.66
C LEU E 315 -9.36 24.33 -24.39
N GLU E 316 -9.18 23.15 -23.83
CA GLU E 316 -9.86 21.94 -24.26
C GLU E 316 -10.97 21.63 -23.25
N GLU E 317 -11.85 20.70 -23.61
CA GLU E 317 -12.97 20.39 -22.75
C GLU E 317 -12.47 20.15 -21.33
N PRO E 318 -12.82 21.00 -20.36
CA PRO E 318 -12.11 21.01 -19.07
C PRO E 318 -12.08 19.69 -18.32
N ASP E 319 -12.79 18.65 -18.75
CA ASP E 319 -12.72 17.35 -18.09
C ASP E 319 -13.32 17.41 -16.68
N PHE E 320 -14.55 17.90 -16.60
CA PHE E 320 -15.28 17.98 -15.33
C PHE E 320 -16.25 16.82 -15.24
N GLN E 321 -15.67 15.63 -15.10
CA GLN E 321 -16.44 14.40 -15.04
C GLN E 321 -17.06 14.23 -13.65
N VAL E 322 -18.28 13.72 -13.62
CA VAL E 322 -18.96 13.39 -12.37
C VAL E 322 -18.55 11.98 -12.01
N ARG E 323 -17.51 11.86 -11.18
CA ARG E 323 -16.95 10.57 -10.82
C ARG E 323 -17.57 9.98 -9.57
N ASP E 324 -18.13 10.80 -8.70
CA ASP E 324 -18.62 10.36 -7.40
C ASP E 324 -19.44 11.51 -6.81
N PRO E 325 -20.05 11.35 -5.63
CA PRO E 325 -20.91 12.43 -5.10
C PRO E 325 -20.16 13.56 -4.41
N GLY E 326 -18.84 13.63 -4.53
CA GLY E 326 -18.07 14.70 -3.95
C GLY E 326 -18.00 15.91 -4.84
N VAL E 327 -16.93 16.69 -4.69
CA VAL E 327 -16.74 17.90 -5.48
C VAL E 327 -16.25 17.49 -6.87
N ILE E 328 -16.84 18.11 -7.90
CA ILE E 328 -16.43 17.84 -9.28
C ILE E 328 -15.17 18.63 -9.57
N THR E 329 -14.07 17.93 -9.79
CA THR E 329 -12.78 18.53 -10.08
C THR E 329 -12.27 17.97 -11.40
N GLY E 330 -11.39 18.72 -12.06
CA GLY E 330 -10.83 18.26 -13.31
C GLY E 330 -9.66 19.12 -13.72
N SER E 331 -9.03 18.71 -14.81
CA SER E 331 -7.88 19.39 -15.36
C SER E 331 -8.24 20.02 -16.69
N ALA E 332 -7.87 21.28 -16.88
CA ALA E 332 -8.14 22.01 -18.10
C ALA E 332 -6.84 22.18 -18.87
N ARG E 333 -6.68 21.42 -19.95
CA ARG E 333 -5.54 21.57 -20.83
C ARG E 333 -5.73 22.74 -21.77
N PHE E 334 -4.61 23.26 -22.27
CA PHE E 334 -4.67 24.39 -23.18
C PHE E 334 -3.44 24.41 -24.06
N ASN E 335 -3.53 25.17 -25.15
CA ASN E 335 -2.42 25.42 -26.06
C ASN E 335 -2.28 26.92 -26.24
N ALA E 336 -1.07 27.43 -26.06
CA ALA E 336 -0.80 28.85 -26.24
C ALA E 336 -0.56 29.09 -27.73
N TYR E 337 -0.89 30.28 -28.21
CA TYR E 337 -0.98 30.48 -29.65
C TYR E 337 0.01 31.51 -30.15
N GLU E 338 -0.22 32.78 -29.90
CA GLU E 338 0.51 33.83 -30.57
C GLU E 338 1.92 34.03 -30.03
N THR E 339 2.05 34.37 -28.75
CA THR E 339 3.35 34.66 -28.16
C THR E 339 3.38 34.10 -26.75
N ILE E 340 4.58 33.92 -26.23
CA ILE E 340 4.81 33.62 -24.83
C ILE E 340 5.87 34.59 -24.32
N SER E 341 5.65 35.13 -23.13
CA SER E 341 6.56 36.10 -22.55
C SER E 341 6.76 35.76 -21.08
N VAL E 342 8.00 35.56 -20.68
CA VAL E 342 8.36 35.30 -19.29
C VAL E 342 9.14 36.50 -18.78
N THR E 343 8.67 37.11 -17.71
CA THR E 343 9.35 38.20 -17.04
C THR E 343 9.91 37.70 -15.72
N HIS E 344 11.15 38.04 -15.44
CA HIS E 344 11.81 37.63 -14.19
C HIS E 344 12.38 38.86 -13.52
N VAL E 345 11.82 39.23 -12.38
CA VAL E 345 12.30 40.31 -11.55
C VAL E 345 12.93 39.67 -10.32
N ALA E 346 14.23 39.85 -10.15
CA ALA E 346 14.94 39.16 -9.08
C ALA E 346 16.19 39.93 -8.72
N LYS E 347 16.60 39.81 -7.46
CA LYS E 347 17.85 40.39 -6.99
C LYS E 347 18.80 39.27 -6.60
N PHE E 348 20.05 39.39 -7.01
CA PHE E 348 21.04 38.35 -6.77
C PHE E 348 22.14 38.87 -5.84
N MET F 1 -9.16 -28.25 -8.14
CA MET F 1 -7.74 -28.44 -8.50
C MET F 1 -6.85 -27.43 -7.78
N ARG F 2 -5.79 -27.93 -7.18
CA ARG F 2 -4.75 -27.10 -6.58
C ARG F 2 -3.46 -27.31 -7.35
N GLY F 3 -2.57 -26.33 -7.24
CA GLY F 3 -1.29 -26.43 -7.92
C GLY F 3 -0.52 -27.67 -7.53
N VAL F 4 -0.67 -28.11 -6.28
CA VAL F 4 0.04 -29.31 -5.82
C VAL F 4 -0.53 -30.58 -6.44
N ASP F 5 -1.71 -30.51 -7.03
CA ASP F 5 -2.32 -31.66 -7.70
C ASP F 5 -1.80 -31.86 -9.11
N THR F 6 -0.94 -30.98 -9.60
CA THR F 6 -0.47 -31.02 -10.97
C THR F 6 0.98 -31.45 -11.03
N PHE F 7 1.34 -32.13 -12.11
CA PHE F 7 2.71 -32.50 -12.39
C PHE F 7 3.09 -31.99 -13.77
N LEU F 8 4.36 -31.64 -13.93
CA LEU F 8 4.92 -31.26 -15.21
C LEU F 8 5.94 -32.31 -15.63
N ALA F 9 6.00 -32.58 -16.91
CA ALA F 9 6.95 -33.56 -17.42
C ALA F 9 7.36 -33.17 -18.83
N PHE F 10 8.67 -33.15 -19.09
CA PHE F 10 9.21 -32.95 -20.41
C PHE F 10 9.75 -34.28 -20.91
N LYS F 11 9.50 -34.58 -22.18
CA LYS F 11 9.96 -35.84 -22.76
C LYS F 11 10.49 -35.54 -24.16
N GLU F 12 11.78 -35.77 -24.36
CA GLU F 12 12.40 -35.52 -25.65
C GLU F 12 11.84 -36.50 -26.68
N GLN F 13 11.20 -35.98 -27.71
CA GLN F 13 10.65 -36.81 -28.76
C GLN F 13 11.60 -36.86 -29.95
N ALA F 14 11.45 -37.93 -30.74
CA ALA F 14 12.38 -38.16 -31.85
C ALA F 14 12.19 -37.12 -32.95
N ASP F 15 10.99 -37.03 -33.50
CA ASP F 15 10.66 -36.06 -34.53
C ASP F 15 9.75 -34.98 -33.95
N LEU F 16 9.69 -33.85 -34.64
CA LEU F 16 8.84 -32.76 -34.18
C LEU F 16 7.37 -33.10 -34.24
N LYS F 17 6.96 -34.03 -35.10
CA LYS F 17 5.56 -34.30 -35.35
C LYS F 17 5.05 -35.57 -34.69
N THR F 18 5.84 -36.19 -33.82
CA THR F 18 5.43 -37.43 -33.16
C THR F 18 5.45 -37.25 -31.65
N PRO F 19 4.31 -37.08 -30.99
CA PRO F 19 4.32 -36.87 -29.54
C PRO F 19 4.87 -38.07 -28.80
N ALA F 20 5.46 -37.79 -27.64
CA ALA F 20 5.86 -38.85 -26.74
C ALA F 20 4.63 -39.44 -26.07
N THR F 21 4.68 -40.73 -25.80
CA THR F 21 3.55 -41.41 -25.19
C THR F 21 3.57 -41.21 -23.68
N LEU F 22 2.37 -41.17 -23.10
CA LEU F 22 2.23 -41.06 -21.66
C LEU F 22 2.82 -42.26 -20.94
N ALA F 23 2.96 -43.39 -21.63
CA ALA F 23 3.51 -44.60 -21.03
C ALA F 23 5.03 -44.57 -20.94
N SER F 24 5.69 -43.67 -21.65
CA SER F 24 7.14 -43.62 -21.67
C SER F 24 7.72 -42.78 -20.54
N LEU F 25 6.91 -41.97 -19.87
CA LEU F 25 7.42 -41.14 -18.79
C LEU F 25 8.05 -42.00 -17.71
N ALA F 26 9.19 -41.53 -17.19
CA ALA F 26 9.94 -42.27 -16.18
C ALA F 26 10.61 -41.26 -15.26
N ALA F 27 11.56 -41.74 -14.46
CA ALA F 27 12.30 -40.86 -13.57
C ALA F 27 13.15 -39.88 -14.36
N GLY F 28 13.20 -38.64 -13.88
CA GLY F 28 13.91 -37.58 -14.56
C GLY F 28 13.06 -36.80 -15.55
N ASP F 29 11.93 -37.34 -15.96
CA ASP F 29 11.03 -36.60 -16.85
C ASP F 29 10.17 -35.61 -16.09
N PHE F 30 9.88 -35.87 -14.82
CA PHE F 30 9.03 -35.01 -14.03
C PHE F 30 9.86 -33.94 -13.36
N LEU F 31 9.42 -32.69 -13.49
CA LEU F 31 10.15 -31.54 -12.99
C LEU F 31 9.27 -30.75 -12.04
N ALA F 32 9.86 -30.21 -10.99
CA ALA F 32 9.18 -29.30 -10.09
C ALA F 32 9.32 -27.88 -10.63
N PHE F 33 8.20 -27.18 -10.75
CA PHE F 33 8.16 -25.88 -11.39
C PHE F 33 7.53 -24.87 -10.44
N ASN F 34 7.84 -23.60 -10.66
CA ASN F 34 7.20 -22.54 -9.90
C ASN F 34 5.83 -22.22 -10.48
N SER F 35 5.69 -22.29 -11.80
CA SER F 35 4.47 -21.94 -12.48
C SER F 35 4.59 -22.32 -13.95
N GLU F 36 3.46 -22.63 -14.56
CA GLU F 36 3.41 -22.92 -15.98
C GLU F 36 2.19 -22.22 -16.57
N SER F 37 2.36 -21.68 -17.78
CA SER F 37 1.27 -21.05 -18.50
C SER F 37 1.19 -21.54 -19.94
N LEU F 38 1.35 -22.84 -20.17
CA LEU F 38 1.24 -23.39 -21.50
C LEU F 38 -0.23 -23.53 -21.89
N SER F 39 -0.57 -23.06 -23.09
CA SER F 39 -1.93 -23.12 -23.57
C SER F 39 -1.93 -23.15 -25.09
N GLY F 40 -3.02 -23.64 -25.65
CA GLY F 40 -3.24 -23.62 -27.07
C GLY F 40 -4.23 -22.55 -27.47
N ARG F 41 -4.16 -22.14 -28.73
CA ARG F 41 -5.05 -21.12 -29.28
C ARG F 41 -5.35 -21.49 -30.72
N GLN F 42 -6.62 -21.50 -31.08
CA GLN F 42 -7.03 -21.75 -32.45
C GLN F 42 -7.65 -20.49 -33.04
N GLN F 43 -7.44 -20.30 -34.34
CA GLN F 43 -8.01 -19.18 -35.04
C GLN F 43 -9.43 -19.50 -35.50
N VAL F 44 -10.28 -18.49 -35.50
CA VAL F 44 -11.64 -18.62 -36.00
C VAL F 44 -11.75 -17.78 -37.26
N ILE F 45 -12.10 -18.41 -38.37
CA ILE F 45 -12.21 -17.76 -39.66
C ILE F 45 -13.68 -17.44 -39.92
N GLN F 46 -13.96 -16.19 -40.25
CA GLN F 46 -15.30 -15.75 -40.63
C GLN F 46 -15.36 -15.62 -42.14
N SER F 47 -16.51 -15.99 -42.72
CA SER F 47 -16.70 -15.84 -44.15
C SER F 47 -16.87 -14.36 -44.50
N ARG F 48 -16.23 -13.94 -45.59
CA ARG F 48 -16.30 -12.56 -46.03
C ARG F 48 -17.50 -12.27 -46.91
N ALA F 49 -18.31 -13.28 -47.22
CA ALA F 49 -19.52 -13.04 -48.01
C ALA F 49 -20.45 -12.10 -47.26
N ILE F 50 -21.01 -11.14 -47.98
CA ILE F 50 -21.90 -10.17 -47.35
C ILE F 50 -23.21 -10.85 -46.99
N ARG F 51 -23.71 -10.57 -45.80
CA ARG F 51 -24.96 -11.15 -45.33
C ARG F 51 -25.56 -10.24 -44.27
N ARG F 52 -26.87 -10.02 -44.37
CA ARG F 52 -27.58 -9.28 -43.34
C ARG F 52 -27.69 -10.16 -42.10
N MET F 53 -27.14 -9.69 -40.99
CA MET F 53 -27.07 -10.49 -39.79
C MET F 53 -26.80 -9.58 -38.60
N PRO F 54 -27.57 -9.69 -37.52
CA PRO F 54 -27.27 -8.86 -36.35
C PRO F 54 -25.99 -9.25 -35.64
N MET F 55 -25.74 -10.55 -35.48
CA MET F 55 -24.51 -11.06 -34.88
C MET F 55 -23.85 -12.03 -35.86
N ARG F 56 -22.69 -12.60 -35.44
CA ARG F 56 -21.96 -13.59 -36.25
C ARG F 56 -22.58 -14.97 -36.20
N GLN F 57 -22.85 -15.58 -37.33
CA GLN F 57 -23.62 -16.81 -37.45
C GLN F 57 -22.69 -18.02 -37.45
N ILE F 58 -23.19 -19.12 -36.90
CA ILE F 58 -22.37 -20.32 -36.74
C ILE F 58 -22.08 -20.95 -38.10
N ALA F 59 -23.00 -20.86 -39.05
CA ALA F 59 -22.85 -21.56 -40.32
C ALA F 59 -21.75 -20.99 -41.20
N TYR F 60 -21.22 -19.81 -40.86
CA TYR F 60 -20.27 -19.11 -41.73
C TYR F 60 -18.93 -18.89 -41.04
N THR F 61 -18.61 -19.70 -40.03
CA THR F 61 -17.32 -19.67 -39.36
C THR F 61 -16.60 -20.99 -39.60
N ALA F 62 -15.28 -20.93 -39.63
CA ALA F 62 -14.45 -22.12 -39.75
C ALA F 62 -13.28 -21.99 -38.79
N ASN F 63 -12.74 -23.13 -38.39
CA ASN F 63 -11.61 -23.14 -37.48
C ASN F 63 -10.31 -22.97 -38.26
N GLY F 64 -9.50 -22.03 -37.84
CA GLY F 64 -8.26 -21.70 -38.52
C GLY F 64 -7.06 -22.41 -37.92
N THR F 65 -5.90 -21.78 -38.07
CA THR F 65 -4.67 -22.41 -37.63
C THR F 65 -4.58 -22.43 -36.10
N VAL F 66 -3.67 -23.25 -35.60
CA VAL F 66 -3.54 -23.53 -34.18
C VAL F 66 -2.17 -23.10 -33.71
N GLU F 67 -2.12 -22.42 -32.58
CA GLU F 67 -0.89 -22.09 -31.88
C GLU F 67 -0.84 -22.83 -30.55
N ALA F 68 0.35 -22.93 -29.98
CA ALA F 68 0.51 -23.52 -28.67
C ALA F 68 1.80 -23.00 -28.05
N GLY F 69 1.96 -23.27 -26.76
CA GLY F 69 3.14 -22.88 -26.02
C GLY F 69 2.79 -21.91 -24.91
N GLY F 70 3.84 -21.51 -24.20
CA GLY F 70 3.68 -20.62 -23.06
C GLY F 70 4.98 -20.53 -22.30
N ALA F 71 4.88 -20.19 -21.02
CA ALA F 71 6.04 -20.04 -20.17
C ALA F 71 5.99 -21.06 -19.04
N VAL F 72 7.18 -21.46 -18.59
CA VAL F 72 7.34 -22.28 -17.41
C VAL F 72 8.49 -21.71 -16.59
N GLU F 73 8.26 -21.53 -15.29
CA GLU F 73 9.28 -20.99 -14.42
C GLU F 73 9.79 -22.19 -13.63
N PHE F 74 11.10 -22.25 -13.36
CA PHE F 74 11.73 -23.28 -12.56
C PHE F 74 12.64 -22.63 -11.54
N THR F 75 12.90 -23.36 -10.46
CA THR F 75 13.98 -23.03 -9.56
C THR F 75 15.20 -23.83 -9.98
N THR F 76 16.09 -23.19 -10.73
CA THR F 76 17.27 -23.86 -11.24
C THR F 76 17.92 -24.70 -10.15
N SER F 77 17.94 -26.01 -10.36
CA SER F 77 18.43 -26.94 -9.36
C SER F 77 19.24 -28.03 -10.03
N ASN F 78 19.75 -28.94 -9.21
CA ASN F 78 20.48 -30.11 -9.68
C ASN F 78 19.85 -30.71 -10.92
N TYR F 79 18.65 -31.27 -10.77
CA TYR F 79 18.03 -32.05 -11.84
C TYR F 79 17.33 -31.19 -12.87
N VAL F 80 16.81 -30.03 -12.45
CA VAL F 80 16.20 -29.13 -13.42
C VAL F 80 17.18 -28.79 -14.52
N LEU F 81 18.43 -28.47 -14.16
CA LEU F 81 19.43 -28.14 -15.16
C LEU F 81 19.79 -29.35 -16.00
N LYS F 82 20.00 -30.50 -15.36
CA LYS F 82 20.29 -31.73 -16.09
C LYS F 82 19.25 -31.99 -17.16
N LYS F 83 17.99 -31.68 -16.88
CA LYS F 83 16.93 -31.91 -17.85
C LYS F 83 16.88 -30.82 -18.90
N LEU F 84 17.01 -29.56 -18.49
CA LEU F 84 16.66 -28.44 -19.36
C LEU F 84 17.83 -27.90 -20.17
N LEU F 85 19.06 -27.98 -19.67
CA LEU F 85 20.18 -27.46 -20.45
C LEU F 85 20.32 -28.15 -21.80
N PRO F 86 20.13 -29.47 -21.91
CA PRO F 86 20.13 -30.08 -23.24
C PRO F 86 19.03 -29.55 -24.15
N LEU F 87 17.95 -29.00 -23.60
CA LEU F 87 16.87 -28.46 -24.39
C LEU F 87 17.10 -27.03 -24.83
N ILE F 88 18.05 -26.32 -24.22
CA ILE F 88 18.26 -24.90 -24.48
C ILE F 88 19.41 -24.72 -25.46
N PHE F 89 20.38 -25.64 -25.44
CA PHE F 89 21.59 -25.52 -26.23
C PHE F 89 21.64 -26.62 -27.28
N HIS F 90 22.55 -26.43 -28.24
CA HIS F 90 22.65 -27.32 -29.39
C HIS F 90 23.54 -28.52 -29.13
N SER F 91 24.64 -28.34 -28.40
CA SER F 91 25.59 -29.41 -28.17
C SER F 91 25.84 -29.59 -26.68
N LYS F 92 26.33 -30.77 -26.32
CA LYS F 92 26.74 -31.08 -24.96
C LYS F 92 27.94 -31.99 -25.03
N THR F 93 28.97 -31.67 -24.25
CA THR F 93 30.17 -32.50 -24.18
C THR F 93 30.44 -32.83 -22.71
N GLY F 94 30.59 -34.11 -22.43
CA GLY F 94 30.88 -34.57 -21.08
C GLY F 94 29.63 -34.87 -20.28
N GLN F 95 29.86 -35.38 -19.08
CA GLN F 95 28.79 -35.66 -18.13
C GLN F 95 28.95 -34.77 -16.92
N GLU F 96 27.84 -34.26 -16.40
CA GLU F 96 27.90 -33.37 -15.25
C GLU F 96 28.60 -34.02 -14.08
N ASP F 97 28.23 -35.26 -13.77
CA ASP F 97 28.79 -35.99 -12.64
C ASP F 97 30.06 -36.74 -12.99
N ASP F 98 30.76 -36.33 -14.04
CA ASP F 98 32.02 -36.97 -14.38
C ASP F 98 32.95 -36.95 -13.17
N PRO F 99 33.72 -38.02 -12.93
CA PRO F 99 34.55 -38.03 -11.71
C PRO F 99 35.74 -37.10 -11.78
N ASP F 100 36.22 -36.75 -12.98
CA ASP F 100 37.35 -35.83 -13.07
C ASP F 100 36.97 -34.42 -12.66
N GLY F 101 35.68 -34.08 -12.69
CA GLY F 101 35.23 -32.79 -12.21
C GLY F 101 35.15 -31.70 -13.26
N ASP F 102 35.03 -32.07 -14.54
CA ASP F 102 34.91 -31.08 -15.61
C ASP F 102 33.48 -30.80 -15.99
N GLY F 103 32.52 -31.58 -15.51
CA GLY F 103 31.13 -31.33 -15.84
C GLY F 103 30.87 -31.37 -17.33
N ALA F 104 29.65 -31.00 -17.67
CA ALA F 104 29.19 -30.96 -19.05
C ALA F 104 29.13 -29.52 -19.54
N THR F 105 29.57 -29.30 -20.77
CA THR F 105 29.58 -27.98 -21.37
C THR F 105 28.53 -27.92 -22.47
N PHE F 106 27.70 -26.89 -22.43
CA PHE F 106 26.63 -26.69 -23.39
C PHE F 106 26.92 -25.44 -24.19
N THR F 107 26.92 -25.56 -25.52
CA THR F 107 27.24 -24.45 -26.39
C THR F 107 26.30 -24.47 -27.58
N LEU F 108 26.27 -23.36 -28.30
CA LEU F 108 25.59 -23.29 -29.59
C LEU F 108 26.58 -23.59 -30.70
N VAL F 109 26.14 -24.39 -31.68
CA VAL F 109 26.99 -24.77 -32.79
C VAL F 109 26.38 -24.17 -34.06
N ASN F 110 27.21 -24.10 -35.11
CA ASN F 110 26.85 -23.39 -36.32
C ASN F 110 25.52 -23.86 -36.89
N GLY F 111 25.46 -25.11 -37.34
CA GLY F 111 24.23 -25.65 -37.88
C GLY F 111 23.41 -26.38 -36.85
N GLY F 112 23.56 -26.00 -35.58
CA GLY F 112 22.87 -26.69 -34.51
C GLY F 112 21.38 -26.48 -34.55
N VAL F 113 20.68 -27.44 -33.95
CA VAL F 113 19.22 -27.43 -33.86
C VAL F 113 18.82 -27.72 -32.43
N LEU F 114 17.57 -27.39 -32.11
CA LEU F 114 17.03 -27.60 -30.79
C LEU F 114 16.27 -28.92 -30.72
N THR F 115 16.34 -29.56 -29.57
CA THR F 115 15.64 -30.82 -29.37
C THR F 115 14.15 -30.55 -29.18
N PRO F 116 13.27 -31.15 -29.97
CA PRO F 116 11.85 -31.06 -29.67
C PRO F 116 11.45 -32.01 -28.56
N PHE F 117 10.46 -31.60 -27.77
CA PHE F 117 10.01 -32.41 -26.66
C PHE F 117 8.51 -32.27 -26.52
N THR F 118 7.94 -33.18 -25.74
CA THR F 118 6.53 -33.15 -25.38
C THR F 118 6.41 -32.72 -23.93
N ALA F 119 5.61 -31.70 -23.68
CA ALA F 119 5.36 -31.20 -22.34
C ALA F 119 4.02 -31.71 -21.86
N PHE F 120 4.02 -32.48 -20.79
CA PHE F 120 2.80 -32.97 -20.15
C PHE F 120 2.50 -32.13 -18.93
N VAL F 121 1.28 -31.64 -18.83
CA VAL F 121 0.80 -30.95 -17.65
C VAL F 121 -0.36 -31.78 -17.12
N GLY F 122 -0.07 -32.72 -16.26
CA GLY F 122 -1.08 -33.60 -15.75
C GLY F 122 -1.73 -33.09 -14.49
N PHE F 123 -2.94 -33.59 -14.23
CA PHE F 123 -3.74 -33.17 -13.10
C PHE F 123 -4.26 -34.39 -12.37
N ASP F 124 -4.85 -34.13 -11.21
CA ASP F 124 -5.30 -35.19 -10.32
C ASP F 124 -6.08 -34.54 -9.19
N GLY F 125 -6.73 -35.36 -8.37
CA GLY F 125 -7.42 -34.86 -7.21
C GLY F 125 -8.88 -35.24 -7.19
N PRO F 126 -9.66 -34.52 -6.39
CA PRO F 126 -11.09 -34.88 -6.24
C PRO F 126 -11.86 -34.78 -7.53
N GLU F 127 -11.51 -33.84 -8.41
CA GLU F 127 -12.29 -33.63 -9.62
C GLU F 127 -12.11 -34.79 -10.59
N GLY F 128 -10.88 -35.26 -10.75
CA GLY F 128 -10.58 -36.30 -11.72
C GLY F 128 -9.18 -36.10 -12.28
N LYS F 129 -8.85 -36.95 -13.23
CA LYS F 129 -7.52 -36.99 -13.82
C LYS F 129 -7.59 -36.60 -15.29
N TYR F 130 -6.68 -35.74 -15.73
CA TYR F 130 -6.51 -35.48 -17.14
C TYR F 130 -5.17 -34.80 -17.34
N VAL F 131 -4.63 -34.95 -18.55
CA VAL F 131 -3.29 -34.47 -18.88
C VAL F 131 -3.40 -33.59 -20.11
N ARG F 132 -2.92 -32.36 -19.99
CA ARG F 132 -2.66 -31.52 -21.16
C ARG F 132 -1.34 -31.94 -21.76
N ARG F 133 -1.33 -32.19 -23.07
CA ARG F 133 -0.12 -32.59 -23.77
C ARG F 133 0.18 -31.57 -24.85
N PHE F 134 1.39 -31.04 -24.83
CA PHE F 134 1.85 -30.05 -25.81
C PHE F 134 3.00 -30.71 -26.57
N PHE F 135 2.72 -31.21 -27.75
CA PHE F 135 3.69 -31.95 -28.53
C PHE F 135 4.43 -31.01 -29.49
N GLY F 136 5.61 -31.44 -29.92
CA GLY F 136 6.41 -30.62 -30.79
C GLY F 136 6.90 -29.34 -30.15
N ALA F 137 7.17 -29.38 -28.85
CA ALA F 137 7.58 -28.19 -28.13
C ALA F 137 9.06 -27.92 -28.31
N LYS F 138 9.42 -26.64 -28.33
CA LYS F 138 10.80 -26.22 -28.36
C LYS F 138 10.97 -25.03 -27.43
N VAL F 139 12.20 -24.82 -26.97
CA VAL F 139 12.52 -23.72 -26.09
C VAL F 139 12.81 -22.50 -26.97
N ASN F 140 11.97 -21.48 -26.86
CA ASN F 140 12.16 -20.24 -27.60
C ASN F 140 13.07 -19.28 -26.87
N GLN F 141 12.86 -19.11 -25.56
CA GLN F 141 13.70 -18.26 -24.74
C GLN F 141 13.96 -18.95 -23.41
N ALA F 142 15.06 -18.56 -22.79
CA ALA F 142 15.42 -19.07 -21.47
C ALA F 142 16.13 -17.94 -20.72
N THR F 143 15.54 -17.51 -19.61
CA THR F 143 16.09 -16.41 -18.82
C THR F 143 16.57 -16.96 -17.48
N PHE F 144 17.85 -16.78 -17.20
CA PHE F 144 18.41 -17.05 -15.88
C PHE F 144 18.37 -15.76 -15.06
N SER F 145 17.79 -15.84 -13.87
CA SER F 145 17.64 -14.68 -13.00
C SER F 145 18.21 -14.98 -11.63
N ALA F 146 18.99 -14.05 -11.09
CA ALA F 146 19.51 -14.16 -9.74
C ALA F 146 19.24 -12.85 -9.00
N ARG F 147 18.47 -12.93 -7.93
CA ARG F 147 18.20 -11.82 -7.03
C ARG F 147 18.80 -12.14 -5.67
N VAL F 148 18.80 -11.16 -4.79
CA VAL F 148 19.25 -11.38 -3.42
C VAL F 148 18.10 -11.97 -2.61
N ASN F 149 18.44 -12.84 -1.68
CA ASN F 149 17.45 -13.55 -0.87
C ASN F 149 16.53 -14.39 -1.74
N ASP F 150 17.10 -14.97 -2.79
CA ASP F 150 16.34 -15.78 -3.73
C ASP F 150 17.22 -16.93 -4.18
N MET F 151 16.64 -17.82 -4.98
CA MET F 151 17.37 -18.89 -5.65
C MET F 151 17.44 -18.58 -7.14
N LEU F 152 18.41 -19.20 -7.80
CA LEU F 152 18.55 -19.02 -9.23
C LEU F 152 17.30 -19.53 -9.94
N ASN F 153 16.63 -18.64 -10.67
CA ASN F 153 15.40 -18.97 -11.37
C ASN F 153 15.66 -19.12 -12.85
N LEU F 154 14.86 -19.96 -13.50
CA LEU F 154 14.93 -20.17 -14.94
C LEU F 154 13.53 -20.11 -15.52
N ASN F 155 13.30 -19.15 -16.40
CA ASN F 155 12.01 -18.95 -17.05
C ASN F 155 12.15 -19.36 -18.51
N LEU F 156 11.51 -20.48 -18.88
CA LEU F 156 11.49 -20.93 -20.25
C LEU F 156 10.26 -20.39 -20.97
N ASP F 157 10.43 -20.09 -22.26
CA ASP F 157 9.33 -19.71 -23.13
C ASP F 157 9.25 -20.76 -24.23
N VAL F 158 8.18 -21.53 -24.25
CA VAL F 158 8.05 -22.72 -25.07
C VAL F 158 7.10 -22.43 -26.22
N GLN F 159 7.42 -22.97 -27.39
CA GLN F 159 6.57 -22.92 -28.57
C GLN F 159 6.30 -24.36 -29.00
N ALA F 160 5.03 -24.74 -29.02
CA ALA F 160 4.63 -26.09 -29.40
C ALA F 160 3.85 -26.06 -30.70
N ILE F 161 3.60 -27.25 -31.23
CA ILE F 161 2.81 -27.38 -32.45
C ILE F 161 1.33 -27.38 -32.13
N GLY F 162 0.93 -28.13 -31.11
CA GLY F 162 -0.48 -28.20 -30.76
C GLY F 162 -0.66 -28.75 -29.37
N LYS F 163 -1.90 -28.63 -28.90
CA LYS F 163 -2.32 -29.12 -27.59
C LYS F 163 -3.36 -30.21 -27.77
N ASP F 164 -3.43 -31.11 -26.79
CA ASP F 164 -4.52 -32.06 -26.74
C ASP F 164 -4.65 -32.56 -25.31
N ILE F 165 -5.86 -32.98 -24.97
CA ILE F 165 -6.20 -33.43 -23.63
C ILE F 165 -6.29 -34.94 -23.63
N LEU F 166 -5.84 -35.56 -22.53
CA LEU F 166 -5.87 -37.00 -22.34
C LEU F 166 -6.61 -37.30 -21.06
N GLN F 167 -7.44 -38.34 -21.08
CA GLN F 167 -8.31 -38.63 -19.96
C GLN F 167 -8.45 -40.14 -19.84
N PRO F 168 -8.79 -40.65 -18.66
CA PRO F 168 -9.06 -42.08 -18.52
C PRO F 168 -10.09 -42.54 -19.54
N GLY F 169 -9.69 -43.55 -20.32
CA GLY F 169 -10.51 -44.07 -21.40
C GLY F 169 -9.98 -43.73 -22.78
N ASP F 170 -9.10 -42.74 -22.89
CA ASP F 170 -8.48 -42.44 -24.15
C ASP F 170 -7.52 -43.58 -24.55
N PRO F 171 -7.17 -43.68 -25.82
CA PRO F 171 -6.30 -44.79 -26.24
C PRO F 171 -4.92 -44.72 -25.63
N GLY F 172 -4.29 -43.54 -25.64
CA GLY F 172 -2.94 -43.41 -25.15
C GLY F 172 -2.86 -43.02 -23.69
N TRP F 173 -3.93 -43.27 -22.94
CA TRP F 173 -3.95 -42.91 -21.53
C TRP F 173 -3.24 -43.98 -20.70
N VAL F 174 -2.38 -43.52 -19.80
CA VAL F 174 -1.74 -44.38 -18.81
C VAL F 174 -1.74 -43.62 -17.50
N ASN F 175 -1.98 -44.34 -16.40
CA ASN F 175 -1.96 -43.74 -15.07
C ASN F 175 -0.51 -43.57 -14.64
N VAL F 176 0.01 -42.37 -14.82
CA VAL F 176 1.40 -42.07 -14.48
C VAL F 176 1.47 -41.63 -13.03
N THR F 177 2.56 -42.00 -12.36
CA THR F 177 2.84 -41.53 -11.01
C THR F 177 4.09 -40.66 -11.06
N PRO F 178 3.99 -39.36 -10.79
CA PRO F 178 5.19 -38.52 -10.80
C PRO F 178 6.22 -39.01 -9.80
N VAL F 179 7.43 -39.25 -10.29
CA VAL F 179 8.56 -39.68 -9.47
C VAL F 179 9.62 -38.58 -9.51
N TYR F 180 10.00 -38.10 -8.33
CA TYR F 180 10.91 -36.99 -8.19
C TYR F 180 12.17 -37.40 -7.42
N PRO F 181 13.26 -36.65 -7.57
CA PRO F 181 14.46 -36.95 -6.77
C PRO F 181 14.21 -36.68 -5.30
N GLY F 182 14.91 -37.45 -4.46
CA GLY F 182 14.83 -37.22 -3.04
C GLY F 182 15.26 -35.80 -2.67
N GLY F 183 14.91 -35.41 -1.44
CA GLY F 183 15.33 -34.12 -0.96
C GLY F 183 16.82 -34.03 -0.73
N ASP F 184 17.46 -35.17 -0.46
CA ASP F 184 18.90 -35.18 -0.22
C ASP F 184 19.68 -35.18 -1.52
N GLU F 185 19.18 -35.83 -2.57
CA GLU F 185 19.89 -35.86 -3.84
C GLU F 185 19.83 -34.53 -4.55
N GLU F 186 18.76 -33.78 -4.39
CA GLU F 186 18.50 -32.55 -5.14
C GLU F 186 18.92 -31.34 -4.33
N TYR F 187 19.44 -30.32 -5.02
CA TYR F 187 19.79 -29.07 -4.39
C TYR F 187 19.67 -27.94 -5.42
N ALA F 188 19.49 -26.74 -4.91
CA ALA F 188 19.32 -25.56 -5.74
C ALA F 188 20.54 -24.66 -5.64
N TYR F 189 20.59 -23.68 -6.54
CA TYR F 189 21.63 -22.67 -6.56
C TYR F 189 21.09 -21.37 -5.99
N VAL F 190 21.75 -20.84 -4.97
CA VAL F 190 21.25 -19.72 -4.21
C VAL F 190 22.05 -18.47 -4.55
N PHE F 191 21.56 -17.32 -4.08
CA PHE F 191 22.16 -16.04 -4.45
C PHE F 191 23.56 -15.90 -3.87
N TYR F 192 23.80 -16.44 -2.68
CA TYR F 192 25.08 -16.26 -2.02
C TYR F 192 26.16 -17.18 -2.58
N GLN F 193 25.86 -17.91 -3.65
CA GLN F 193 26.85 -18.69 -4.38
C GLN F 193 27.24 -18.03 -5.69
N ALA F 194 26.57 -16.95 -6.07
CA ALA F 194 26.79 -16.32 -7.36
C ALA F 194 28.05 -15.47 -7.36
N ARG F 195 28.66 -15.37 -8.54
CA ARG F 195 29.81 -14.51 -8.75
C ARG F 195 29.71 -13.95 -10.17
N VAL F 196 29.82 -12.64 -10.30
CA VAL F 196 29.88 -11.99 -11.61
C VAL F 196 31.28 -11.42 -11.77
N LEU F 197 31.99 -11.90 -12.77
CA LEU F 197 33.35 -11.46 -13.05
C LEU F 197 33.40 -10.83 -14.43
N ILE F 198 34.16 -9.74 -14.55
CA ILE F 198 34.28 -9.00 -15.80
C ILE F 198 35.75 -8.89 -16.15
N LYS F 199 36.01 -8.52 -17.40
CA LYS F 199 37.37 -8.37 -17.89
C LYS F 199 37.31 -7.66 -19.24
N ALA F 200 37.72 -6.40 -19.25
CA ALA F 200 37.74 -5.62 -20.49
C ALA F 200 39.10 -4.97 -20.63
N GLY F 201 39.33 -4.38 -21.81
CA GLY F 201 40.58 -3.68 -22.03
C GLY F 201 41.77 -4.62 -21.93
N ASP F 202 42.83 -4.13 -21.30
CA ASP F 202 44.05 -4.90 -21.11
C ASP F 202 44.12 -5.55 -19.74
N MET F 203 42.99 -5.70 -19.06
CA MET F 203 42.96 -6.42 -17.79
C MET F 203 43.55 -7.82 -17.98
N ALA F 204 44.31 -8.26 -16.98
CA ALA F 204 44.99 -9.55 -17.08
C ALA F 204 44.10 -10.73 -16.73
N ASP F 205 43.27 -10.59 -15.70
CA ASP F 205 42.40 -11.66 -15.24
C ASP F 205 40.99 -11.12 -15.14
N LEU F 206 40.07 -11.99 -14.73
CA LEU F 206 38.70 -11.58 -14.49
C LEU F 206 38.57 -11.01 -13.08
N ALA F 207 37.97 -9.84 -12.98
CA ALA F 207 37.74 -9.17 -11.70
C ALA F 207 36.29 -9.33 -11.29
N GLU F 208 36.08 -9.59 -10.00
CA GLU F 208 34.73 -9.82 -9.51
C GLU F 208 34.00 -8.50 -9.27
N LEU F 209 32.77 -8.42 -9.75
CA LEU F 209 31.91 -7.26 -9.60
C LEU F 209 30.93 -7.47 -8.46
N PRO F 210 30.76 -6.50 -7.56
CA PRO F 210 29.62 -6.58 -6.62
C PRO F 210 28.32 -6.14 -7.27
N VAL F 211 27.53 -7.09 -7.77
CA VAL F 211 26.26 -6.79 -8.42
C VAL F 211 25.13 -7.20 -7.49
N GLU F 212 24.02 -6.48 -7.59
CA GLU F 212 22.83 -6.78 -6.79
C GLU F 212 21.96 -7.85 -7.42
N SER F 213 21.91 -7.91 -8.74
CA SER F 213 21.14 -8.92 -9.44
C SER F 213 21.71 -9.05 -10.84
N PHE F 214 21.26 -10.08 -11.55
CA PHE F 214 21.65 -10.27 -12.94
C PHE F 214 20.59 -11.08 -13.65
N ASP F 215 20.46 -10.84 -14.95
CA ASP F 215 19.58 -11.61 -15.81
C ASP F 215 20.34 -12.02 -17.06
N LEU F 216 19.94 -13.14 -17.65
CA LEU F 216 20.55 -13.61 -18.88
C LEU F 216 19.50 -14.34 -19.70
N THR F 217 19.12 -13.77 -20.85
CA THR F 217 18.14 -14.37 -21.73
C THR F 217 18.85 -14.95 -22.95
N ILE F 218 18.59 -16.22 -23.25
CA ILE F 218 18.97 -16.84 -24.51
C ILE F 218 17.71 -16.95 -25.37
N ASN F 219 17.67 -16.17 -26.44
CA ASN F 219 16.49 -16.09 -27.31
C ASN F 219 16.85 -16.74 -28.64
N HIS F 220 16.16 -17.81 -29.00
CA HIS F 220 16.46 -18.57 -30.20
C HIS F 220 15.68 -18.12 -31.42
N ASN F 221 14.74 -17.18 -31.27
CA ASN F 221 13.97 -16.62 -32.37
C ASN F 221 13.44 -17.72 -33.28
N LEU F 222 12.61 -18.60 -32.72
CA LEU F 222 11.98 -19.61 -33.52
C LEU F 222 10.99 -18.97 -34.50
N ASN F 223 10.91 -19.55 -35.69
CA ASN F 223 9.93 -19.12 -36.69
C ASN F 223 8.64 -19.84 -36.40
N THR F 224 7.68 -19.13 -35.80
CA THR F 224 6.42 -19.71 -35.35
C THR F 224 5.27 -19.42 -36.30
N ASN F 225 5.54 -19.39 -37.61
CA ASN F 225 4.51 -19.00 -38.57
C ASN F 225 4.60 -19.82 -39.85
N ARG F 226 5.20 -20.99 -39.79
CA ARG F 226 5.29 -21.85 -40.96
C ARG F 226 4.02 -22.69 -41.02
N TYR F 227 3.05 -22.19 -41.77
CA TYR F 227 1.75 -22.86 -41.94
C TYR F 227 1.58 -23.32 -43.37
N ARG F 228 0.65 -24.25 -43.54
CA ARG F 228 0.47 -25.00 -44.78
C ARG F 228 -1.01 -24.97 -45.14
N LEU F 229 -1.32 -25.35 -46.37
CA LEU F 229 -2.71 -25.30 -46.82
C LEU F 229 -3.53 -26.44 -46.22
N GLY F 230 -3.01 -27.65 -46.25
CA GLY F 230 -3.80 -28.78 -45.82
C GLY F 230 -3.76 -29.07 -44.34
N SER F 231 -3.36 -28.13 -43.50
CA SER F 231 -3.16 -28.40 -42.10
C SER F 231 -3.44 -27.15 -41.29
N ILE F 232 -3.88 -27.35 -40.04
CA ILE F 232 -4.07 -26.26 -39.10
C ILE F 232 -2.88 -26.09 -38.17
N TYR F 233 -1.88 -26.96 -38.26
CA TYR F 233 -0.75 -26.95 -37.36
C TYR F 233 0.47 -26.31 -38.01
N ARG F 234 1.37 -25.81 -37.16
CA ARG F 234 2.67 -25.36 -37.62
C ARG F 234 3.42 -26.53 -38.22
N GLN F 235 4.15 -26.27 -39.30
CA GLN F 235 4.89 -27.33 -39.97
C GLN F 235 6.34 -27.41 -39.53
N SER F 236 6.80 -26.47 -38.73
CA SER F 236 8.15 -26.51 -38.19
C SER F 236 8.27 -25.39 -37.17
N LEU F 237 9.35 -25.45 -36.39
CA LEU F 237 9.74 -24.37 -35.48
C LEU F 237 11.21 -24.05 -35.75
N ASP F 238 11.47 -23.42 -36.90
CA ASP F 238 12.84 -23.19 -37.34
C ASP F 238 13.50 -22.15 -36.46
N GLU F 239 14.66 -22.50 -35.91
CA GLU F 239 15.38 -21.61 -35.02
C GLU F 239 16.23 -20.64 -35.83
N GLY F 240 16.07 -19.35 -35.56
CA GLY F 240 16.83 -18.32 -36.22
C GLY F 240 18.20 -18.14 -35.61
N VAL F 241 18.58 -16.88 -35.41
CA VAL F 241 19.85 -16.57 -34.77
C VAL F 241 19.61 -16.35 -33.29
N THR F 242 20.48 -16.92 -32.47
CA THR F 242 20.32 -16.85 -31.02
C THR F 242 20.81 -15.49 -30.50
N GLU F 243 19.92 -14.76 -29.85
CA GLU F 243 20.26 -13.49 -29.21
C GLU F 243 20.48 -13.75 -27.73
N VAL F 244 21.68 -13.50 -27.26
CA VAL F 244 22.03 -13.66 -25.85
C VAL F 244 22.28 -12.27 -25.29
N THR F 245 21.30 -11.76 -24.55
CA THR F 245 21.39 -10.48 -23.87
C THR F 245 21.33 -10.70 -22.37
N GLY F 246 21.43 -9.63 -21.60
CA GLY F 246 21.40 -9.75 -20.16
C GLY F 246 21.46 -8.40 -19.50
N THR F 247 21.54 -8.44 -18.17
CA THR F 247 21.56 -7.24 -17.36
C THR F 247 22.23 -7.58 -16.03
N PHE F 248 22.73 -6.56 -15.35
CA PHE F 248 23.10 -6.71 -13.96
C PHE F 248 23.07 -5.34 -13.29
N THR F 249 22.51 -5.30 -12.08
CA THR F 249 22.40 -4.08 -11.31
C THR F 249 23.59 -3.96 -10.38
N LEU F 250 24.18 -2.78 -10.33
CA LEU F 250 25.31 -2.52 -9.44
C LEU F 250 25.42 -1.03 -9.24
N ASP F 251 26.41 -0.63 -8.41
CA ASP F 251 26.56 0.77 -8.07
C ASP F 251 27.46 1.41 -9.11
N ALA F 252 27.47 2.74 -9.14
CA ALA F 252 28.33 3.50 -10.04
C ALA F 252 29.73 3.61 -9.45
N ALA F 253 30.73 3.41 -10.31
CA ALA F 253 32.14 3.52 -9.91
C ALA F 253 32.49 2.47 -8.85
N VAL F 254 32.13 1.23 -9.13
CA VAL F 254 32.37 0.14 -8.19
C VAL F 254 33.77 -0.40 -8.37
N LYS F 255 34.41 -0.76 -7.26
CA LYS F 255 35.65 -1.50 -7.29
C LYS F 255 35.36 -3.00 -7.35
N SER F 256 36.37 -3.76 -7.76
CA SER F 256 36.23 -5.21 -7.83
C SER F 256 36.42 -5.82 -6.45
N ILE F 257 35.62 -6.84 -6.15
CA ILE F 257 35.76 -7.56 -4.88
C ILE F 257 37.05 -8.35 -4.86
N SER F 258 37.36 -9.04 -5.95
CA SER F 258 38.57 -9.84 -6.04
C SER F 258 39.08 -9.79 -7.47
N GLY F 259 40.35 -10.16 -7.63
CA GLY F 259 40.98 -10.12 -8.92
C GLY F 259 41.66 -8.80 -9.17
N PRO F 260 42.04 -8.53 -10.42
CA PRO F 260 42.67 -7.25 -10.73
C PRO F 260 41.71 -6.09 -10.57
N ALA F 261 42.27 -4.89 -10.49
CA ALA F 261 41.46 -3.69 -10.44
C ALA F 261 40.77 -3.45 -11.78
N LEU F 262 39.58 -2.88 -11.71
CA LEU F 262 38.85 -2.55 -12.92
C LEU F 262 39.53 -1.40 -13.64
N ASN F 263 40.41 -1.71 -14.57
CA ASN F 263 41.19 -0.69 -15.27
C ASN F 263 41.45 -1.20 -16.68
N LEU F 264 40.98 -0.46 -17.68
CA LEU F 264 41.09 -0.89 -19.07
C LEU F 264 42.53 -0.91 -19.57
N THR F 265 43.51 -0.59 -18.74
CA THR F 265 44.92 -0.64 -19.12
C THR F 265 45.69 -1.71 -18.39
N GLY F 266 45.07 -2.43 -17.47
CA GLY F 266 45.76 -3.43 -16.68
C GLY F 266 46.52 -2.89 -15.50
N GLY F 267 46.45 -1.59 -15.24
CA GLY F 267 47.14 -1.01 -14.11
C GLY F 267 46.52 -1.42 -12.79
N THR F 268 47.11 -0.91 -11.72
CA THR F 268 46.63 -1.17 -10.37
C THR F 268 45.61 -0.15 -9.89
N ALA F 269 45.59 1.04 -10.49
CA ALA F 269 44.67 2.08 -10.05
C ALA F 269 43.25 1.76 -10.50
N HIS F 270 42.29 2.05 -9.63
CA HIS F 270 40.89 1.82 -9.95
C HIS F 270 40.37 2.88 -10.90
N ASP F 271 39.50 2.46 -11.80
CA ASP F 271 38.93 3.33 -12.82
C ASP F 271 37.48 3.62 -12.48
N PRO F 272 37.12 4.82 -12.02
CA PRO F 272 35.73 5.07 -11.61
C PRO F 272 34.75 5.14 -12.77
N ALA F 273 35.22 5.33 -14.01
CA ALA F 273 34.37 5.33 -15.18
C ALA F 273 34.58 4.07 -16.02
N PHE F 274 34.88 2.95 -15.37
CA PHE F 274 35.22 1.73 -16.09
C PHE F 274 34.08 1.30 -17.01
N LEU F 275 32.90 1.05 -16.44
CA LEU F 275 31.81 0.54 -17.26
C LEU F 275 31.29 1.60 -18.20
N GLU F 276 31.28 2.86 -17.78
CA GLU F 276 30.88 3.93 -18.66
C GLU F 276 31.81 4.03 -19.86
N LYS F 277 33.11 3.88 -19.64
CA LYS F 277 34.07 3.93 -20.74
C LYS F 277 33.98 2.69 -21.61
N VAL F 278 33.68 1.53 -21.02
CA VAL F 278 33.49 0.32 -21.80
C VAL F 278 32.31 0.49 -22.75
N ALA F 279 31.21 1.06 -22.25
CA ALA F 279 30.05 1.30 -23.09
C ALA F 279 30.29 2.41 -24.11
N LEU F 280 31.09 3.41 -23.76
CA LEU F 280 31.30 4.58 -24.61
C LEU F 280 32.34 4.35 -25.69
N TYR F 281 33.31 3.47 -25.47
CA TYR F 281 34.32 3.15 -26.47
C TYR F 281 33.99 1.88 -27.23
N GLY F 282 32.82 1.31 -27.03
CA GLY F 282 32.44 0.12 -27.77
C GLY F 282 33.41 -1.03 -27.60
N LYS F 283 33.93 -1.19 -26.38
CA LYS F 283 34.84 -2.29 -26.10
C LYS F 283 34.06 -3.57 -25.79
N TYR F 284 34.74 -4.69 -25.98
CA TYR F 284 34.17 -5.99 -25.68
C TYR F 284 34.73 -6.49 -24.35
N ALA F 285 33.84 -6.84 -23.44
CA ALA F 285 34.21 -7.42 -22.16
C ALA F 285 33.94 -8.91 -22.17
N ALA F 286 34.44 -9.59 -21.14
CA ALA F 286 34.23 -11.02 -20.96
C ALA F 286 33.55 -11.23 -19.62
N LEU F 287 32.29 -11.63 -19.64
CA LEU F 287 31.56 -11.91 -18.43
C LEU F 287 31.73 -13.37 -18.02
N LYS F 288 31.44 -13.63 -16.75
CA LYS F 288 31.41 -14.99 -16.24
C LYS F 288 30.44 -15.00 -15.07
N LEU F 289 29.29 -15.63 -15.25
CA LEU F 289 28.33 -15.83 -14.18
C LEU F 289 28.54 -17.24 -13.64
N GLU F 290 28.94 -17.33 -12.37
CA GLU F 290 29.35 -18.59 -11.78
C GLU F 290 28.63 -18.82 -10.46
N PHE F 291 28.11 -20.04 -10.29
CA PHE F 291 27.54 -20.50 -9.02
C PHE F 291 28.39 -21.66 -8.54
N ILE F 292 28.90 -21.57 -7.32
CA ILE F 292 29.73 -22.61 -6.73
C ILE F 292 29.07 -23.08 -5.45
N ASP F 293 28.99 -24.39 -5.27
CA ASP F 293 28.48 -25.00 -4.05
C ASP F 293 29.63 -25.74 -3.37
N PRO F 294 30.37 -25.10 -2.47
CA PRO F 294 31.53 -25.77 -1.88
C PRO F 294 31.16 -26.95 -0.99
N THR F 295 29.97 -26.91 -0.37
CA THR F 295 29.56 -28.00 0.49
C THR F 295 29.43 -29.31 -0.26
N ARG F 296 29.24 -29.25 -1.58
CA ARG F 296 29.02 -30.43 -2.41
C ARG F 296 30.17 -30.56 -3.38
N GLU F 297 30.72 -31.77 -3.50
CA GLU F 297 31.92 -32.02 -4.28
C GLU F 297 31.65 -33.14 -5.27
N VAL F 298 32.14 -32.99 -6.50
CA VAL F 298 31.95 -34.01 -7.52
C VAL F 298 33.12 -34.97 -7.55
N ALA F 299 34.33 -34.44 -7.38
CA ALA F 299 35.54 -35.25 -7.30
C ALA F 299 36.12 -35.12 -5.89
N GLU F 300 37.40 -35.44 -5.73
CA GLU F 300 38.03 -35.34 -4.42
C GLU F 300 37.94 -33.92 -3.87
N GLY F 301 38.21 -32.94 -4.71
CA GLY F 301 38.13 -31.54 -4.32
C GLY F 301 37.47 -30.63 -5.33
N VAL F 302 36.61 -31.16 -6.19
CA VAL F 302 35.94 -30.37 -7.22
C VAL F 302 34.52 -30.09 -6.75
N PRO F 303 34.12 -28.84 -6.56
CA PRO F 303 32.77 -28.55 -6.10
C PRO F 303 31.75 -28.52 -7.24
N CYS F 304 30.50 -28.79 -6.88
CA CYS F 304 29.41 -28.62 -7.83
C CYS F 304 29.35 -27.16 -8.25
N ARG F 305 29.10 -26.93 -9.53
CA ARG F 305 29.29 -25.59 -10.07
C ARG F 305 28.50 -25.43 -11.35
N LEU F 306 27.89 -24.25 -11.51
CA LEU F 306 27.23 -23.84 -12.74
C LEU F 306 27.88 -22.56 -13.22
N THR F 307 28.52 -22.60 -14.38
CA THR F 307 29.25 -21.47 -14.93
C THR F 307 28.69 -21.11 -16.29
N ILE F 308 28.59 -19.80 -16.55
CA ILE F 308 28.15 -19.29 -17.84
C ILE F 308 29.24 -18.36 -18.35
N HIS F 309 29.92 -18.77 -19.42
CA HIS F 309 30.98 -17.98 -20.01
C HIS F 309 30.43 -17.16 -21.17
N LEU F 310 30.69 -15.86 -21.15
CA LEU F 310 30.34 -14.94 -22.23
C LEU F 310 31.62 -14.22 -22.64
N PRO F 311 32.46 -14.84 -23.46
CA PRO F 311 33.79 -14.27 -23.72
C PRO F 311 33.78 -12.92 -24.42
N PHE F 312 32.70 -12.58 -25.13
CA PHE F 312 32.62 -11.31 -25.85
C PHE F 312 31.27 -10.69 -25.59
N VAL F 313 31.26 -9.53 -24.96
CA VAL F 313 30.03 -8.89 -24.52
C VAL F 313 30.17 -7.40 -24.74
N ARG F 314 29.10 -6.75 -25.17
CA ARG F 314 29.08 -5.31 -25.36
C ARG F 314 28.06 -4.68 -24.43
N LEU F 315 28.53 -3.82 -23.54
CA LEU F 315 27.67 -3.13 -22.60
C LEU F 315 27.01 -1.94 -23.26
N GLU F 316 25.86 -1.55 -22.72
CA GLU F 316 25.18 -0.33 -23.07
C GLU F 316 25.41 0.69 -21.97
N GLU F 317 25.06 1.95 -22.24
CA GLU F 317 25.30 3.00 -21.26
C GLU F 317 24.77 2.56 -19.90
N PRO F 318 25.63 2.36 -18.90
CA PRO F 318 25.23 1.63 -17.69
C PRO F 318 24.02 2.19 -16.95
N ASP F 319 23.50 3.36 -17.30
CA ASP F 319 22.30 3.90 -16.66
C ASP F 319 22.58 4.27 -15.20
N PHE F 320 23.61 5.07 -15.00
CA PHE F 320 23.97 5.53 -13.66
C PHE F 320 23.44 6.95 -13.46
N GLN F 321 22.11 7.04 -13.39
CA GLN F 321 21.43 8.31 -13.24
C GLN F 321 21.51 8.80 -11.81
N VAL F 322 21.67 10.11 -11.66
CA VAL F 322 21.66 10.75 -10.35
C VAL F 322 20.21 11.06 -10.02
N ARG F 323 19.56 10.16 -9.31
CA ARG F 323 18.14 10.28 -9.01
C ARG F 323 17.86 11.00 -7.70
N ASP F 324 18.81 11.00 -6.78
CA ASP F 324 18.61 11.53 -5.44
C ASP F 324 19.97 11.60 -4.76
N PRO F 325 20.09 12.11 -3.54
CA PRO F 325 21.41 12.27 -2.91
C PRO F 325 21.99 11.00 -2.31
N GLY F 326 21.40 9.84 -2.55
CA GLY F 326 21.91 8.58 -2.05
C GLY F 326 22.98 8.01 -2.94
N VAL F 327 23.12 6.68 -2.89
CA VAL F 327 24.11 5.98 -3.71
C VAL F 327 23.58 5.89 -5.14
N ILE F 328 24.46 6.17 -6.09
CA ILE F 328 24.11 6.08 -7.51
C ILE F 328 24.18 4.62 -7.93
N THR F 329 23.04 4.04 -8.27
CA THR F 329 22.94 2.65 -8.69
C THR F 329 22.27 2.61 -10.06
N GLY F 330 22.51 1.53 -10.79
CA GLY F 330 21.90 1.39 -12.09
C GLY F 330 22.08 0.00 -12.62
N SER F 331 21.48 -0.25 -13.77
CA SER F 331 21.53 -1.55 -14.44
C SER F 331 22.31 -1.42 -15.73
N ALA F 332 23.24 -2.36 -15.95
CA ALA F 332 24.08 -2.38 -17.14
C ALA F 332 23.61 -3.53 -18.03
N ARG F 333 22.93 -3.18 -19.12
CA ARG F 333 22.53 -4.16 -20.10
C ARG F 333 23.70 -4.50 -21.02
N PHE F 334 23.62 -5.68 -21.63
CA PHE F 334 24.68 -6.12 -22.53
C PHE F 334 24.13 -7.10 -23.54
N ASN F 335 24.89 -7.31 -24.61
CA ASN F 335 24.61 -8.31 -25.62
C ASN F 335 25.85 -9.16 -25.82
N ALA F 336 25.68 -10.48 -25.76
CA ALA F 336 26.78 -11.41 -25.97
C ALA F 336 26.94 -11.60 -27.47
N TYR F 337 28.18 -11.87 -27.92
CA TYR F 337 28.46 -11.77 -29.34
C TYR F 337 28.89 -13.09 -29.94
N GLU F 338 30.10 -13.54 -29.66
CA GLU F 338 30.68 -14.65 -30.40
C GLU F 338 30.12 -16.01 -30.01
N THR F 339 30.28 -16.40 -28.75
CA THR F 339 29.85 -17.71 -28.29
C THR F 339 29.29 -17.58 -26.89
N ILE F 340 28.51 -18.58 -26.50
CA ILE F 340 28.05 -18.75 -25.12
C ILE F 340 28.35 -20.18 -24.73
N SER F 341 28.86 -20.38 -23.52
CA SER F 341 29.22 -21.70 -23.03
C SER F 341 28.76 -21.83 -21.59
N VAL F 342 27.93 -22.83 -21.32
CA VAL F 342 27.46 -23.13 -19.97
C VAL F 342 28.09 -24.46 -19.55
N THR F 343 28.80 -24.43 -18.43
CA THR F 343 29.37 -25.63 -17.83
C THR F 343 28.58 -25.97 -16.58
N HIS F 344 28.24 -27.25 -16.42
CA HIS F 344 27.51 -27.72 -15.26
C HIS F 344 28.25 -28.89 -14.65
N VAL F 345 28.79 -28.68 -13.45
CA VAL F 345 29.45 -29.71 -12.66
C VAL F 345 28.51 -30.03 -11.51
N ALA F 346 28.01 -31.27 -11.47
CA ALA F 346 27.01 -31.62 -10.49
C ALA F 346 27.03 -33.12 -10.25
N LYS F 347 26.67 -33.53 -9.04
CA LYS F 347 26.51 -34.93 -8.70
C LYS F 347 25.05 -35.22 -8.41
N PHE F 348 24.56 -36.33 -8.96
CA PHE F 348 23.17 -36.70 -8.81
C PHE F 348 23.02 -37.97 -7.99
#